data_5DSE
#
_entry.id   5DSE
#
_cell.length_a   71.779
_cell.length_b   168.068
_cell.length_c   239.671
_cell.angle_alpha   90.00
_cell.angle_beta   90.00
_cell.angle_gamma   90.00
#
_symmetry.space_group_name_H-M   'P 21 21 21'
#
loop_
_entity.id
_entity.type
_entity.pdbx_description
1 polymer 'Tetratricopeptide repeat protein 7B'
2 polymer Hyccin
3 water water
#
loop_
_entity_poly.entity_id
_entity_poly.type
_entity_poly.pdbx_seq_one_letter_code
_entity_poly.pdbx_strand_id
1 'polypeptide(L)'
;GSRLETEIERCRSECQWERIPELVKQLSAKLIANDDMAELLLGESKLEQYLKEHPLRQGASPRGPKPQLTEVRKHLTAAL
DRGNLKSEFLQESNLIMAKLNYVEGDYKEALNIYARVGLDDLPLTAVPPYRLRVIAEAYATKGLCLEKLPISSSTSNLHV
DREQDVITCYEKAGDIALLYLQEIERVILSNIQNRSPKPGPAPHDQELGFFLETGLQRAHVLYFKNGNLTRGVGRFRELL
RAVETRTTQNLRMTIARQLAEILLRGMCEQSYWNPLEDPPCQSPLDDPLRKGANTKTYTLTRRARVYSGENIFCPQENTE
EALLLLLISESMANRDAVLSRIPEHKSDRLISLQSASVVYDLLTIALGRRGQYEMLSECLERAMKFAFEEFHLWYQFALS
LMAAGKSARAVKVLKECIRLKPDDATIPLLAAKLCMGSLHWLEEAEKFAKTVVDVGEKTSEFKAKGYLALGLTYSLQATD
ASLRGMQEVLQRKALLAFQRAHSLSPTDHQAAFYLALQLAISRQIPEALGYVRQALQLQGDDANSLHLLALLLSAQKHYH
DALNIIDMALSEYPENFILLFSKVKLQSLCRGPDEALLTCKHMLQIWKSCYNLTNPSDSGRGSSLLDRTIADRRQLNTIT
LPDFSDPETGSVHATSVAASRVEQALSEVASSLQSSAPKQGPLHPWMTLAQIWLHAAEVYIGIGKPAEATACTQEAANLF
PMSHNVLYMRGQIAELRGSMDEARRWYEEALAISPTHVKSMQRLALILHQLGRYSLAEKILRDAVQVNSTAHEVWNGLGE
VLQAQGNDAAATECFLTALELEASSPAVPFTIIPRVL
;
A,C
2 'polypeptide(L)'
;GPLGSFTSEKGVVEEWLSEFKTLPETSLPNYATNLKDKSSLVSSLYKVIQEPQSELLEPVCHQLFEFYRSGEEQLLQFTL
QFLPELIWCYLAVSASRNVHSSGCIEALLLGVYNLEIVDKQGHTKVLSFTIPSLSKPSVYHEPSSIGSMALTESALSQHG
LSKVVYSGPHPQREMLTAQNRFEVLTFLLLCYNAALTYMPSVSLQSLCQICSRICVCGYPRQHVRKYKGISSRIPVSSGF
MVQMLTGIYFAFYNGEWDLAQKALDDIIYRAQLELYPEPLLVANAIKASLPHGPMKSNKEGTRCIQVEITPT
;
B,D
#
# COMPACT_ATOMS: atom_id res chain seq x y z
N VAL A 134 -55.87 9.83 14.82
CA VAL A 134 -56.72 10.48 15.81
C VAL A 134 -56.88 9.62 17.06
N ILE A 135 -57.15 8.34 16.85
CA ILE A 135 -57.37 7.40 17.95
C ILE A 135 -56.09 7.18 18.75
N ALA A 136 -54.96 7.13 18.06
CA ALA A 136 -53.66 6.95 18.69
C ALA A 136 -53.36 8.10 19.66
N GLU A 137 -53.48 9.32 19.15
CA GLU A 137 -53.25 10.51 19.96
C GLU A 137 -54.29 10.64 21.06
N ALA A 138 -55.45 10.00 20.85
CA ALA A 138 -56.51 10.01 21.84
C ALA A 138 -56.15 9.12 23.03
N TYR A 139 -55.70 7.90 22.74
CA TYR A 139 -55.24 6.99 23.79
C TYR A 139 -54.00 7.55 24.49
N ALA A 140 -53.14 8.19 23.72
CA ALA A 140 -51.95 8.84 24.28
C ALA A 140 -52.37 9.95 25.25
N THR A 141 -53.34 10.76 24.82
CA THR A 141 -53.84 11.86 25.64
C THR A 141 -54.49 11.33 26.92
N LYS A 142 -55.20 10.21 26.79
CA LYS A 142 -55.79 9.55 27.95
C LYS A 142 -54.70 9.12 28.92
N GLY A 143 -53.62 8.57 28.37
CA GLY A 143 -52.48 8.18 29.17
C GLY A 143 -51.86 9.37 29.90
N LEU A 144 -51.83 10.51 29.22
CA LEU A 144 -51.31 11.74 29.80
C LEU A 144 -52.17 12.24 30.95
N CYS A 145 -53.48 12.27 30.73
CA CYS A 145 -54.42 12.75 31.74
C CYS A 145 -54.51 11.81 32.93
N LEU A 146 -54.22 10.53 32.69
CA LEU A 146 -54.20 9.54 33.77
C LEU A 146 -52.94 9.69 34.62
N GLU A 147 -51.93 10.37 34.07
CA GLU A 147 -50.71 10.67 34.81
C GLU A 147 -50.91 11.88 35.70
N ASP A 165 -51.47 0.95 34.06
CA ASP A 165 -52.58 1.76 33.56
C ASP A 165 -52.13 2.71 32.47
N VAL A 166 -51.15 3.54 32.79
CA VAL A 166 -50.62 4.53 31.85
C VAL A 166 -49.87 3.87 30.70
N ILE A 167 -49.00 2.93 31.04
CA ILE A 167 -48.17 2.24 30.06
C ILE A 167 -49.03 1.48 29.05
N THR A 168 -50.23 1.09 29.47
CA THR A 168 -51.17 0.42 28.59
C THR A 168 -51.66 1.39 27.51
N CYS A 169 -52.08 2.58 27.93
CA CYS A 169 -52.50 3.63 27.02
C CYS A 169 -51.39 4.01 26.05
N TYR A 170 -50.17 4.10 26.58
CA TYR A 170 -49.01 4.41 25.74
C TYR A 170 -48.75 3.30 24.73
N GLU A 171 -48.96 2.06 25.15
CA GLU A 171 -48.81 0.90 24.27
C GLU A 171 -49.79 0.97 23.11
N LYS A 172 -51.08 1.10 23.44
CA LYS A 172 -52.12 1.19 22.43
C LYS A 172 -51.86 2.35 21.47
N ALA A 173 -51.55 3.50 22.04
CA ALA A 173 -51.23 4.70 21.27
C ALA A 173 -50.10 4.43 20.29
N GLY A 174 -49.08 3.71 20.76
CA GLY A 174 -47.95 3.35 19.93
C GLY A 174 -48.33 2.45 18.77
N ASP A 175 -49.06 1.39 19.07
CA ASP A 175 -49.50 0.44 18.05
C ASP A 175 -50.32 1.13 16.96
N ILE A 176 -51.33 1.87 17.40
CA ILE A 176 -52.20 2.59 16.47
C ILE A 176 -51.41 3.64 15.70
N ALA A 177 -50.37 4.20 16.33
CA ALA A 177 -49.51 5.18 15.66
C ALA A 177 -48.74 4.54 14.51
N LEU A 178 -48.18 3.36 14.78
CA LEU A 178 -47.45 2.62 13.75
C LEU A 178 -48.38 2.25 12.59
N LEU A 179 -49.54 1.71 12.93
CA LEU A 179 -50.53 1.33 11.93
C LEU A 179 -50.92 2.54 11.09
N TYR A 180 -51.03 3.68 11.74
CA TYR A 180 -51.39 4.94 11.09
C TYR A 180 -50.31 5.43 10.13
N LEU A 181 -49.05 5.27 10.55
CA LEU A 181 -47.93 5.70 9.73
C LEU A 181 -47.78 4.83 8.49
N GLN A 182 -47.89 3.52 8.68
CA GLN A 182 -47.88 2.58 7.56
C GLN A 182 -49.02 2.89 6.61
N GLU A 183 -50.21 3.09 7.17
CA GLU A 183 -51.41 3.41 6.39
C GLU A 183 -51.22 4.68 5.59
N ILE A 184 -50.49 5.64 6.16
CA ILE A 184 -50.15 6.86 5.44
C ILE A 184 -49.24 6.53 4.25
N GLU A 185 -48.19 5.76 4.52
CA GLU A 185 -47.22 5.43 3.48
C GLU A 185 -47.86 4.67 2.30
N ARG A 186 -48.88 3.87 2.59
CA ARG A 186 -49.59 3.16 1.53
C ARG A 186 -50.28 4.14 0.59
N VAL A 187 -51.13 5.00 1.14
CA VAL A 187 -51.87 5.98 0.36
C VAL A 187 -50.96 7.11 -0.11
N LEU A 208 -43.22 16.86 13.16
CA LEU A 208 -43.92 15.59 13.30
C LEU A 208 -44.47 15.41 14.71
N GLY A 209 -45.50 14.56 14.82
CA GLY A 209 -46.30 14.42 16.03
C GLY A 209 -45.60 14.40 17.38
N PHE A 210 -45.95 15.37 18.22
CA PHE A 210 -45.50 15.42 19.61
C PHE A 210 -46.24 14.34 20.41
N PHE A 211 -47.56 14.34 20.28
CA PHE A 211 -48.42 13.35 20.91
C PHE A 211 -48.04 11.96 20.43
N LEU A 212 -47.68 11.87 19.15
CA LEU A 212 -47.27 10.63 18.53
C LEU A 212 -45.93 10.15 19.10
N GLU A 213 -45.00 11.07 19.29
CA GLU A 213 -43.69 10.75 19.87
C GLU A 213 -43.84 10.24 21.29
N THR A 214 -44.54 11.01 22.13
CA THR A 214 -44.74 10.61 23.53
C THR A 214 -45.49 9.29 23.62
N GLY A 215 -46.50 9.12 22.80
CA GLY A 215 -47.28 7.89 22.76
C GLY A 215 -46.46 6.67 22.37
N LEU A 216 -45.64 6.85 21.33
CA LEU A 216 -44.78 5.76 20.85
C LEU A 216 -43.71 5.38 21.87
N GLN A 217 -43.08 6.38 22.46
CA GLN A 217 -41.85 6.16 23.22
C GLN A 217 -42.06 5.93 24.72
N ARG A 218 -42.96 6.68 25.34
CA ARG A 218 -43.03 6.69 26.81
C ARG A 218 -43.67 5.43 27.42
N ALA A 219 -43.81 4.38 26.62
CA ALA A 219 -44.30 3.11 27.14
C ALA A 219 -43.16 2.33 27.80
N HIS A 220 -42.17 1.96 26.98
CA HIS A 220 -41.01 1.22 27.44
C HIS A 220 -40.20 2.03 28.46
N VAL A 221 -40.30 3.35 28.37
CA VAL A 221 -39.63 4.23 29.33
C VAL A 221 -40.14 3.96 30.75
N LEU A 222 -41.46 4.02 30.91
CA LEU A 222 -42.08 3.75 32.20
C LEU A 222 -41.97 2.28 32.56
N TYR A 223 -41.84 1.43 31.54
CA TYR A 223 -41.62 0.00 31.78
C TYR A 223 -40.28 -0.26 32.46
N PHE A 224 -39.23 0.42 31.99
CA PHE A 224 -37.91 0.26 32.57
C PHE A 224 -37.80 1.03 33.88
N LYS A 225 -38.48 2.18 33.96
CA LYS A 225 -38.55 2.93 35.21
C LYS A 225 -39.19 2.07 36.30
N ASN A 226 -40.18 1.28 35.91
CA ASN A 226 -40.86 0.36 36.81
C ASN A 226 -39.90 -0.68 37.40
N GLY A 227 -38.86 -1.00 36.65
CA GLY A 227 -37.90 -2.01 37.07
C GLY A 227 -38.19 -3.33 36.39
N ASN A 228 -39.15 -3.31 35.47
CA ASN A 228 -39.54 -4.51 34.73
C ASN A 228 -38.85 -4.56 33.37
N LEU A 229 -37.91 -5.48 33.21
CA LEU A 229 -37.11 -5.59 32.01
C LEU A 229 -37.85 -6.31 30.87
N THR A 230 -38.55 -7.38 31.25
CA THR A 230 -39.25 -8.23 30.28
C THR A 230 -40.23 -7.44 29.41
N ARG A 231 -41.05 -6.61 30.05
CA ARG A 231 -42.03 -5.80 29.33
C ARG A 231 -41.34 -4.83 28.38
N GLY A 232 -40.23 -4.25 28.82
CA GLY A 232 -39.47 -3.32 27.99
C GLY A 232 -38.92 -4.00 26.75
N VAL A 233 -38.30 -5.16 26.95
CA VAL A 233 -37.78 -5.95 25.84
C VAL A 233 -38.91 -6.31 24.87
N GLY A 234 -40.05 -6.69 25.43
CA GLY A 234 -41.22 -7.00 24.64
C GLY A 234 -41.66 -5.83 23.78
N ARG A 235 -41.67 -4.63 24.37
CA ARG A 235 -42.06 -3.42 23.66
C ARG A 235 -41.09 -3.11 22.52
N PHE A 236 -39.80 -3.18 22.83
CA PHE A 236 -38.75 -2.98 21.83
C PHE A 236 -38.95 -3.93 20.64
N ARG A 237 -39.18 -5.20 20.94
CA ARG A 237 -39.39 -6.21 19.91
C ARG A 237 -40.66 -5.95 19.12
N GLU A 238 -41.69 -5.44 19.79
CA GLU A 238 -42.94 -5.09 19.12
C GLU A 238 -42.73 -3.98 18.10
N LEU A 239 -42.02 -2.94 18.52
CA LEU A 239 -41.77 -1.80 17.64
C LEU A 239 -40.81 -2.17 16.50
N LEU A 240 -39.92 -3.12 16.77
CA LEU A 240 -38.94 -3.53 15.77
C LEU A 240 -39.53 -4.52 14.75
N ARG A 241 -40.52 -5.28 15.17
CA ARG A 241 -41.17 -6.23 14.27
C ARG A 241 -42.07 -5.53 13.26
N ALA A 242 -42.45 -4.29 13.57
CA ALA A 242 -43.29 -3.51 12.66
C ALA A 242 -42.55 -3.22 11.36
N VAL A 243 -43.28 -3.31 10.25
CA VAL A 243 -42.71 -3.07 8.92
C VAL A 243 -42.14 -1.66 8.83
N GLU A 244 -40.95 -1.54 8.26
CA GLU A 244 -40.22 -0.28 8.23
C GLU A 244 -40.93 0.82 7.47
N THR A 245 -41.11 1.96 8.14
CA THR A 245 -41.64 3.17 7.51
C THR A 245 -40.52 4.20 7.47
N ARG A 246 -40.52 5.06 6.45
CA ARG A 246 -39.45 6.05 6.26
C ARG A 246 -39.38 7.08 7.40
N THR A 247 -40.33 7.03 8.33
CA THR A 247 -40.33 7.93 9.47
C THR A 247 -39.87 7.20 10.73
N THR A 248 -40.23 5.92 10.84
CA THR A 248 -39.89 5.13 12.01
C THR A 248 -38.48 4.55 11.95
N GLN A 249 -37.71 4.94 10.94
CA GLN A 249 -36.38 4.37 10.72
C GLN A 249 -35.40 4.76 11.82
N ASN A 250 -35.40 6.04 12.19
CA ASN A 250 -34.49 6.55 13.21
C ASN A 250 -34.84 6.00 14.59
N LEU A 251 -36.15 6.02 14.89
CA LEU A 251 -36.67 5.43 16.10
C LEU A 251 -36.24 3.97 16.21
N ARG A 252 -36.43 3.23 15.13
CA ARG A 252 -36.03 1.83 15.08
C ARG A 252 -34.52 1.67 15.24
N MET A 253 -33.76 2.67 14.81
CA MET A 253 -32.31 2.64 14.96
C MET A 253 -31.90 2.75 16.43
N THR A 254 -32.33 3.82 17.08
CA THR A 254 -32.03 4.04 18.50
C THR A 254 -32.53 2.88 19.35
N ILE A 255 -33.75 2.42 19.04
CA ILE A 255 -34.36 1.31 19.75
C ILE A 255 -33.56 0.03 19.59
N ALA A 256 -33.16 -0.29 18.36
CA ALA A 256 -32.38 -1.49 18.09
C ALA A 256 -31.05 -1.44 18.82
N ARG A 257 -30.42 -0.26 18.83
CA ARG A 257 -29.16 -0.08 19.54
C ARG A 257 -29.34 -0.34 21.04
N GLN A 258 -30.33 0.31 21.64
CA GLN A 258 -30.58 0.17 23.07
C GLN A 258 -30.91 -1.26 23.46
N LEU A 259 -31.75 -1.91 22.67
CA LEU A 259 -32.14 -3.30 22.94
C LEU A 259 -30.94 -4.23 22.79
N ALA A 260 -30.08 -3.94 21.84
CA ALA A 260 -28.86 -4.73 21.67
C ALA A 260 -27.98 -4.58 22.91
N GLU A 261 -27.85 -3.34 23.40
CA GLU A 261 -27.13 -3.06 24.63
C GLU A 261 -27.68 -3.92 25.76
N ILE A 262 -28.98 -3.80 26.01
CA ILE A 262 -29.66 -4.56 27.05
C ILE A 262 -29.42 -6.06 26.90
N LEU A 263 -29.44 -6.55 25.67
CA LEU A 263 -29.19 -7.97 25.39
C LEU A 263 -27.79 -8.38 25.83
N LEU A 264 -26.79 -7.60 25.43
CA LEU A 264 -25.40 -7.94 25.71
C LEU A 264 -25.04 -7.82 27.19
N ARG A 265 -25.46 -6.73 27.83
CA ARG A 265 -25.02 -6.43 29.20
C ARG A 265 -25.95 -6.95 30.29
N GLY A 266 -27.24 -7.04 30.00
CA GLY A 266 -28.22 -7.37 31.02
C GLY A 266 -28.86 -8.74 30.92
N MET A 267 -28.50 -9.49 29.88
CA MET A 267 -29.07 -10.81 29.68
C MET A 267 -28.00 -11.86 29.40
N CYS A 268 -28.27 -13.11 29.79
CA CYS A 268 -27.36 -14.20 29.51
C CYS A 268 -28.00 -15.20 28.56
N GLU A 269 -27.44 -16.41 28.49
CA GLU A 269 -27.93 -17.43 27.58
C GLU A 269 -29.16 -18.15 28.13
N GLN A 270 -29.11 -18.52 29.41
CA GLN A 270 -30.17 -19.31 30.02
C GLN A 270 -31.46 -18.50 30.23
N SER A 271 -31.36 -17.18 30.14
CA SER A 271 -32.50 -16.31 30.37
C SER A 271 -33.16 -15.88 29.07
N TYR A 272 -32.44 -16.02 27.96
CA TYR A 272 -32.91 -15.57 26.65
C TYR A 272 -34.12 -16.36 26.15
N TRP A 273 -34.99 -15.68 25.42
CA TRP A 273 -36.12 -16.31 24.75
C TRP A 273 -36.37 -15.62 23.42
N ASN A 274 -36.84 -16.38 22.43
CA ASN A 274 -37.12 -15.84 21.11
C ASN A 274 -38.13 -14.70 21.15
N PRO A 275 -37.92 -13.66 20.31
CA PRO A 275 -38.85 -12.55 20.20
C PRO A 275 -40.26 -13.00 19.83
N LEU A 276 -40.37 -14.14 19.15
CA LEU A 276 -41.65 -14.75 18.83
C LEU A 276 -42.19 -15.52 20.03
N GLU A 277 -41.27 -16.07 20.82
CA GLU A 277 -41.62 -16.90 21.97
C GLU A 277 -42.10 -16.09 23.16
N ASP A 278 -43.11 -16.61 23.86
CA ASP A 278 -43.61 -15.98 25.07
C ASP A 278 -42.62 -16.16 26.21
N PRO A 279 -42.38 -15.08 26.98
CA PRO A 279 -41.48 -15.11 28.14
C PRO A 279 -42.07 -15.88 29.32
N PHE A 313 -35.86 -14.28 9.61
CA PHE A 313 -34.94 -14.93 10.54
C PHE A 313 -35.21 -14.50 11.98
N CYS A 314 -35.49 -15.47 12.84
CA CYS A 314 -35.70 -15.22 14.25
C CYS A 314 -34.54 -15.78 15.07
N PRO A 315 -33.69 -14.90 15.61
CA PRO A 315 -32.52 -15.30 16.40
C PRO A 315 -32.89 -16.14 17.62
N GLN A 316 -32.40 -17.38 17.67
CA GLN A 316 -32.69 -18.27 18.79
C GLN A 316 -31.76 -18.02 19.98
N GLU A 317 -30.73 -17.21 19.77
CA GLU A 317 -29.76 -16.94 20.83
C GLU A 317 -29.59 -15.45 21.08
N ASN A 318 -29.01 -15.13 22.23
CA ASN A 318 -28.82 -13.75 22.68
C ASN A 318 -27.89 -12.96 21.78
N THR A 319 -26.67 -13.46 21.65
CA THR A 319 -25.64 -12.84 20.83
C THR A 319 -26.11 -12.66 19.38
N GLU A 320 -26.93 -13.59 18.91
CA GLU A 320 -27.49 -13.52 17.57
C GLU A 320 -28.35 -12.27 17.38
N GLU A 321 -29.35 -12.12 18.24
CA GLU A 321 -30.27 -10.98 18.15
C GLU A 321 -29.52 -9.67 18.37
N ALA A 322 -28.60 -9.67 19.33
CA ALA A 322 -27.78 -8.49 19.59
C ALA A 322 -27.02 -8.07 18.32
N LEU A 323 -26.34 -9.04 17.71
CA LEU A 323 -25.60 -8.82 16.47
C LEU A 323 -26.51 -8.27 15.37
N LEU A 324 -27.68 -8.87 15.23
CA LEU A 324 -28.66 -8.42 14.24
C LEU A 324 -29.00 -6.95 14.43
N LEU A 325 -29.43 -6.59 15.64
CA LEU A 325 -29.80 -5.23 15.96
C LEU A 325 -28.65 -4.25 15.70
N LEU A 326 -27.44 -4.67 16.07
CA LEU A 326 -26.26 -3.83 15.84
C LEU A 326 -26.01 -3.58 14.36
N LEU A 327 -26.14 -4.64 13.56
CA LEU A 327 -25.94 -4.52 12.12
C LEU A 327 -26.98 -3.62 11.48
N ILE A 328 -28.24 -3.80 11.85
CA ILE A 328 -29.32 -2.96 11.35
C ILE A 328 -29.06 -1.50 11.73
N SER A 329 -28.63 -1.29 12.96
CA SER A 329 -28.31 0.05 13.45
C SER A 329 -27.21 0.70 12.62
N GLU A 330 -26.14 -0.05 12.38
CA GLU A 330 -25.03 0.46 11.57
C GLU A 330 -25.48 0.78 10.15
N SER A 331 -26.35 -0.07 9.60
CA SER A 331 -26.85 0.13 8.24
C SER A 331 -27.68 1.40 8.12
N MET A 332 -28.60 1.59 9.05
CA MET A 332 -29.43 2.80 9.04
C MET A 332 -28.61 4.03 9.45
N ALA A 333 -27.46 3.79 10.07
CA ALA A 333 -26.55 4.88 10.44
C ALA A 333 -25.80 5.41 9.21
N ASN A 334 -25.67 4.55 8.20
CA ASN A 334 -25.02 4.95 6.95
C ASN A 334 -25.78 6.11 6.31
N ARG A 335 -25.01 7.09 5.83
CA ARG A 335 -25.55 8.36 5.28
C ARG A 335 -26.20 9.20 6.38
N SER A 357 -20.57 5.67 17.09
CA SER A 357 -19.33 4.97 17.42
C SER A 357 -19.55 3.95 18.52
N VAL A 358 -20.73 3.98 19.13
CA VAL A 358 -21.07 3.06 20.21
C VAL A 358 -21.39 1.68 19.66
N VAL A 359 -22.10 1.65 18.53
CA VAL A 359 -22.51 0.40 17.91
C VAL A 359 -21.30 -0.47 17.54
N TYR A 360 -20.22 0.17 17.13
CA TYR A 360 -19.00 -0.55 16.77
C TYR A 360 -18.31 -1.11 18.01
N ASP A 361 -18.40 -0.40 19.13
CA ASP A 361 -17.89 -0.91 20.39
C ASP A 361 -18.67 -2.14 20.80
N LEU A 362 -19.98 -2.06 20.66
CA LEU A 362 -20.85 -3.19 20.98
C LEU A 362 -20.56 -4.39 20.06
N LEU A 363 -20.26 -4.10 18.80
CA LEU A 363 -19.87 -5.15 17.86
C LEU A 363 -18.57 -5.81 18.29
N THR A 364 -17.60 -5.00 18.72
CA THR A 364 -16.33 -5.54 19.20
C THR A 364 -16.54 -6.40 20.43
N ILE A 365 -17.53 -6.03 21.24
CA ILE A 365 -17.86 -6.83 22.44
C ILE A 365 -18.47 -8.18 22.05
N ALA A 366 -19.54 -8.12 21.26
CA ALA A 366 -20.31 -9.30 20.87
C ALA A 366 -19.49 -10.30 20.05
N LEU A 367 -18.67 -9.79 19.15
CA LEU A 367 -17.80 -10.65 18.34
C LEU A 367 -16.54 -11.02 19.12
N GLY A 368 -16.19 -10.20 20.11
CA GLY A 368 -15.03 -10.45 20.93
C GLY A 368 -15.22 -11.63 21.85
N ARG A 369 -16.37 -11.69 22.52
CA ARG A 369 -16.67 -12.80 23.42
C ARG A 369 -16.85 -14.11 22.66
N ARG A 370 -17.10 -14.00 21.36
CA ARG A 370 -17.36 -15.18 20.54
C ARG A 370 -16.20 -15.51 19.61
N GLY A 371 -15.12 -14.74 19.71
CA GLY A 371 -13.91 -15.01 18.96
C GLY A 371 -14.01 -14.83 17.45
N GLN A 372 -15.00 -14.04 17.02
CA GLN A 372 -15.17 -13.75 15.59
C GLN A 372 -14.46 -12.46 15.22
N TYR A 373 -13.13 -12.53 15.17
CA TYR A 373 -12.31 -11.34 15.01
C TYR A 373 -12.13 -10.89 13.56
N GLU A 374 -12.33 -11.82 12.62
CA GLU A 374 -12.20 -11.48 11.20
C GLU A 374 -13.35 -10.59 10.75
N MET A 375 -14.57 -11.07 11.03
CA MET A 375 -15.78 -10.29 10.77
C MET A 375 -15.70 -8.95 11.49
N LEU A 376 -15.13 -8.97 12.70
CA LEU A 376 -14.94 -7.76 13.47
C LEU A 376 -14.01 -6.80 12.77
N SER A 377 -12.94 -7.32 12.20
CA SER A 377 -11.98 -6.52 11.46
C SER A 377 -12.66 -5.90 10.24
N GLU A 378 -13.56 -6.65 9.62
CA GLU A 378 -14.32 -6.14 8.48
C GLU A 378 -15.26 -5.01 8.90
N CYS A 379 -15.93 -5.18 10.03
CA CYS A 379 -16.85 -4.17 10.55
C CYS A 379 -16.13 -2.88 10.91
N LEU A 380 -15.03 -3.01 11.66
CA LEU A 380 -14.23 -1.87 12.04
C LEU A 380 -13.60 -1.22 10.80
N GLU A 381 -13.37 -2.02 9.77
CA GLU A 381 -12.88 -1.49 8.50
C GLU A 381 -13.96 -0.65 7.83
N ARG A 382 -15.22 -1.08 7.98
CA ARG A 382 -16.35 -0.31 7.52
C ARG A 382 -16.52 0.96 8.35
N ALA A 383 -15.96 0.94 9.56
CA ALA A 383 -16.05 2.09 10.46
C ALA A 383 -14.97 3.14 10.19
N MET A 384 -13.89 2.74 9.53
CA MET A 384 -12.73 3.61 9.32
C MET A 384 -13.03 4.81 8.43
N LYS A 385 -14.03 4.67 7.56
CA LYS A 385 -14.33 5.67 6.54
C LYS A 385 -14.79 7.01 7.14
N PHE A 386 -15.79 6.96 8.02
CA PHE A 386 -16.34 8.16 8.62
C PHE A 386 -15.33 8.85 9.55
N ALA A 387 -14.46 8.06 10.15
CA ALA A 387 -13.59 8.55 11.22
C ALA A 387 -12.39 9.35 10.71
N PHE A 388 -12.04 10.37 11.47
CA PHE A 388 -10.76 11.05 11.31
C PHE A 388 -9.67 10.17 11.91
N GLU A 389 -8.45 10.67 11.97
CA GLU A 389 -7.38 9.91 12.63
C GLU A 389 -7.50 10.03 14.14
N GLU A 390 -8.47 9.30 14.70
CA GLU A 390 -8.66 9.24 16.15
C GLU A 390 -8.11 7.92 16.68
N PHE A 391 -7.76 7.90 17.97
CA PHE A 391 -7.00 6.79 18.53
C PHE A 391 -7.81 5.50 18.70
N HIS A 392 -8.97 5.60 19.34
CA HIS A 392 -9.72 4.42 19.76
C HIS A 392 -10.08 3.47 18.63
N LEU A 393 -10.73 3.99 17.59
CA LEU A 393 -11.19 3.15 16.49
C LEU A 393 -10.04 2.50 15.73
N TRP A 394 -8.95 3.24 15.56
CA TRP A 394 -7.79 2.72 14.84
C TRP A 394 -7.06 1.65 15.63
N TYR A 395 -6.92 1.87 16.94
CA TYR A 395 -6.27 0.91 17.82
C TYR A 395 -7.12 -0.36 17.91
N GLN A 396 -8.43 -0.17 18.01
CA GLN A 396 -9.37 -1.28 18.06
C GLN A 396 -9.31 -2.09 16.78
N PHE A 397 -9.23 -1.38 15.65
CA PHE A 397 -9.10 -2.02 14.35
C PHE A 397 -7.80 -2.83 14.26
N ALA A 398 -6.72 -2.25 14.76
CA ALA A 398 -5.42 -2.93 14.78
C ALA A 398 -5.49 -4.21 15.60
N LEU A 399 -6.02 -4.10 16.81
CA LEU A 399 -6.15 -5.25 17.70
C LEU A 399 -7.02 -6.34 17.09
N SER A 400 -8.14 -5.94 16.48
CA SER A 400 -9.03 -6.89 15.82
C SER A 400 -8.29 -7.59 14.68
N LEU A 401 -7.47 -6.83 13.97
CA LEU A 401 -6.65 -7.39 12.89
C LEU A 401 -5.68 -8.43 13.43
N MET A 402 -5.03 -8.10 14.54
CA MET A 402 -4.06 -8.98 15.16
C MET A 402 -4.72 -10.27 15.64
N ALA A 403 -5.91 -10.13 16.20
CA ALA A 403 -6.66 -11.28 16.71
C ALA A 403 -7.15 -12.15 15.55
N ALA A 404 -7.45 -11.51 14.43
CA ALA A 404 -7.99 -12.21 13.26
C ALA A 404 -6.91 -13.01 12.53
N GLY A 405 -5.66 -12.65 12.74
CA GLY A 405 -4.54 -13.36 12.12
C GLY A 405 -3.92 -12.61 10.96
N LYS A 406 -4.45 -11.43 10.65
CA LYS A 406 -3.89 -10.60 9.59
C LYS A 406 -2.73 -9.77 10.16
N SER A 407 -1.54 -10.36 10.17
CA SER A 407 -0.38 -9.78 10.85
C SER A 407 0.14 -8.49 10.21
N ALA A 408 0.33 -8.49 8.90
CA ALA A 408 0.93 -7.35 8.20
C ALA A 408 0.09 -6.07 8.34
N ARG A 409 -1.18 -6.14 7.97
CA ARG A 409 -2.08 -5.00 8.08
C ARG A 409 -2.12 -4.49 9.52
N ALA A 410 -2.14 -5.42 10.46
CA ALA A 410 -2.11 -5.09 11.88
C ALA A 410 -0.86 -4.29 12.20
N VAL A 411 0.28 -4.72 11.67
CA VAL A 411 1.54 -4.01 11.88
C VAL A 411 1.46 -2.58 11.34
N LYS A 412 0.93 -2.41 10.14
CA LYS A 412 0.78 -1.09 9.56
C LYS A 412 -0.09 -0.17 10.42
N VAL A 413 -1.29 -0.64 10.74
CA VAL A 413 -2.22 0.12 11.56
C VAL A 413 -1.61 0.43 12.92
N LEU A 414 -0.77 -0.46 13.41
CA LEU A 414 -0.06 -0.25 14.68
C LEU A 414 1.00 0.83 14.56
N LYS A 415 1.69 0.89 13.42
CA LYS A 415 2.63 1.98 13.16
C LYS A 415 1.88 3.30 13.22
N GLU A 416 0.72 3.33 12.57
CA GLU A 416 -0.12 4.52 12.60
C GLU A 416 -0.63 4.81 14.02
N CYS A 417 -0.74 3.77 14.84
CA CYS A 417 -1.18 3.93 16.23
C CYS A 417 -0.08 4.52 17.10
N ILE A 418 1.17 4.16 16.80
CA ILE A 418 2.31 4.77 17.46
C ILE A 418 2.39 6.22 17.03
N ARG A 419 2.05 6.48 15.77
CA ARG A 419 1.95 7.84 15.26
C ARG A 419 0.93 8.65 16.06
N LEU A 420 -0.25 8.07 16.28
CA LEU A 420 -1.30 8.75 17.02
C LEU A 420 -0.95 8.96 18.48
N LYS A 421 -0.46 7.91 19.14
CA LYS A 421 -0.07 8.00 20.55
C LYS A 421 1.26 7.30 20.82
N PRO A 422 2.25 8.07 21.28
CA PRO A 422 3.57 7.53 21.65
C PRO A 422 3.69 7.23 23.14
N ASP A 423 2.61 7.42 23.88
CA ASP A 423 2.60 7.17 25.32
C ASP A 423 2.64 5.67 25.63
N ASP A 424 1.82 4.92 24.90
CA ASP A 424 1.62 3.50 25.19
C ASP A 424 2.70 2.63 24.54
N ALA A 425 3.41 1.87 25.35
CA ALA A 425 4.47 0.99 24.88
C ALA A 425 3.90 -0.36 24.41
N THR A 426 2.64 -0.59 24.75
CA THR A 426 1.97 -1.83 24.37
C THR A 426 1.86 -1.93 22.86
N ILE A 427 1.71 -0.79 22.19
CA ILE A 427 1.55 -0.77 20.74
C ILE A 427 2.85 -1.16 20.00
N PRO A 428 3.98 -0.49 20.30
CA PRO A 428 5.19 -0.96 19.65
C PRO A 428 5.59 -2.37 20.10
N LEU A 429 5.25 -2.74 21.32
CA LEU A 429 5.53 -4.10 21.78
C LEU A 429 4.74 -5.13 20.98
N LEU A 430 3.48 -4.82 20.70
CA LEU A 430 2.63 -5.70 19.91
C LEU A 430 3.13 -5.80 18.47
N ALA A 431 3.50 -4.66 17.89
CA ALA A 431 4.08 -4.64 16.56
C ALA A 431 5.33 -5.51 16.50
N ALA A 432 6.21 -5.34 17.48
CA ALA A 432 7.44 -6.12 17.58
C ALA A 432 7.13 -7.61 17.72
N LYS A 433 6.07 -7.91 18.45
CA LYS A 433 5.63 -9.28 18.64
C LYS A 433 5.22 -9.91 17.31
N LEU A 434 4.45 -9.17 16.52
CA LEU A 434 4.04 -9.65 15.21
C LEU A 434 5.23 -9.82 14.27
N CYS A 435 6.12 -8.83 14.26
CA CYS A 435 7.29 -8.85 13.39
C CYS A 435 8.23 -10.02 13.70
N MET A 436 8.41 -10.31 14.98
CA MET A 436 9.26 -11.42 15.42
C MET A 436 8.67 -12.77 15.08
N GLY A 437 7.35 -12.83 14.94
CA GLY A 437 6.67 -14.09 14.73
C GLY A 437 6.73 -14.61 13.31
N SER A 438 5.56 -14.89 12.75
CA SER A 438 5.44 -15.52 11.44
C SER A 438 5.99 -14.65 10.30
N LEU A 439 5.74 -13.34 10.38
CA LEU A 439 6.19 -12.41 9.36
C LEU A 439 7.71 -12.43 9.22
N HIS A 440 8.40 -12.61 10.34
CA HIS A 440 9.85 -12.64 10.38
C HIS A 440 10.46 -11.38 9.77
N TRP A 441 9.92 -10.23 10.16
CA TRP A 441 10.50 -8.95 9.82
C TRP A 441 11.40 -8.50 10.97
N LEU A 442 12.60 -9.07 11.03
CA LEU A 442 13.49 -8.88 12.17
C LEU A 442 13.97 -7.44 12.30
N GLU A 443 14.19 -6.78 11.16
CA GLU A 443 14.63 -5.39 11.16
C GLU A 443 13.57 -4.48 11.77
N GLU A 444 12.33 -4.63 11.30
CA GLU A 444 11.20 -3.90 11.85
C GLU A 444 11.04 -4.17 13.33
N ALA A 445 11.18 -5.43 13.72
CA ALA A 445 11.09 -5.84 15.12
C ALA A 445 12.13 -5.11 15.96
N GLU A 446 13.35 -5.01 15.43
CA GLU A 446 14.41 -4.27 16.10
C GLU A 446 14.01 -2.81 16.26
N LYS A 447 13.43 -2.24 15.22
CA LYS A 447 12.99 -0.85 15.26
C LYS A 447 11.94 -0.61 16.35
N PHE A 448 10.91 -1.46 16.39
CA PHE A 448 9.85 -1.34 17.39
C PHE A 448 10.39 -1.53 18.81
N ALA A 449 11.20 -2.56 19.00
CA ALA A 449 11.81 -2.84 20.28
C ALA A 449 12.65 -1.66 20.76
N LYS A 450 13.33 -1.01 19.81
CA LYS A 450 14.09 0.20 20.12
C LYS A 450 13.15 1.33 20.51
N THR A 451 12.02 1.42 19.82
CA THR A 451 11.02 2.47 20.08
C THR A 451 10.49 2.35 21.51
N VAL A 452 10.34 1.11 21.99
CA VAL A 452 9.90 0.89 23.35
C VAL A 452 10.94 1.43 24.35
N VAL A 453 12.21 1.21 24.07
CA VAL A 453 13.28 1.71 24.93
C VAL A 453 13.66 3.14 24.55
N THR A 459 7.71 2.93 32.82
CA THR A 459 7.59 1.90 33.84
C THR A 459 8.63 0.81 33.65
N SER A 460 9.09 0.21 34.74
CA SER A 460 10.15 -0.78 34.69
C SER A 460 9.73 -2.06 33.99
N GLU A 461 8.45 -2.39 34.08
CA GLU A 461 7.92 -3.63 33.50
C GLU A 461 7.96 -3.61 31.97
N PHE A 462 7.55 -2.49 31.39
CA PHE A 462 7.53 -2.35 29.94
C PHE A 462 8.91 -2.10 29.37
N LYS A 463 9.82 -1.57 30.19
CA LYS A 463 11.21 -1.43 29.79
C LYS A 463 11.86 -2.81 29.77
N ALA A 464 11.53 -3.62 30.78
CA ALA A 464 11.97 -5.00 30.84
C ALA A 464 11.48 -5.75 29.60
N LYS A 465 10.20 -5.62 29.32
CA LYS A 465 9.60 -6.24 28.15
C LYS A 465 10.29 -5.75 26.87
N GLY A 466 10.63 -4.47 26.84
CA GLY A 466 11.28 -3.87 25.69
C GLY A 466 12.65 -4.44 25.40
N TYR A 467 13.48 -4.51 26.44
CA TYR A 467 14.80 -5.12 26.30
C TYR A 467 14.69 -6.61 25.99
N LEU A 468 13.65 -7.24 26.52
CA LEU A 468 13.37 -8.65 26.24
C LEU A 468 13.11 -8.87 24.75
N ALA A 469 12.22 -8.06 24.19
CA ALA A 469 11.89 -8.12 22.77
C ALA A 469 13.12 -7.80 21.93
N LEU A 470 13.91 -6.83 22.39
CA LEU A 470 15.13 -6.46 21.70
C LEU A 470 16.09 -7.64 21.64
N GLY A 471 16.25 -8.33 22.77
CA GLY A 471 17.12 -9.49 22.86
C GLY A 471 16.66 -10.62 21.97
N LEU A 472 15.34 -10.84 21.93
CA LEU A 472 14.76 -11.86 21.07
C LEU A 472 15.05 -11.55 19.61
N THR A 473 14.85 -10.30 19.23
CA THR A 473 15.14 -9.85 17.88
C THR A 473 16.60 -10.07 17.53
N TYR A 474 17.51 -9.64 18.41
CA TYR A 474 18.94 -9.81 18.20
C TYR A 474 19.32 -11.28 18.04
N SER A 475 18.72 -12.13 18.86
CA SER A 475 18.98 -13.58 18.80
C SER A 475 18.53 -14.15 17.46
N LEU A 476 17.30 -13.85 17.06
CA LEU A 476 16.77 -14.33 15.79
C LEU A 476 17.64 -13.86 14.64
N GLN A 477 18.07 -12.60 14.69
CA GLN A 477 18.94 -12.03 13.68
C GLN A 477 20.28 -12.77 13.63
N ALA A 478 20.78 -13.15 14.80
CA ALA A 478 22.03 -13.91 14.89
C ALA A 478 21.87 -15.27 14.23
N THR A 479 20.73 -15.92 14.46
CA THR A 479 20.44 -17.16 13.77
C THR A 479 20.41 -16.92 12.27
N ASP A 480 19.82 -15.80 11.86
CA ASP A 480 19.76 -15.46 10.43
C ASP A 480 21.08 -14.90 9.88
N ALA A 481 21.96 -14.44 10.77
CA ALA A 481 23.21 -13.80 10.34
C ALA A 481 24.05 -14.70 9.42
N SER A 482 24.78 -14.06 8.52
CA SER A 482 25.50 -14.75 7.46
C SER A 482 26.93 -15.14 7.83
N LEU A 483 27.63 -14.26 8.53
CA LEU A 483 29.03 -14.45 8.87
C LEU A 483 29.22 -14.67 10.36
N ARG A 484 30.34 -15.30 10.74
CA ARG A 484 30.62 -15.59 12.14
C ARG A 484 30.77 -14.31 12.97
N GLY A 485 31.36 -13.28 12.38
CA GLY A 485 31.49 -11.99 13.04
C GLY A 485 30.13 -11.42 13.43
N MET A 486 29.24 -11.35 12.44
CA MET A 486 27.88 -10.86 12.65
C MET A 486 27.16 -11.70 13.69
N GLN A 487 27.31 -13.01 13.58
CA GLN A 487 26.66 -13.96 14.50
C GLN A 487 27.09 -13.71 15.94
N GLU A 488 28.39 -13.61 16.16
CA GLU A 488 28.93 -13.38 17.49
C GLU A 488 28.51 -12.03 18.05
N VAL A 489 28.58 -10.99 17.22
CA VAL A 489 28.17 -9.65 17.63
C VAL A 489 26.71 -9.65 18.07
N LEU A 490 25.83 -10.16 17.21
CA LEU A 490 24.40 -10.20 17.50
C LEU A 490 24.06 -11.07 18.71
N GLN A 491 24.79 -12.16 18.90
CA GLN A 491 24.57 -13.02 20.05
C GLN A 491 24.96 -12.32 21.34
N ARG A 492 26.08 -11.59 21.29
CA ARG A 492 26.52 -10.82 22.45
C ARG A 492 25.53 -9.69 22.77
N LYS A 493 25.03 -9.02 21.74
CA LYS A 493 24.03 -7.99 21.92
C LYS A 493 22.76 -8.55 22.55
N ALA A 494 22.30 -9.68 22.02
CA ALA A 494 21.15 -10.38 22.56
C ALA A 494 21.35 -10.70 24.03
N LEU A 495 22.56 -11.17 24.35
CA LEU A 495 22.92 -11.50 25.72
C LEU A 495 22.80 -10.28 26.63
N LEU A 496 23.34 -9.15 26.16
CA LEU A 496 23.28 -7.90 26.91
C LEU A 496 21.83 -7.44 27.15
N ALA A 497 21.03 -7.47 26.09
CA ALA A 497 19.63 -7.05 26.20
C ALA A 497 18.85 -7.95 27.15
N PHE A 498 19.15 -9.24 27.14
CA PHE A 498 18.49 -10.19 28.01
C PHE A 498 18.91 -9.99 29.47
N GLN A 499 20.20 -9.70 29.68
CA GLN A 499 20.69 -9.43 31.03
C GLN A 499 20.03 -8.17 31.58
N ARG A 500 19.93 -7.13 30.75
CA ARG A 500 19.28 -5.89 31.14
C ARG A 500 17.82 -6.12 31.46
N ALA A 501 17.14 -6.88 30.61
CA ALA A 501 15.73 -7.21 30.81
C ALA A 501 15.52 -7.96 32.12
N HIS A 502 16.45 -8.86 32.44
CA HIS A 502 16.35 -9.65 33.68
C HIS A 502 16.64 -8.79 34.91
N SER A 503 17.54 -7.82 34.78
CA SER A 503 17.86 -6.96 35.91
C SER A 503 16.79 -5.90 36.11
N LEU A 504 16.00 -5.64 35.06
CA LEU A 504 14.86 -4.74 35.15
C LEU A 504 13.70 -5.39 35.89
N SER A 505 13.55 -6.69 35.69
CA SER A 505 12.47 -7.44 36.31
C SER A 505 12.92 -8.87 36.60
N PRO A 506 13.47 -9.11 37.80
CA PRO A 506 13.91 -10.44 38.23
C PRO A 506 12.76 -11.41 38.49
N THR A 507 11.53 -10.94 38.38
CA THR A 507 10.36 -11.80 38.57
C THR A 507 9.79 -12.29 37.25
N ASP A 508 10.08 -11.57 36.17
CA ASP A 508 9.64 -11.96 34.83
C ASP A 508 10.44 -13.17 34.36
N HIS A 509 9.79 -14.32 34.32
CA HIS A 509 10.47 -15.56 34.00
C HIS A 509 10.77 -15.69 32.51
N GLN A 510 10.11 -14.88 31.70
CA GLN A 510 10.42 -14.81 30.27
C GLN A 510 11.87 -14.35 30.08
N ALA A 511 12.22 -13.24 30.72
CA ALA A 511 13.55 -12.67 30.60
C ALA A 511 14.62 -13.61 31.12
N ALA A 512 14.36 -14.21 32.29
CA ALA A 512 15.29 -15.16 32.89
C ALA A 512 15.49 -16.35 31.96
N PHE A 513 14.38 -16.91 31.49
CA PHE A 513 14.46 -18.06 30.61
C PHE A 513 15.24 -17.77 29.34
N TYR A 514 14.90 -16.67 28.67
CA TYR A 514 15.52 -16.35 27.39
C TYR A 514 16.99 -16.00 27.55
N LEU A 515 17.33 -15.41 28.69
CA LEU A 515 18.72 -15.20 29.06
C LEU A 515 19.43 -16.54 29.11
N ALA A 516 18.83 -17.48 29.85
CA ALA A 516 19.40 -18.82 29.98
C ALA A 516 19.51 -19.53 28.62
N LEU A 517 18.59 -19.21 27.73
CA LEU A 517 18.55 -19.83 26.40
C LEU A 517 19.69 -19.30 25.55
N GLN A 518 19.91 -17.99 25.59
CA GLN A 518 21.02 -17.39 24.87
C GLN A 518 22.34 -17.92 25.40
N LEU A 519 22.44 -18.05 26.73
CA LEU A 519 23.62 -18.64 27.35
C LEU A 519 23.83 -20.08 26.88
N ALA A 520 22.73 -20.82 26.74
CA ALA A 520 22.80 -22.17 26.22
C ALA A 520 23.33 -22.19 24.79
N ILE A 521 22.84 -21.23 23.99
CA ILE A 521 23.25 -21.11 22.60
C ILE A 521 24.74 -20.79 22.50
N SER A 522 25.24 -20.01 23.46
CA SER A 522 26.65 -19.65 23.50
C SER A 522 27.51 -20.74 24.14
N ARG A 523 26.88 -21.89 24.39
CA ARG A 523 27.54 -23.05 25.00
C ARG A 523 28.13 -22.71 26.36
N GLN A 524 27.46 -21.80 27.07
CA GLN A 524 27.80 -21.52 28.46
C GLN A 524 26.82 -22.27 29.35
N ILE A 525 27.05 -23.58 29.47
CA ILE A 525 26.11 -24.49 30.10
C ILE A 525 25.88 -24.27 31.61
N PRO A 526 26.94 -24.05 32.41
CA PRO A 526 26.68 -23.82 33.83
C PRO A 526 25.83 -22.57 34.13
N GLU A 527 26.21 -21.44 33.53
CA GLU A 527 25.47 -20.19 33.70
C GLU A 527 24.01 -20.37 33.28
N ALA A 528 23.85 -20.97 32.10
CA ALA A 528 22.53 -21.27 31.55
C ALA A 528 21.72 -22.11 32.53
N LEU A 529 22.39 -23.08 33.16
CA LEU A 529 21.74 -23.93 34.15
C LEU A 529 21.26 -23.10 35.33
N GLY A 530 22.10 -22.18 35.80
CA GLY A 530 21.74 -21.32 36.91
C GLY A 530 20.50 -20.47 36.63
N TYR A 531 20.50 -19.84 35.46
CA TYR A 531 19.38 -18.97 35.09
C TYR A 531 18.11 -19.76 34.73
N VAL A 532 18.28 -21.01 34.31
CA VAL A 532 17.16 -21.91 34.12
C VAL A 532 16.56 -22.27 35.47
N ARG A 533 17.42 -22.53 36.45
CA ARG A 533 16.97 -22.82 37.80
C ARG A 533 16.19 -21.65 38.38
N GLN A 534 16.67 -20.43 38.11
CA GLN A 534 15.93 -19.24 38.52
C GLN A 534 14.57 -19.16 37.83
N ALA A 535 14.57 -19.29 36.51
CA ALA A 535 13.34 -19.20 35.72
C ALA A 535 12.32 -20.25 36.14
N LEU A 536 12.80 -21.39 36.63
CA LEU A 536 11.93 -22.47 37.09
C LEU A 536 11.46 -22.23 38.52
N GLN A 537 12.28 -21.56 39.32
CA GLN A 537 11.84 -21.15 40.65
C GLN A 537 10.71 -20.15 40.52
N LEU A 538 10.76 -19.32 39.48
CA LEU A 538 9.67 -18.39 39.21
C LEU A 538 8.43 -19.13 38.70
N GLN A 539 8.59 -19.91 37.64
CA GLN A 539 7.50 -20.69 37.07
C GLN A 539 7.90 -22.15 36.92
N GLY A 540 7.52 -22.97 37.91
CA GLY A 540 7.94 -24.35 37.97
C GLY A 540 7.39 -25.27 36.89
N ASP A 541 6.30 -24.86 36.24
CA ASP A 541 5.66 -25.73 35.27
C ASP A 541 5.72 -25.20 33.84
N ASP A 542 6.67 -24.29 33.59
CA ASP A 542 6.88 -23.77 32.25
C ASP A 542 7.51 -24.84 31.36
N ALA A 543 6.81 -25.22 30.31
CA ALA A 543 7.26 -26.28 29.40
C ALA A 543 8.61 -25.97 28.79
N ASN A 544 8.80 -24.74 28.31
CA ASN A 544 10.07 -24.33 27.73
C ASN A 544 11.21 -24.38 28.73
N SER A 545 10.94 -23.97 29.97
CA SER A 545 11.97 -23.97 31.01
C SER A 545 12.43 -25.39 31.34
N LEU A 546 11.47 -26.29 31.51
CA LEU A 546 11.76 -27.69 31.78
C LEU A 546 12.54 -28.31 30.62
N HIS A 547 12.10 -28.01 29.41
CA HIS A 547 12.74 -28.53 28.21
C HIS A 547 14.19 -28.05 28.11
N LEU A 548 14.41 -26.76 28.37
CA LEU A 548 15.75 -26.20 28.34
C LEU A 548 16.62 -26.84 29.42
N LEU A 549 16.03 -27.08 30.57
CA LEU A 549 16.72 -27.77 31.64
C LEU A 549 17.22 -29.14 31.16
N ALA A 550 16.32 -29.88 30.51
CA ALA A 550 16.65 -31.20 30.02
C ALA A 550 17.74 -31.15 28.94
N LEU A 551 17.68 -30.14 28.08
CA LEU A 551 18.68 -30.01 27.02
C LEU A 551 20.05 -29.64 27.59
N LEU A 552 20.05 -28.80 28.62
CA LEU A 552 21.28 -28.43 29.30
C LEU A 552 21.89 -29.64 30.01
N LEU A 553 21.03 -30.47 30.59
CA LEU A 553 21.50 -31.69 31.22
C LEU A 553 22.09 -32.65 30.18
N SER A 554 21.46 -32.73 29.02
CA SER A 554 21.98 -33.58 27.95
C SER A 554 23.30 -33.03 27.44
N ALA A 555 23.46 -31.70 27.53
CA ALA A 555 24.69 -31.05 27.09
C ALA A 555 25.85 -31.46 27.99
N GLN A 556 25.54 -31.74 29.24
CA GLN A 556 26.54 -32.21 30.20
C GLN A 556 26.63 -33.73 30.20
N LYS A 557 26.04 -34.34 29.17
CA LYS A 557 26.02 -35.79 29.00
C LYS A 557 25.28 -36.48 30.15
N HIS A 558 24.33 -35.77 30.77
CA HIS A 558 23.48 -36.36 31.80
C HIS A 558 22.15 -36.79 31.17
N TYR A 559 22.22 -37.80 30.32
CA TYR A 559 21.09 -38.20 29.48
C TYR A 559 19.91 -38.76 30.27
N HIS A 560 20.18 -39.53 31.31
CA HIS A 560 19.13 -40.12 32.12
C HIS A 560 18.36 -39.06 32.90
N ASP A 561 19.08 -38.13 33.53
CA ASP A 561 18.46 -37.03 34.26
C ASP A 561 17.61 -36.17 33.32
N ALA A 562 18.20 -35.86 32.17
CA ALA A 562 17.52 -35.12 31.11
C ALA A 562 16.22 -35.81 30.73
N LEU A 563 16.29 -37.12 30.53
CA LEU A 563 15.13 -37.91 30.14
C LEU A 563 14.06 -37.89 31.23
N ASN A 564 14.49 -37.98 32.48
CA ASN A 564 13.57 -37.89 33.62
C ASN A 564 12.81 -36.58 33.61
N ILE A 565 13.54 -35.50 33.36
CA ILE A 565 12.93 -34.17 33.35
C ILE A 565 11.98 -33.99 32.17
N ILE A 566 12.35 -34.53 31.02
CA ILE A 566 11.46 -34.56 29.87
C ILE A 566 10.17 -35.29 30.21
N ASP A 567 10.31 -36.47 30.81
CA ASP A 567 9.16 -37.25 31.24
C ASP A 567 8.28 -36.47 32.22
N MET A 568 8.91 -35.65 33.06
CA MET A 568 8.17 -34.80 33.98
C MET A 568 7.33 -33.76 33.24
N ALA A 569 8.00 -33.01 32.36
CA ALA A 569 7.31 -32.02 31.52
C ALA A 569 6.16 -32.66 30.75
N LEU A 570 6.38 -33.89 30.29
CA LEU A 570 5.37 -34.63 29.55
C LEU A 570 4.21 -35.05 30.44
N SER A 571 4.50 -35.33 31.70
CA SER A 571 3.43 -35.60 32.67
C SER A 571 2.62 -34.33 32.86
N GLU A 572 3.26 -33.18 32.63
CA GLU A 572 2.52 -31.92 32.62
C GLU A 572 2.04 -31.51 31.22
N TYR A 573 2.72 -31.99 30.18
CA TYR A 573 2.38 -31.66 28.81
C TYR A 573 2.38 -32.88 27.91
N PRO A 574 1.31 -33.69 27.98
CA PRO A 574 1.25 -34.96 27.24
C PRO A 574 1.17 -34.76 25.72
N GLU A 575 0.52 -33.69 25.29
CA GLU A 575 0.29 -33.48 23.86
C GLU A 575 1.46 -32.78 23.15
N ASN A 576 2.46 -32.35 23.92
CA ASN A 576 3.58 -31.60 23.34
C ASN A 576 4.49 -32.46 22.48
N PHE A 577 4.46 -32.23 21.17
CA PHE A 577 5.24 -33.03 20.22
C PHE A 577 6.74 -32.80 20.35
N ILE A 578 7.15 -31.56 20.60
CA ILE A 578 8.56 -31.21 20.69
C ILE A 578 9.24 -31.94 21.85
N LEU A 579 8.60 -31.88 23.02
CA LEU A 579 9.05 -32.63 24.18
C LEU A 579 9.21 -34.11 23.85
N LEU A 580 8.25 -34.63 23.10
CA LEU A 580 8.24 -36.04 22.72
C LEU A 580 9.40 -36.39 21.78
N PHE A 581 9.72 -35.48 20.87
CA PHE A 581 10.88 -35.64 19.99
C PHE A 581 12.17 -35.69 20.79
N SER A 582 12.29 -34.77 21.74
CA SER A 582 13.46 -34.77 22.62
C SER A 582 13.54 -36.06 23.43
N LYS A 583 12.38 -36.56 23.87
CA LYS A 583 12.32 -37.84 24.57
C LYS A 583 12.85 -38.95 23.68
N VAL A 584 12.48 -38.90 22.40
CA VAL A 584 12.94 -39.89 21.43
C VAL A 584 14.45 -39.87 21.31
N LYS A 585 15.03 -38.69 21.12
CA LYS A 585 16.48 -38.56 21.01
C LYS A 585 17.20 -39.06 22.27
N LEU A 586 16.72 -38.62 23.43
CA LEU A 586 17.31 -39.01 24.70
C LEU A 586 17.26 -40.52 24.93
N GLN A 587 16.13 -41.11 24.55
CA GLN A 587 15.98 -42.56 24.68
C GLN A 587 16.94 -43.29 23.73
N SER A 588 17.13 -42.73 22.53
CA SER A 588 18.11 -43.29 21.61
C SER A 588 19.52 -43.17 22.19
N LEU A 589 19.74 -42.17 23.04
CA LEU A 589 21.05 -41.95 23.63
C LEU A 589 21.36 -42.81 24.85
N CYS A 590 20.36 -43.09 25.69
CA CYS A 590 20.64 -43.81 26.93
C CYS A 590 19.77 -45.04 27.19
N ARG A 591 18.62 -45.13 26.53
CA ARG A 591 17.70 -46.24 26.82
C ARG A 591 17.73 -47.34 25.77
N GLY A 592 17.90 -46.97 24.51
CA GLY A 592 17.92 -47.95 23.43
C GLY A 592 16.84 -47.72 22.39
N PRO A 593 16.95 -48.42 21.26
CA PRO A 593 16.10 -48.22 20.08
C PRO A 593 14.62 -48.58 20.29
N ASP A 594 14.37 -49.69 20.98
CA ASP A 594 13.00 -50.17 21.18
C ASP A 594 12.15 -49.10 21.88
N GLU A 595 12.68 -48.55 22.96
CA GLU A 595 11.99 -47.54 23.74
C GLU A 595 11.63 -46.33 22.89
N ALA A 596 12.60 -45.83 22.14
CA ALA A 596 12.41 -44.65 21.31
C ALA A 596 11.41 -44.92 20.18
N LEU A 597 11.41 -46.14 19.66
CA LEU A 597 10.44 -46.53 18.65
C LEU A 597 9.03 -46.55 19.26
N LEU A 598 8.92 -47.02 20.49
CA LEU A 598 7.64 -47.00 21.20
C LEU A 598 7.17 -45.56 21.44
N THR A 599 8.11 -44.66 21.70
CA THR A 599 7.77 -43.26 21.87
C THR A 599 7.29 -42.68 20.54
N CYS A 600 7.89 -43.16 19.45
CA CYS A 600 7.45 -42.77 18.11
C CYS A 600 6.02 -43.23 17.82
N LYS A 601 5.73 -44.48 18.16
CA LYS A 601 4.39 -45.02 17.97
C LYS A 601 3.39 -44.24 18.82
N HIS A 602 3.81 -43.88 20.02
CA HIS A 602 3.01 -43.06 20.92
C HIS A 602 2.70 -41.71 20.29
N MET A 603 3.72 -41.09 19.70
CA MET A 603 3.55 -39.82 19.00
C MET A 603 2.60 -39.97 17.82
N LEU A 604 2.64 -41.14 17.19
CA LEU A 604 1.78 -41.43 16.05
C LEU A 604 0.31 -41.50 16.49
N GLN A 605 0.08 -42.20 17.60
CA GLN A 605 -1.25 -42.29 18.19
C GLN A 605 -1.77 -40.91 18.56
N ILE A 606 -0.93 -40.13 19.24
CA ILE A 606 -1.31 -38.78 19.64
C ILE A 606 -1.65 -37.92 18.44
N TRP A 607 -0.87 -38.08 17.37
CA TRP A 607 -1.12 -37.32 16.15
C TRP A 607 -2.45 -37.72 15.52
N LYS A 608 -2.75 -39.01 15.52
CA LYS A 608 -4.01 -39.49 14.98
C LYS A 608 -5.20 -38.95 15.78
N SER A 609 -5.03 -38.89 17.10
CA SER A 609 -6.11 -38.41 17.97
C SER A 609 -6.31 -36.90 17.84
N CYS A 610 -5.23 -36.17 17.60
CA CYS A 610 -5.31 -34.71 17.45
C CYS A 610 -5.84 -34.31 16.07
N TYR A 611 -5.68 -35.19 15.09
CA TYR A 611 -6.10 -34.90 13.73
C TYR A 611 -6.76 -36.13 13.10
N LEU A 683 -3.06 -26.20 6.89
CA LEU A 683 -1.78 -25.88 7.51
C LEU A 683 -0.90 -27.11 7.64
N HIS A 684 0.10 -27.06 8.53
CA HIS A 684 1.09 -28.13 8.59
C HIS A 684 1.30 -28.77 9.96
N PRO A 685 0.37 -29.65 10.36
CA PRO A 685 0.71 -30.68 11.36
C PRO A 685 1.23 -31.91 10.63
N TRP A 686 1.21 -31.84 9.30
CA TRP A 686 1.74 -32.90 8.46
C TRP A 686 3.26 -32.95 8.56
N MET A 687 3.88 -31.79 8.73
CA MET A 687 5.31 -31.72 8.94
C MET A 687 5.69 -32.44 10.22
N THR A 688 4.82 -32.37 11.21
CA THR A 688 5.03 -33.06 12.47
C THR A 688 5.01 -34.58 12.26
N LEU A 689 4.01 -35.06 11.54
CA LEU A 689 3.87 -36.48 11.25
C LEU A 689 5.07 -36.99 10.47
N ALA A 690 5.48 -36.21 9.46
CA ALA A 690 6.66 -36.51 8.67
C ALA A 690 7.88 -36.61 9.56
N GLN A 691 7.98 -35.71 10.54
CA GLN A 691 9.09 -35.74 11.48
C GLN A 691 9.03 -36.95 12.40
N ILE A 692 7.83 -37.42 12.72
CA ILE A 692 7.69 -38.63 13.51
C ILE A 692 8.30 -39.80 12.75
N TRP A 693 7.86 -39.94 11.51
CA TRP A 693 8.36 -41.01 10.67
C TRP A 693 9.86 -40.90 10.42
N LEU A 694 10.35 -39.69 10.24
CA LEU A 694 11.76 -39.47 9.99
C LEU A 694 12.58 -39.76 11.24
N HIS A 695 12.01 -39.52 12.42
CA HIS A 695 12.69 -39.85 13.67
C HIS A 695 12.81 -41.35 13.82
N ALA A 696 11.71 -42.05 13.55
CA ALA A 696 11.73 -43.51 13.53
C ALA A 696 12.80 -44.01 12.56
N ALA A 697 12.87 -43.36 11.40
CA ALA A 697 13.88 -43.68 10.40
C ALA A 697 15.29 -43.45 10.91
N GLU A 698 15.51 -42.38 11.66
CA GLU A 698 16.82 -42.10 12.25
C GLU A 698 17.19 -43.19 13.25
N VAL A 699 16.21 -43.68 13.98
CA VAL A 699 16.45 -44.79 14.90
C VAL A 699 16.89 -46.03 14.14
N TYR A 700 16.15 -46.37 13.09
CA TYR A 700 16.48 -47.54 12.29
C TYR A 700 17.85 -47.41 11.59
N ILE A 701 18.20 -46.20 11.17
CA ILE A 701 19.52 -45.93 10.60
C ILE A 701 20.58 -46.16 11.65
N GLY A 702 20.34 -45.63 12.85
CA GLY A 702 21.26 -45.77 13.96
C GLY A 702 21.56 -47.23 14.26
N ILE A 703 20.51 -48.06 14.29
CA ILE A 703 20.71 -49.49 14.45
C ILE A 703 21.51 -50.08 13.28
N GLY A 704 20.95 -49.98 12.09
CA GLY A 704 21.59 -50.52 10.89
C GLY A 704 20.59 -51.28 10.04
N LYS A 705 19.34 -50.81 10.02
CA LYS A 705 18.28 -51.46 9.28
C LYS A 705 17.73 -50.57 8.16
N PRO A 706 18.33 -50.67 6.97
CA PRO A 706 17.98 -49.79 5.84
C PRO A 706 16.54 -49.99 5.36
N ALA A 707 16.00 -51.18 5.54
CA ALA A 707 14.65 -51.49 5.07
C ALA A 707 13.58 -50.71 5.83
N GLU A 708 13.58 -50.84 7.15
CA GLU A 708 12.61 -50.13 7.99
C GLU A 708 12.80 -48.61 7.90
N ALA A 709 14.06 -48.18 7.84
CA ALA A 709 14.37 -46.77 7.69
C ALA A 709 13.79 -46.26 6.37
N THR A 710 13.91 -47.08 5.33
CA THR A 710 13.36 -46.76 4.02
C THR A 710 11.85 -46.66 4.09
N ALA A 711 11.23 -47.54 4.87
CA ALA A 711 9.78 -47.53 5.04
C ALA A 711 9.29 -46.25 5.70
N CYS A 712 9.92 -45.91 6.83
CA CYS A 712 9.55 -44.72 7.59
C CYS A 712 9.78 -43.45 6.77
N THR A 713 10.96 -43.34 6.16
CA THR A 713 11.25 -42.24 5.27
C THR A 713 10.26 -42.21 4.11
N GLN A 714 9.74 -43.37 3.73
CA GLN A 714 8.79 -43.44 2.63
C GLN A 714 7.43 -42.89 3.04
N GLU A 715 7.06 -43.07 4.30
CA GLU A 715 5.85 -42.41 4.82
C GLU A 715 6.04 -40.90 4.79
N ALA A 716 7.19 -40.47 5.31
CA ALA A 716 7.54 -39.04 5.28
C ALA A 716 7.54 -38.48 3.85
N ALA A 717 7.93 -39.31 2.90
CA ALA A 717 8.05 -38.91 1.50
C ALA A 717 6.69 -38.89 0.83
N ASN A 718 5.79 -39.76 1.30
CA ASN A 718 4.40 -39.70 0.88
C ASN A 718 3.85 -38.34 1.25
N LEU A 719 4.21 -37.88 2.45
CA LEU A 719 3.83 -36.51 2.83
C LEU A 719 4.62 -35.47 2.03
N PHE A 720 5.93 -35.41 2.22
CA PHE A 720 6.77 -34.42 1.54
C PHE A 720 7.91 -35.10 0.76
N PRO A 721 7.67 -35.43 -0.51
CA PRO A 721 8.63 -36.17 -1.34
C PRO A 721 9.98 -35.46 -1.52
N MET A 722 9.98 -34.13 -1.58
CA MET A 722 11.22 -33.39 -1.80
C MET A 722 11.63 -32.55 -0.60
N SER A 723 11.23 -32.97 0.59
CA SER A 723 11.76 -32.38 1.81
C SER A 723 13.24 -32.64 1.87
N HIS A 724 14.03 -31.63 2.26
CA HIS A 724 15.46 -31.80 2.34
C HIS A 724 15.81 -32.79 3.44
N ASN A 725 14.93 -32.90 4.42
CA ASN A 725 15.08 -33.90 5.47
C ASN A 725 14.91 -35.30 4.92
N VAL A 726 13.87 -35.47 4.10
CA VAL A 726 13.62 -36.74 3.43
C VAL A 726 14.79 -37.12 2.52
N LEU A 727 15.24 -36.17 1.71
CA LEU A 727 16.36 -36.39 0.79
C LEU A 727 17.63 -36.76 1.56
N TYR A 728 17.89 -36.03 2.64
CA TYR A 728 19.00 -36.32 3.53
C TYR A 728 18.92 -37.75 4.06
N MET A 729 17.73 -38.15 4.48
CA MET A 729 17.52 -39.49 5.01
C MET A 729 17.72 -40.55 3.94
N ARG A 730 17.40 -40.22 2.68
CA ARG A 730 17.63 -41.12 1.57
C ARG A 730 19.14 -41.28 1.36
N GLY A 731 19.86 -40.19 1.59
CA GLY A 731 21.31 -40.24 1.55
C GLY A 731 21.87 -41.13 2.65
N GLN A 732 21.35 -40.97 3.86
CA GLN A 732 21.76 -41.78 5.00
C GLN A 732 21.54 -43.26 4.71
N ILE A 733 20.36 -43.57 4.18
CA ILE A 733 20.02 -44.93 3.81
C ILE A 733 20.99 -45.45 2.77
N ALA A 734 21.32 -44.62 1.78
CA ALA A 734 22.27 -45.03 0.74
C ALA A 734 23.65 -45.34 1.33
N GLU A 735 24.11 -44.52 2.27
CA GLU A 735 25.39 -44.76 2.93
C GLU A 735 25.35 -46.07 3.71
N LEU A 736 24.23 -46.31 4.38
CA LEU A 736 24.02 -47.54 5.13
C LEU A 736 24.07 -48.75 4.20
N ARG A 737 23.51 -48.62 3.00
CA ARG A 737 23.48 -49.71 2.04
C ARG A 737 24.82 -49.86 1.30
N GLY A 738 25.62 -48.80 1.33
CA GLY A 738 26.94 -48.84 0.73
C GLY A 738 27.05 -48.14 -0.61
N SER A 739 25.92 -47.71 -1.16
CA SER A 739 25.93 -47.00 -2.43
C SER A 739 26.28 -45.53 -2.21
N MET A 740 27.55 -45.20 -2.36
CA MET A 740 28.07 -43.88 -2.02
C MET A 740 27.73 -42.82 -3.06
N ASP A 741 27.71 -43.18 -4.33
CA ASP A 741 27.38 -42.21 -5.36
C ASP A 741 25.92 -41.79 -5.23
N GLU A 742 25.05 -42.76 -5.02
CA GLU A 742 23.64 -42.51 -4.78
C GLU A 742 23.46 -41.58 -3.58
N ALA A 743 24.19 -41.86 -2.50
CA ALA A 743 24.18 -41.03 -1.31
C ALA A 743 24.56 -39.59 -1.65
N ARG A 744 25.70 -39.44 -2.30
CA ARG A 744 26.17 -38.16 -2.77
C ARG A 744 25.08 -37.39 -3.51
N ARG A 745 24.43 -38.04 -4.46
CA ARG A 745 23.38 -37.40 -5.24
C ARG A 745 22.18 -37.01 -4.38
N TRP A 746 21.84 -37.84 -3.38
CA TRP A 746 20.72 -37.51 -2.51
C TRP A 746 21.02 -36.26 -1.67
N TYR A 747 22.24 -36.18 -1.17
CA TYR A 747 22.62 -35.01 -0.38
C TYR A 747 22.67 -33.78 -1.29
N GLU A 748 23.09 -33.98 -2.53
CA GLU A 748 23.09 -32.89 -3.50
C GLU A 748 21.67 -32.38 -3.73
N GLU A 749 20.72 -33.30 -3.85
CA GLU A 749 19.31 -32.94 -3.97
C GLU A 749 18.84 -32.14 -2.76
N ALA A 750 19.19 -32.64 -1.57
CA ALA A 750 18.83 -31.98 -0.33
C ALA A 750 19.36 -30.54 -0.27
N LEU A 751 20.60 -30.35 -0.69
CA LEU A 751 21.22 -29.03 -0.68
C LEU A 751 20.68 -28.16 -1.79
N ALA A 752 20.15 -28.81 -2.83
CA ALA A 752 19.49 -28.09 -3.91
C ALA A 752 18.21 -27.48 -3.36
N ILE A 753 17.53 -28.24 -2.51
CA ILE A 753 16.30 -27.75 -1.90
C ILE A 753 16.61 -26.83 -0.72
N SER A 754 17.55 -27.23 0.13
CA SER A 754 17.94 -26.43 1.29
C SER A 754 19.46 -26.26 1.36
N PRO A 755 19.97 -25.19 0.75
CA PRO A 755 21.41 -24.92 0.58
C PRO A 755 22.19 -24.72 1.87
N THR A 756 21.51 -24.74 3.02
CA THR A 756 22.16 -24.50 4.30
C THR A 756 22.06 -25.69 5.24
N HIS A 757 21.59 -26.82 4.73
CA HIS A 757 21.41 -28.01 5.54
C HIS A 757 22.78 -28.55 5.94
N VAL A 758 23.21 -28.23 7.16
CA VAL A 758 24.57 -28.53 7.61
C VAL A 758 24.87 -30.02 7.59
N LYS A 759 23.88 -30.85 7.94
CA LYS A 759 24.06 -32.30 7.92
C LYS A 759 24.41 -32.81 6.52
N SER A 760 23.64 -32.34 5.53
CA SER A 760 23.87 -32.72 4.14
C SER A 760 25.23 -32.24 3.67
N MET A 761 25.64 -31.08 4.14
CA MET A 761 26.96 -30.54 3.83
C MET A 761 28.06 -31.43 4.41
N GLN A 762 27.91 -31.84 5.68
CA GLN A 762 28.86 -32.74 6.32
C GLN A 762 29.02 -34.01 5.50
N ARG A 763 27.88 -34.66 5.22
CA ARG A 763 27.91 -35.95 4.55
C ARG A 763 28.50 -35.84 3.15
N LEU A 764 28.03 -34.87 2.38
CA LEU A 764 28.53 -34.66 1.03
C LEU A 764 30.03 -34.40 1.03
N ALA A 765 30.47 -33.54 1.94
CA ALA A 765 31.88 -33.21 2.07
C ALA A 765 32.71 -34.43 2.42
N LEU A 766 32.16 -35.29 3.29
CA LEU A 766 32.85 -36.51 3.67
C LEU A 766 33.00 -37.44 2.48
N ILE A 767 31.93 -37.57 1.71
CA ILE A 767 31.95 -38.41 0.50
C ILE A 767 33.00 -37.90 -0.48
N LEU A 768 33.02 -36.59 -0.71
CA LEU A 768 34.00 -35.99 -1.59
C LEU A 768 35.42 -36.17 -1.06
N HIS A 769 35.57 -36.15 0.27
CA HIS A 769 36.85 -36.35 0.91
C HIS A 769 37.36 -37.77 0.64
N GLN A 770 36.46 -38.74 0.75
CA GLN A 770 36.82 -40.13 0.48
C GLN A 770 37.05 -40.36 -1.02
N LEU A 771 36.49 -39.47 -1.86
CA LEU A 771 36.73 -39.55 -3.30
C LEU A 771 38.08 -38.94 -3.69
N GLY A 772 38.60 -38.05 -2.84
CA GLY A 772 39.89 -37.44 -3.10
C GLY A 772 39.82 -35.98 -3.53
N ARG A 773 38.60 -35.47 -3.68
CA ARG A 773 38.40 -34.08 -4.07
C ARG A 773 38.39 -33.18 -2.83
N TYR A 774 39.58 -32.90 -2.32
CA TYR A 774 39.74 -32.22 -1.03
C TYR A 774 39.36 -30.74 -1.05
N SER A 775 39.69 -30.04 -2.12
CA SER A 775 39.42 -28.61 -2.19
C SER A 775 37.92 -28.33 -2.16
N LEU A 776 37.16 -29.09 -2.94
CA LEU A 776 35.72 -28.94 -3.00
C LEU A 776 35.08 -29.24 -1.64
N ALA A 777 35.51 -30.34 -1.04
CA ALA A 777 35.06 -30.73 0.28
C ALA A 777 35.32 -29.63 1.30
N GLU A 778 36.52 -29.05 1.24
CA GLU A 778 36.90 -27.98 2.14
C GLU A 778 36.00 -26.76 1.94
N LYS A 779 35.76 -26.38 0.69
CA LYS A 779 34.91 -25.22 0.41
C LYS A 779 33.53 -25.42 0.99
N ILE A 780 32.96 -26.59 0.71
CA ILE A 780 31.66 -26.96 1.26
C ILE A 780 31.64 -26.85 2.79
N LEU A 781 32.66 -27.41 3.43
CA LEU A 781 32.76 -27.37 4.88
C LEU A 781 32.95 -25.95 5.43
N ARG A 782 33.54 -25.06 4.63
CA ARG A 782 33.71 -23.66 5.04
C ARG A 782 32.36 -22.97 5.02
N ASP A 783 31.58 -23.24 3.98
CA ASP A 783 30.20 -22.77 3.94
C ASP A 783 29.42 -23.29 5.15
N ALA A 784 29.60 -24.57 5.44
CA ALA A 784 28.93 -25.21 6.57
C ALA A 784 29.31 -24.54 7.89
N VAL A 785 30.60 -24.22 8.04
CA VAL A 785 31.08 -23.53 9.23
C VAL A 785 30.39 -22.18 9.35
N GLN A 786 30.20 -21.52 8.22
CA GLN A 786 29.48 -20.25 8.24
C GLN A 786 28.02 -20.43 8.67
N VAL A 787 27.39 -21.51 8.24
CA VAL A 787 26.00 -21.74 8.61
C VAL A 787 25.86 -22.06 10.10
N ASN A 788 26.72 -22.95 10.60
CA ASN A 788 26.70 -23.29 12.02
C ASN A 788 28.08 -23.69 12.52
N SER A 789 28.73 -22.78 13.22
CA SER A 789 30.11 -23.00 13.67
C SER A 789 30.19 -23.87 14.93
N THR A 790 29.05 -24.18 15.54
CA THR A 790 29.05 -25.02 16.74
C THR A 790 28.92 -26.50 16.39
N ALA A 791 28.91 -26.80 15.10
CA ALA A 791 28.75 -28.16 14.62
C ALA A 791 30.08 -28.91 14.62
N HIS A 792 30.32 -29.72 15.65
CA HIS A 792 31.61 -30.38 15.81
C HIS A 792 31.90 -31.38 14.68
N GLU A 793 30.86 -31.96 14.10
CA GLU A 793 31.03 -32.92 13.02
C GLU A 793 31.63 -32.24 11.79
N VAL A 794 31.25 -30.98 11.60
CA VAL A 794 31.82 -30.15 10.55
C VAL A 794 33.31 -29.93 10.78
N TRP A 795 33.68 -29.59 12.02
CA TRP A 795 35.07 -29.34 12.35
C TRP A 795 35.92 -30.60 12.25
N ASN A 796 35.32 -31.74 12.53
CA ASN A 796 36.02 -33.01 12.36
C ASN A 796 36.25 -33.31 10.89
N GLY A 797 35.20 -33.14 10.08
CA GLY A 797 35.34 -33.32 8.65
C GLY A 797 36.40 -32.41 8.07
N LEU A 798 36.40 -31.16 8.53
CA LEU A 798 37.34 -30.16 8.07
C LEU A 798 38.77 -30.51 8.46
N GLY A 799 38.94 -30.94 9.71
CA GLY A 799 40.24 -31.35 10.20
C GLY A 799 40.77 -32.54 9.42
N GLU A 800 39.88 -33.44 9.03
CA GLU A 800 40.28 -34.59 8.25
C GLU A 800 40.69 -34.19 6.83
N VAL A 801 39.97 -33.22 6.27
CA VAL A 801 40.34 -32.69 4.95
C VAL A 801 41.71 -32.02 4.98
N LEU A 802 41.89 -31.11 5.93
CA LEU A 802 43.14 -30.38 6.08
C LEU A 802 44.30 -31.33 6.35
N GLN A 803 44.04 -32.34 7.18
CA GLN A 803 45.05 -33.35 7.50
C GLN A 803 45.44 -34.13 6.23
N ALA A 804 44.43 -34.45 5.42
CA ALA A 804 44.68 -35.15 4.17
C ALA A 804 45.51 -34.32 3.21
N GLN A 805 45.26 -33.01 3.21
CA GLN A 805 45.97 -32.11 2.31
C GLN A 805 47.41 -31.86 2.77
N GLY A 806 47.69 -32.19 4.02
CA GLY A 806 49.02 -32.01 4.57
C GLY A 806 49.12 -30.81 5.49
N ASN A 807 47.98 -30.18 5.74
CA ASN A 807 47.92 -29.03 6.65
C ASN A 807 47.61 -29.47 8.07
N ASP A 808 48.64 -29.92 8.78
CA ASP A 808 48.47 -30.58 10.07
C ASP A 808 48.09 -29.63 11.20
N ALA A 809 48.68 -28.45 11.23
CA ALA A 809 48.39 -27.47 12.28
C ALA A 809 46.91 -27.09 12.28
N ALA A 810 46.42 -26.65 11.12
CA ALA A 810 45.03 -26.26 10.97
C ALA A 810 44.10 -27.44 11.26
N ALA A 811 44.54 -28.63 10.87
CA ALA A 811 43.77 -29.85 11.10
C ALA A 811 43.58 -30.11 12.60
N THR A 812 44.66 -29.99 13.36
CA THR A 812 44.60 -30.20 14.80
C THR A 812 43.79 -29.10 15.48
N GLU A 813 43.88 -27.89 14.95
CA GLU A 813 43.02 -26.79 15.38
C GLU A 813 41.56 -27.20 15.27
N CYS A 814 41.19 -27.67 14.08
CA CYS A 814 39.84 -28.16 13.81
C CYS A 814 39.40 -29.24 14.78
N PHE A 815 40.26 -30.25 14.95
CA PHE A 815 39.97 -31.36 15.85
C PHE A 815 39.73 -30.89 17.28
N LEU A 816 40.55 -29.96 17.74
CA LEU A 816 40.41 -29.40 19.09
C LEU A 816 39.06 -28.70 19.25
N THR A 817 38.73 -27.86 18.27
CA THR A 817 37.46 -27.16 18.29
C THR A 817 36.31 -28.17 18.34
N ALA A 818 36.44 -29.25 17.58
CA ALA A 818 35.43 -30.30 17.56
C ALA A 818 35.26 -30.96 18.93
N LEU A 819 36.38 -31.19 19.62
CA LEU A 819 36.34 -31.79 20.95
C LEU A 819 35.66 -30.87 21.97
N GLU A 820 36.07 -29.60 21.96
CA GLU A 820 35.49 -28.63 22.90
C GLU A 820 34.01 -28.44 22.64
N LEU A 821 33.61 -28.45 21.38
CA LEU A 821 32.21 -28.30 21.01
C LEU A 821 31.38 -29.51 21.41
N GLU A 822 31.87 -30.71 21.11
CA GLU A 822 31.14 -31.93 21.45
C GLU A 822 31.07 -32.12 22.96
N ALA A 823 31.98 -31.47 23.68
CA ALA A 823 31.93 -31.46 25.14
C ALA A 823 30.60 -30.90 25.65
N SER A 824 30.07 -29.89 24.98
CA SER A 824 28.86 -29.21 25.43
C SER A 824 27.72 -29.29 24.42
N SER A 825 27.64 -30.39 23.68
CA SER A 825 26.57 -30.57 22.71
C SER A 825 25.34 -31.20 23.34
N PRO A 826 24.19 -30.52 23.22
CA PRO A 826 22.91 -31.05 23.70
C PRO A 826 22.35 -32.09 22.75
N ALA A 827 21.46 -32.95 23.24
CA ALA A 827 20.87 -34.00 22.43
C ALA A 827 19.98 -33.41 21.34
N VAL A 828 19.50 -32.20 21.57
CA VAL A 828 18.68 -31.46 20.62
C VAL A 828 19.12 -30.00 20.65
N PRO A 829 19.24 -29.37 19.47
CA PRO A 829 19.58 -27.95 19.38
C PRO A 829 18.68 -27.06 20.23
N PHE A 830 19.28 -26.19 21.04
CA PHE A 830 18.53 -25.31 21.94
C PHE A 830 17.52 -24.44 21.20
N THR A 831 17.80 -24.18 19.93
CA THR A 831 16.96 -23.31 19.11
C THR A 831 15.61 -23.95 18.78
N ILE A 832 15.43 -25.22 19.14
CA ILE A 832 14.17 -25.91 18.95
C ILE A 832 13.07 -25.24 19.76
N ILE A 833 13.50 -24.57 20.83
CA ILE A 833 12.59 -23.81 21.67
C ILE A 833 12.36 -22.45 21.03
N PRO A 834 11.11 -22.16 20.65
CA PRO A 834 10.78 -20.94 19.91
C PRO A 834 11.10 -19.68 20.70
N ARG A 835 11.61 -18.68 20.01
CA ARG A 835 11.88 -17.38 20.61
C ARG A 835 10.78 -16.40 20.21
N VAL A 836 9.78 -16.27 21.07
CA VAL A 836 8.61 -15.45 20.78
C VAL A 836 8.30 -14.54 21.97
N LEU A 837 7.70 -13.38 21.69
CA LEU A 837 7.18 -12.53 22.75
C LEU A 837 5.93 -13.15 23.37
N GLY B 11 -19.89 -26.14 61.78
CA GLY B 11 -21.11 -25.94 62.54
C GLY B 11 -22.35 -25.98 61.68
N VAL B 12 -22.72 -24.83 61.11
CA VAL B 12 -23.84 -24.73 60.19
C VAL B 12 -23.60 -25.58 58.94
N VAL B 13 -22.36 -25.56 58.47
CA VAL B 13 -21.95 -26.34 57.31
C VAL B 13 -22.21 -27.83 57.53
N GLU B 14 -21.81 -28.32 58.69
CA GLU B 14 -21.99 -29.73 59.05
C GLU B 14 -23.47 -30.09 59.08
N GLU B 15 -24.28 -29.18 59.60
CA GLU B 15 -25.73 -29.37 59.65
C GLU B 15 -26.29 -29.45 58.23
N TRP B 16 -25.75 -28.63 57.34
CA TRP B 16 -26.14 -28.65 55.92
C TRP B 16 -25.79 -29.99 55.29
N LEU B 17 -24.59 -30.48 55.59
CA LEU B 17 -24.14 -31.79 55.13
C LEU B 17 -25.10 -32.89 55.55
N SER B 18 -25.36 -32.96 56.85
CA SER B 18 -26.24 -33.98 57.40
C SER B 18 -27.68 -33.89 56.88
N GLU B 19 -28.15 -32.66 56.68
CA GLU B 19 -29.48 -32.44 56.15
C GLU B 19 -29.61 -32.98 54.72
N PRO B 29 -36.57 -31.49 45.51
CA PRO B 29 -37.31 -30.37 44.93
C PRO B 29 -37.63 -29.29 45.95
N ASN B 30 -38.19 -29.68 47.10
CA ASN B 30 -38.44 -28.74 48.19
C ASN B 30 -37.12 -28.16 48.67
N TYR B 31 -36.10 -29.01 48.66
CA TYR B 31 -34.74 -28.62 49.04
C TYR B 31 -34.22 -27.53 48.12
N ALA B 32 -34.49 -27.68 46.83
CA ALA B 32 -34.07 -26.71 45.82
C ALA B 32 -34.69 -25.35 46.06
N THR B 33 -35.93 -25.35 46.54
CA THR B 33 -36.64 -24.11 46.84
C THR B 33 -36.77 -23.89 48.35
N SER B 40 -26.45 -17.29 55.81
CA SER B 40 -25.35 -17.61 56.71
C SER B 40 -24.59 -18.84 56.23
N LEU B 41 -25.33 -19.80 55.70
CA LEU B 41 -24.74 -21.03 55.16
C LEU B 41 -23.77 -20.73 54.02
N VAL B 42 -24.16 -19.82 53.14
CA VAL B 42 -23.35 -19.47 51.98
C VAL B 42 -22.03 -18.81 52.42
N SER B 43 -22.12 -17.90 53.38
CA SER B 43 -20.94 -17.23 53.92
C SER B 43 -19.97 -18.23 54.56
N SER B 44 -20.52 -19.12 55.38
CA SER B 44 -19.71 -20.14 56.05
C SER B 44 -19.04 -21.04 55.02
N LEU B 45 -19.77 -21.38 53.96
CA LEU B 45 -19.22 -22.20 52.88
C LEU B 45 -18.07 -21.47 52.18
N TYR B 46 -18.26 -20.17 51.94
CA TYR B 46 -17.19 -19.34 51.39
C TYR B 46 -15.95 -19.41 52.27
N LYS B 47 -16.14 -19.24 53.58
CA LYS B 47 -15.04 -19.31 54.53
C LYS B 47 -14.36 -20.68 54.51
N VAL B 48 -15.14 -21.73 54.28
CA VAL B 48 -14.57 -23.07 54.15
C VAL B 48 -13.72 -23.16 52.89
N ILE B 49 -14.16 -22.52 51.82
CA ILE B 49 -13.41 -22.53 50.57
C ILE B 49 -12.08 -21.77 50.68
N GLN B 50 -12.14 -20.58 51.28
CA GLN B 50 -10.96 -19.74 51.46
C GLN B 50 -9.90 -20.39 52.34
N GLU B 51 -10.32 -20.88 53.50
CA GLU B 51 -9.41 -21.56 54.43
C GLU B 51 -9.13 -23.00 54.03
N PRO B 52 -7.85 -23.39 54.00
CA PRO B 52 -7.46 -24.75 53.63
C PRO B 52 -7.56 -25.71 54.81
N LEU B 57 -13.47 -29.23 54.11
CA LEU B 57 -13.29 -28.84 52.71
C LEU B 57 -13.74 -29.94 51.75
N GLU B 58 -13.27 -31.16 52.01
CA GLU B 58 -13.61 -32.31 51.17
C GLU B 58 -15.12 -32.61 51.10
N PRO B 59 -15.81 -32.68 52.26
CA PRO B 59 -17.23 -32.98 52.14
C PRO B 59 -18.02 -31.87 51.44
N VAL B 60 -17.57 -30.63 51.59
CA VAL B 60 -18.18 -29.51 50.88
C VAL B 60 -18.05 -29.70 49.36
N CYS B 61 -16.85 -30.02 48.92
CA CYS B 61 -16.58 -30.23 47.49
C CYS B 61 -17.39 -31.41 46.94
N HIS B 62 -17.44 -32.48 47.71
CA HIS B 62 -18.19 -33.68 47.31
C HIS B 62 -19.68 -33.40 47.22
N GLN B 63 -20.21 -32.63 48.17
CA GLN B 63 -21.64 -32.30 48.16
C GLN B 63 -21.98 -31.34 47.02
N LEU B 64 -21.06 -30.43 46.69
CA LEU B 64 -21.24 -29.54 45.56
C LEU B 64 -21.23 -30.30 44.24
N PHE B 65 -20.26 -31.21 44.09
CA PHE B 65 -20.19 -32.05 42.90
C PHE B 65 -21.44 -32.92 42.80
N GLU B 66 -21.93 -33.39 43.94
CA GLU B 66 -23.14 -34.19 43.99
C GLU B 66 -24.35 -33.35 43.58
N PHE B 67 -24.32 -32.07 43.94
CA PHE B 67 -25.33 -31.12 43.50
C PHE B 67 -25.32 -30.97 41.99
N TYR B 68 -24.14 -30.79 41.42
CA TYR B 68 -24.02 -30.61 39.97
C TYR B 68 -24.39 -31.88 39.22
N ARG B 69 -24.19 -33.02 39.87
CA ARG B 69 -24.48 -34.32 39.26
C ARG B 69 -25.99 -34.52 39.04
N SER B 70 -26.80 -33.99 39.96
CA SER B 70 -28.25 -34.11 39.86
C SER B 70 -28.82 -33.24 38.73
N GLY B 71 -30.05 -33.53 38.32
CA GLY B 71 -30.68 -32.81 37.24
C GLY B 71 -31.16 -31.39 37.54
N GLU B 72 -31.64 -31.16 38.75
CA GLU B 72 -32.26 -29.89 39.11
C GLU B 72 -31.31 -28.70 38.98
N GLU B 73 -31.75 -27.69 38.23
CA GLU B 73 -30.90 -26.56 37.87
C GLU B 73 -30.52 -25.65 39.04
N GLN B 74 -31.39 -25.56 40.04
CA GLN B 74 -31.15 -24.69 41.18
C GLN B 74 -29.91 -25.07 41.97
N LEU B 75 -29.65 -26.37 42.04
CA LEU B 75 -28.45 -26.87 42.71
C LEU B 75 -27.23 -26.52 41.87
N LEU B 76 -27.39 -26.62 40.55
CA LEU B 76 -26.34 -26.25 39.60
C LEU B 76 -25.95 -24.80 39.86
N GLN B 77 -26.97 -23.96 40.03
CA GLN B 77 -26.77 -22.55 40.31
C GLN B 77 -26.13 -22.36 41.68
N PHE B 78 -26.53 -23.19 42.64
CA PHE B 78 -26.00 -23.10 44.00
C PHE B 78 -24.51 -23.35 44.02
N THR B 79 -24.06 -24.33 43.24
CA THR B 79 -22.62 -24.61 43.15
C THR B 79 -21.93 -23.54 42.32
N LEU B 80 -22.62 -23.06 41.29
CA LEU B 80 -22.05 -22.11 40.35
C LEU B 80 -21.62 -20.79 41.01
N GLN B 81 -22.27 -20.43 42.11
CA GLN B 81 -21.90 -19.20 42.81
C GLN B 81 -20.54 -19.32 43.50
N PHE B 82 -20.19 -20.54 43.90
CA PHE B 82 -18.93 -20.79 44.58
C PHE B 82 -17.79 -21.01 43.59
N LEU B 83 -18.14 -21.19 42.31
CA LEU B 83 -17.17 -21.47 41.26
C LEU B 83 -15.96 -20.51 41.22
N PRO B 84 -16.20 -19.17 41.22
CA PRO B 84 -15.03 -18.30 41.12
C PRO B 84 -14.08 -18.43 42.30
N GLU B 85 -14.62 -18.51 43.52
CA GLU B 85 -13.78 -18.62 44.71
C GLU B 85 -13.01 -19.93 44.69
N LEU B 86 -13.64 -20.97 44.17
CA LEU B 86 -13.00 -22.27 44.03
C LEU B 86 -11.83 -22.18 43.06
N ILE B 87 -12.05 -21.51 41.94
CA ILE B 87 -10.99 -21.32 40.94
C ILE B 87 -9.82 -20.53 41.53
N TRP B 88 -10.12 -19.44 42.23
CA TRP B 88 -9.10 -18.62 42.85
C TRP B 88 -8.30 -19.41 43.89
N CYS B 89 -8.99 -20.23 44.66
CA CYS B 89 -8.31 -21.07 45.65
C CYS B 89 -7.41 -22.08 44.97
N TYR B 90 -7.90 -22.68 43.89
CA TYR B 90 -7.13 -23.64 43.13
C TYR B 90 -5.84 -23.04 42.60
N LEU B 91 -5.95 -21.87 41.97
CA LEU B 91 -4.79 -21.18 41.41
C LEU B 91 -3.83 -20.71 42.50
N ALA B 92 -4.39 -20.27 43.63
CA ALA B 92 -3.57 -19.81 44.76
C ALA B 92 -2.74 -20.94 45.35
N VAL B 93 -3.37 -22.10 45.56
CA VAL B 93 -2.67 -23.27 46.07
C VAL B 93 -1.64 -23.72 45.02
N SER B 94 -2.02 -23.60 43.75
CA SER B 94 -1.18 -23.96 42.63
C SER B 94 0.10 -23.13 42.58
N ALA B 95 0.00 -21.87 42.97
CA ALA B 95 1.17 -20.99 42.96
C ALA B 95 2.24 -21.41 43.98
N SER B 96 1.83 -21.70 45.20
CA SER B 96 2.77 -22.19 46.20
C SER B 96 2.39 -23.58 46.68
N GLY B 103 -6.34 -31.40 47.01
CA GLY B 103 -6.67 -32.20 45.86
C GLY B 103 -8.16 -32.33 45.63
N CYS B 104 -8.94 -31.64 46.46
CA CYS B 104 -10.40 -31.72 46.41
C CYS B 104 -10.99 -30.74 45.41
N ILE B 105 -10.57 -29.48 45.47
CA ILE B 105 -11.09 -28.45 44.59
C ILE B 105 -10.85 -28.77 43.12
N GLU B 106 -9.65 -29.24 42.79
CA GLU B 106 -9.32 -29.61 41.43
C GLU B 106 -10.21 -30.77 40.96
N ALA B 107 -10.48 -31.70 41.86
CA ALA B 107 -11.36 -32.83 41.56
C ALA B 107 -12.79 -32.35 41.28
N LEU B 108 -13.25 -31.39 42.07
CA LEU B 108 -14.59 -30.81 41.89
C LEU B 108 -14.70 -30.07 40.55
N LEU B 109 -13.74 -29.19 40.29
CA LEU B 109 -13.71 -28.42 39.05
C LEU B 109 -13.67 -29.34 37.83
N LEU B 110 -12.82 -30.37 37.90
CA LEU B 110 -12.67 -31.30 36.80
C LEU B 110 -13.96 -32.11 36.60
N GLY B 111 -14.56 -32.52 37.71
CA GLY B 111 -15.80 -33.28 37.68
C GLY B 111 -16.93 -32.49 37.03
N VAL B 112 -17.09 -31.23 37.44
CA VAL B 112 -18.08 -30.35 36.86
C VAL B 112 -17.78 -30.11 35.38
N TYR B 113 -16.50 -29.99 35.07
CA TYR B 113 -16.05 -29.80 33.69
C TYR B 113 -16.51 -30.97 32.81
N ASN B 114 -16.24 -32.19 33.26
CA ASN B 114 -16.67 -33.39 32.54
C ASN B 114 -18.19 -33.46 32.44
N LEU B 115 -18.85 -33.08 33.52
CA LEU B 115 -20.31 -33.03 33.57
C LEU B 115 -20.89 -32.12 32.50
N GLU B 116 -20.27 -30.96 32.29
CA GLU B 116 -20.76 -29.99 31.32
C GLU B 116 -20.44 -30.35 29.87
N ILE B 117 -19.21 -30.80 29.62
CA ILE B 117 -18.81 -31.13 28.26
C ILE B 117 -19.54 -32.36 27.75
N LYS B 125 -20.85 -32.07 23.20
CA LYS B 125 -21.36 -30.70 23.18
C LYS B 125 -20.51 -29.76 22.34
N VAL B 126 -21.16 -29.06 21.41
CA VAL B 126 -20.53 -28.01 20.63
C VAL B 126 -21.41 -26.77 20.63
N LEU B 127 -20.86 -25.64 21.06
CA LEU B 127 -21.63 -24.41 21.17
C LEU B 127 -21.43 -23.53 19.94
N SER B 128 -22.47 -23.42 19.12
CA SER B 128 -22.41 -22.66 17.88
C SER B 128 -23.59 -21.70 17.76
N PHE B 129 -23.34 -20.55 17.13
CA PHE B 129 -24.42 -19.60 16.84
C PHE B 129 -24.34 -19.11 15.40
N THR B 130 -25.51 -18.85 14.81
CA THR B 130 -25.58 -18.36 13.44
C THR B 130 -25.27 -16.87 13.39
N ILE B 131 -24.63 -16.43 12.32
CA ILE B 131 -24.33 -15.01 12.13
C ILE B 131 -25.33 -14.39 11.16
N PRO B 132 -26.07 -13.37 11.61
CA PRO B 132 -27.17 -12.79 10.83
C PRO B 132 -26.68 -12.06 9.57
N SER B 133 -27.50 -12.11 8.52
CA SER B 133 -27.22 -11.37 7.30
C SER B 133 -28.40 -10.48 6.94
N LEU B 134 -28.11 -9.24 6.59
CA LEU B 134 -29.12 -8.26 6.22
C LEU B 134 -29.76 -8.56 4.87
N SER B 135 -29.12 -9.42 4.08
CA SER B 135 -29.62 -9.77 2.76
C SER B 135 -30.83 -10.71 2.83
N LYS B 136 -31.06 -11.26 4.02
CA LYS B 136 -32.20 -12.15 4.25
C LYS B 136 -33.20 -11.50 5.20
N PRO B 137 -34.48 -11.47 4.80
CA PRO B 137 -35.58 -10.96 5.62
C PRO B 137 -35.49 -11.45 7.06
N SER B 138 -35.68 -10.55 8.01
CA SER B 138 -35.55 -10.90 9.41
C SER B 138 -36.80 -10.54 10.20
N VAL B 139 -36.81 -10.97 11.46
CA VAL B 139 -37.92 -10.69 12.36
C VAL B 139 -38.03 -9.18 12.65
N TYR B 140 -36.96 -8.44 12.38
CA TYR B 140 -36.95 -7.01 12.68
C TYR B 140 -36.86 -6.09 11.46
N HIS B 141 -36.52 -6.65 10.30
CA HIS B 141 -36.33 -5.80 9.13
C HIS B 141 -36.53 -6.52 7.80
N GLU B 142 -36.61 -5.72 6.73
CA GLU B 142 -36.69 -6.23 5.37
C GLU B 142 -35.55 -5.63 4.53
N PRO B 143 -34.84 -6.47 3.78
CA PRO B 143 -33.73 -6.00 2.94
C PRO B 143 -34.20 -5.11 1.79
N SER B 162 -24.93 -19.13 8.11
CA SER B 162 -23.74 -19.93 8.36
C SER B 162 -23.51 -20.14 9.85
N LYS B 163 -23.32 -21.39 10.25
CA LYS B 163 -23.05 -21.73 11.64
C LYS B 163 -21.56 -21.61 11.99
N VAL B 164 -21.27 -20.93 13.09
CA VAL B 164 -19.89 -20.75 13.53
C VAL B 164 -19.72 -21.25 14.96
N VAL B 165 -18.59 -21.90 15.23
CA VAL B 165 -18.33 -22.47 16.55
C VAL B 165 -17.43 -21.55 17.38
N TYR B 166 -17.87 -21.21 18.59
CA TYR B 166 -17.08 -20.37 19.47
C TYR B 166 -16.52 -21.17 20.65
N SER B 167 -17.08 -22.35 20.88
CA SER B 167 -16.60 -23.23 21.95
C SER B 167 -16.98 -24.69 21.72
N GLY B 168 -16.01 -25.51 21.35
CA GLY B 168 -16.22 -26.93 21.21
C GLY B 168 -15.44 -27.53 20.05
N PRO B 169 -15.23 -28.85 20.08
CA PRO B 169 -15.64 -29.75 21.16
C PRO B 169 -14.53 -30.03 22.17
N HIS B 170 -14.88 -30.02 23.45
CA HIS B 170 -13.90 -30.26 24.51
C HIS B 170 -13.86 -31.75 24.88
N PRO B 171 -12.66 -32.30 25.06
CA PRO B 171 -12.47 -33.71 25.39
C PRO B 171 -12.58 -33.99 26.90
N GLN B 172 -12.83 -35.25 27.25
CA GLN B 172 -12.93 -35.66 28.64
C GLN B 172 -11.55 -35.82 29.25
N ARG B 173 -11.32 -35.21 30.41
CA ARG B 173 -10.00 -35.24 31.03
C ARG B 173 -10.05 -35.84 32.44
N GLU B 174 -9.25 -36.88 32.64
CA GLU B 174 -9.15 -37.55 33.94
C GLU B 174 -8.26 -36.76 34.90
N MET B 175 -7.32 -36.01 34.36
CA MET B 175 -6.34 -35.29 35.17
C MET B 175 -6.17 -33.85 34.71
N LEU B 176 -5.80 -32.97 35.63
CA LEU B 176 -5.48 -31.58 35.29
C LEU B 176 -4.00 -31.41 35.00
N THR B 177 -3.69 -30.91 33.81
CA THR B 177 -2.31 -30.67 33.41
C THR B 177 -2.16 -29.19 33.09
N ALA B 178 -0.93 -28.75 32.88
CA ALA B 178 -0.65 -27.33 32.66
C ALA B 178 -1.33 -26.78 31.40
N GLN B 179 -1.34 -27.57 30.32
CA GLN B 179 -1.96 -27.15 29.07
C GLN B 179 -3.50 -27.20 29.10
N ASN B 180 -4.08 -28.32 29.52
CA ASN B 180 -5.54 -28.46 29.50
C ASN B 180 -6.29 -27.64 30.56
N ARG B 181 -5.65 -27.40 31.70
CA ARG B 181 -6.31 -26.76 32.83
C ARG B 181 -6.98 -25.42 32.48
N PHE B 182 -6.41 -24.67 31.55
CA PHE B 182 -7.00 -23.38 31.19
C PHE B 182 -8.07 -23.50 30.11
N GLU B 183 -8.01 -24.55 29.30
CA GLU B 183 -9.15 -24.89 28.45
C GLU B 183 -10.33 -25.16 29.37
N VAL B 184 -10.05 -25.96 30.41
CA VAL B 184 -11.05 -26.36 31.39
C VAL B 184 -11.63 -25.16 32.13
N LEU B 185 -10.76 -24.32 32.66
CA LEU B 185 -11.16 -23.17 33.45
C LEU B 185 -11.90 -22.14 32.59
N THR B 186 -11.40 -21.90 31.37
CA THR B 186 -12.08 -21.00 30.45
C THR B 186 -13.49 -21.50 30.15
N PHE B 187 -13.62 -22.79 29.89
CA PHE B 187 -14.93 -23.37 29.60
C PHE B 187 -15.87 -23.26 30.80
N LEU B 188 -15.35 -23.53 31.99
CA LEU B 188 -16.13 -23.41 33.23
C LEU B 188 -16.61 -21.98 33.43
N LEU B 189 -15.73 -21.02 33.16
CA LEU B 189 -16.09 -19.61 33.26
C LEU B 189 -17.16 -19.25 32.23
N LEU B 190 -17.10 -19.89 31.07
CA LEU B 190 -18.12 -19.70 30.05
C LEU B 190 -19.48 -20.21 30.55
N CYS B 191 -19.47 -21.37 31.19
CA CYS B 191 -20.67 -21.93 31.80
C CYS B 191 -21.20 -21.00 32.88
N TYR B 192 -20.28 -20.35 33.60
CA TYR B 192 -20.64 -19.38 34.62
C TYR B 192 -21.34 -18.18 33.98
N ASN B 193 -20.78 -17.70 32.87
CA ASN B 193 -21.33 -16.56 32.14
C ASN B 193 -22.69 -16.87 31.54
N ALA B 194 -22.90 -18.14 31.21
CA ALA B 194 -24.17 -18.58 30.61
C ALA B 194 -25.34 -18.38 31.56
N ALA B 195 -25.08 -18.54 32.87
CA ALA B 195 -26.13 -18.40 33.88
C ALA B 195 -25.93 -17.16 34.77
N LEU B 196 -25.46 -16.08 34.18
CA LEU B 196 -25.08 -14.88 34.93
C LEU B 196 -26.24 -14.16 35.64
N THR B 197 -27.43 -14.19 35.04
CA THR B 197 -28.59 -13.48 35.60
C THR B 197 -29.01 -14.07 36.94
N TYR B 198 -28.92 -15.38 37.07
CA TYR B 198 -29.32 -16.09 38.29
C TYR B 198 -28.26 -15.99 39.39
N MET B 199 -27.16 -15.32 39.09
CA MET B 199 -26.07 -15.19 40.06
C MET B 199 -26.28 -14.04 41.05
N PRO B 200 -26.12 -14.34 42.34
CA PRO B 200 -26.25 -13.33 43.41
C PRO B 200 -25.18 -12.27 43.34
N SER B 201 -25.43 -11.10 43.95
CA SER B 201 -24.50 -9.98 43.91
C SER B 201 -23.16 -10.31 44.55
N VAL B 202 -23.20 -11.13 45.60
CA VAL B 202 -21.99 -11.52 46.31
C VAL B 202 -21.06 -12.33 45.41
N SER B 203 -21.63 -13.22 44.62
CA SER B 203 -20.86 -14.04 43.69
C SER B 203 -20.22 -13.17 42.60
N LEU B 204 -20.95 -12.17 42.14
CA LEU B 204 -20.42 -11.23 41.17
C LEU B 204 -19.26 -10.44 41.77
N GLN B 205 -19.41 -10.03 43.03
CA GLN B 205 -18.36 -9.30 43.73
C GLN B 205 -17.10 -10.16 43.84
N SER B 206 -17.28 -11.40 44.26
CA SER B 206 -16.17 -12.35 44.36
C SER B 206 -15.52 -12.53 43.00
N LEU B 207 -16.33 -12.60 41.95
CA LEU B 207 -15.83 -12.73 40.59
C LEU B 207 -14.92 -11.56 40.23
N CYS B 208 -15.39 -10.35 40.50
CA CYS B 208 -14.60 -9.15 40.19
C CYS B 208 -13.28 -9.13 40.97
N GLN B 209 -13.38 -9.31 42.28
CA GLN B 209 -12.20 -9.29 43.15
C GLN B 209 -11.18 -10.33 42.71
N ILE B 210 -11.68 -11.50 42.33
CA ILE B 210 -10.84 -12.61 41.91
C ILE B 210 -10.18 -12.37 40.56
N CYS B 211 -10.94 -11.83 39.61
CA CYS B 211 -10.36 -11.44 38.32
C CYS B 211 -9.22 -10.45 38.54
N SER B 212 -9.47 -9.47 39.40
CA SER B 212 -8.45 -8.49 39.75
C SER B 212 -7.20 -9.15 40.35
N ARG B 213 -7.39 -9.94 41.40
CA ARG B 213 -6.30 -10.60 42.10
C ARG B 213 -5.48 -11.51 41.20
N ILE B 214 -6.16 -12.23 40.32
CA ILE B 214 -5.49 -13.11 39.36
C ILE B 214 -4.68 -12.28 38.38
N CYS B 215 -5.28 -11.21 37.88
CA CYS B 215 -4.61 -10.37 36.88
C CYS B 215 -3.36 -9.70 37.42
N VAL B 216 -3.39 -9.23 38.66
CA VAL B 216 -2.26 -8.45 39.17
C VAL B 216 -1.37 -9.14 40.21
N CYS B 217 -1.58 -10.44 40.41
CA CYS B 217 -0.97 -11.16 41.54
C CYS B 217 0.54 -10.96 41.72
N GLY B 218 1.33 -11.42 40.75
CA GLY B 218 2.77 -11.38 40.89
C GLY B 218 3.39 -10.09 40.43
N TYR B 219 2.53 -9.13 40.09
CA TYR B 219 2.96 -7.87 39.50
C TYR B 219 2.94 -6.74 40.51
N PRO B 220 3.71 -5.66 40.25
CA PRO B 220 3.81 -4.51 41.16
C PRO B 220 2.47 -3.94 41.59
N ARG B 221 1.48 -3.98 40.71
CA ARG B 221 0.17 -3.38 41.00
C ARG B 221 -0.53 -4.09 42.17
N GLN B 222 -0.15 -5.35 42.43
CA GLN B 222 -0.71 -6.08 43.57
C GLN B 222 -0.51 -5.30 44.86
N HIS B 223 0.70 -4.80 45.06
CA HIS B 223 1.05 -4.02 46.24
C HIS B 223 0.27 -2.71 46.33
N VAL B 224 -0.06 -2.15 45.17
CA VAL B 224 -0.88 -0.95 45.09
C VAL B 224 -2.30 -1.26 45.54
N ARG B 225 -2.81 -2.39 45.07
CA ARG B 225 -4.14 -2.88 45.40
C ARG B 225 -4.20 -3.41 46.83
N LYS B 226 -3.01 -3.59 47.41
CA LYS B 226 -2.84 -4.00 48.80
C LYS B 226 -3.33 -5.42 49.02
N TYR B 227 -3.42 -6.20 47.94
CA TYR B 227 -3.73 -7.61 48.06
C TYR B 227 -2.59 -8.29 48.79
N LYS B 228 -2.91 -9.05 49.83
CA LYS B 228 -1.88 -9.66 50.64
C LYS B 228 -2.03 -11.17 50.65
N GLY B 229 -0.89 -11.86 50.59
CA GLY B 229 -0.89 -13.31 50.54
C GLY B 229 0.25 -13.78 49.67
N ILE B 230 -0.10 -14.57 48.66
CA ILE B 230 0.90 -15.08 47.73
C ILE B 230 1.13 -14.08 46.60
N SER B 231 2.39 -13.74 46.35
CA SER B 231 2.74 -12.79 45.30
C SER B 231 3.47 -13.47 44.16
N SER B 232 2.80 -14.43 43.52
CA SER B 232 3.37 -15.15 42.40
C SER B 232 2.56 -14.94 41.13
N ARG B 233 3.24 -14.64 40.03
CA ARG B 233 2.55 -14.42 38.75
C ARG B 233 1.83 -15.68 38.29
N ILE B 234 0.51 -15.61 38.21
CA ILE B 234 -0.29 -16.73 37.73
C ILE B 234 -0.43 -16.66 36.21
N PRO B 235 0.11 -17.66 35.50
CA PRO B 235 0.00 -17.72 34.04
C PRO B 235 -1.46 -17.85 33.62
N VAL B 236 -1.92 -17.01 32.71
CA VAL B 236 -3.33 -16.98 32.33
C VAL B 236 -3.50 -16.96 30.82
N SER B 237 -4.41 -17.78 30.31
CA SER B 237 -4.72 -17.81 28.89
C SER B 237 -5.53 -16.59 28.49
N SER B 238 -5.52 -16.29 27.20
CA SER B 238 -6.22 -15.11 26.67
C SER B 238 -7.75 -15.27 26.73
N GLY B 239 -8.22 -16.44 26.31
CA GLY B 239 -9.64 -16.74 26.34
C GLY B 239 -10.21 -16.65 27.74
N PHE B 240 -9.38 -16.98 28.72
CA PHE B 240 -9.77 -16.89 30.11
C PHE B 240 -10.08 -15.44 30.48
N MET B 241 -9.21 -14.53 30.04
CA MET B 241 -9.41 -13.11 30.30
C MET B 241 -10.64 -12.59 29.57
N VAL B 242 -10.91 -13.12 28.38
CA VAL B 242 -12.13 -12.76 27.66
C VAL B 242 -13.37 -13.14 28.47
N GLN B 243 -13.40 -14.40 28.91
CA GLN B 243 -14.51 -14.90 29.72
C GLN B 243 -14.63 -14.13 31.03
N MET B 244 -13.49 -13.63 31.53
CA MET B 244 -13.51 -12.72 32.66
C MET B 244 -14.30 -11.48 32.29
N LEU B 245 -13.95 -10.90 31.14
CA LEU B 245 -14.56 -9.66 30.69
C LEU B 245 -16.06 -9.77 30.48
N THR B 246 -16.54 -10.96 30.13
CA THR B 246 -17.98 -11.17 30.03
C THR B 246 -18.66 -10.90 31.39
N GLY B 247 -18.19 -11.61 32.42
CA GLY B 247 -18.72 -11.46 33.76
C GLY B 247 -18.53 -10.08 34.36
N ILE B 248 -17.40 -9.44 34.03
CA ILE B 248 -17.13 -8.09 34.51
C ILE B 248 -18.08 -7.09 33.85
N TYR B 249 -18.34 -7.29 32.56
CA TYR B 249 -19.28 -6.46 31.83
C TYR B 249 -20.67 -6.59 32.42
N PHE B 250 -21.05 -7.83 32.75
CA PHE B 250 -22.32 -8.06 33.43
C PHE B 250 -22.37 -7.37 34.78
N ALA B 251 -21.28 -7.46 35.53
CA ALA B 251 -21.20 -6.89 36.87
C ALA B 251 -21.30 -5.36 36.85
N PHE B 252 -20.80 -4.76 35.77
CA PHE B 252 -20.83 -3.32 35.59
C PHE B 252 -22.24 -2.73 35.66
N TYR B 253 -23.18 -3.42 35.03
CA TYR B 253 -24.54 -2.91 34.93
C TYR B 253 -25.51 -3.58 35.89
N ASN B 254 -24.96 -4.29 36.88
CA ASN B 254 -25.80 -4.90 37.91
C ASN B 254 -25.39 -4.51 39.33
N GLY B 255 -24.96 -3.25 39.49
CA GLY B 255 -24.77 -2.69 40.81
C GLY B 255 -23.37 -2.75 41.37
N GLU B 256 -22.49 -3.47 40.68
CA GLU B 256 -21.12 -3.61 41.13
C GLU B 256 -20.18 -2.78 40.28
N TRP B 257 -20.48 -1.49 40.16
CA TRP B 257 -19.75 -0.59 39.28
C TRP B 257 -18.28 -0.43 39.64
N ASP B 258 -17.99 -0.26 40.92
CA ASP B 258 -16.63 0.02 41.38
C ASP B 258 -15.71 -1.19 41.22
N LEU B 259 -16.18 -2.34 41.70
CA LEU B 259 -15.41 -3.57 41.62
C LEU B 259 -15.18 -3.99 40.17
N ALA B 260 -16.19 -3.77 39.34
CA ALA B 260 -16.07 -4.05 37.92
C ALA B 260 -15.09 -3.06 37.28
N GLN B 261 -15.03 -1.85 37.82
CA GLN B 261 -14.07 -0.86 37.34
C GLN B 261 -12.64 -1.32 37.60
N LYS B 262 -12.37 -1.68 38.85
CA LYS B 262 -11.04 -2.19 39.22
C LYS B 262 -10.68 -3.44 38.42
N ALA B 263 -11.62 -4.38 38.34
CA ALA B 263 -11.40 -5.62 37.60
C ALA B 263 -11.08 -5.34 36.14
N LEU B 264 -11.84 -4.42 35.53
CA LEU B 264 -11.63 -4.05 34.13
C LEU B 264 -10.23 -3.47 33.95
N ASP B 265 -9.88 -2.54 34.84
CA ASP B 265 -8.57 -1.89 34.78
C ASP B 265 -7.44 -2.90 34.88
N ASP B 266 -7.59 -3.86 35.79
CA ASP B 266 -6.57 -4.88 35.99
C ASP B 266 -6.48 -5.84 34.80
N ILE B 267 -7.63 -6.16 34.21
CA ILE B 267 -7.64 -7.01 33.02
C ILE B 267 -6.92 -6.30 31.88
N ILE B 268 -7.16 -5.00 31.71
CA ILE B 268 -6.45 -4.23 30.70
C ILE B 268 -4.95 -4.21 30.98
N TYR B 269 -4.61 -4.04 32.26
CA TYR B 269 -3.24 -4.00 32.75
C TYR B 269 -2.47 -5.27 32.38
N ARG B 270 -3.04 -6.41 32.75
CA ARG B 270 -2.44 -7.70 32.49
C ARG B 270 -2.41 -8.02 31.00
N ALA B 271 -3.48 -7.64 30.29
CA ALA B 271 -3.56 -7.88 28.85
C ALA B 271 -2.51 -7.06 28.11
N GLN B 272 -2.12 -5.94 28.71
CA GLN B 272 -1.05 -5.13 28.14
C GLN B 272 0.30 -5.78 28.44
N LEU B 273 0.46 -6.24 29.67
CA LEU B 273 1.70 -6.94 30.04
C LEU B 273 1.87 -8.28 29.32
N GLU B 274 0.78 -9.03 29.16
CA GLU B 274 0.81 -10.32 28.50
C GLU B 274 0.82 -10.20 26.98
N LEU B 275 0.59 -8.99 26.47
CA LEU B 275 0.50 -8.74 25.03
C LEU B 275 -0.60 -9.60 24.41
N TYR B 276 -1.77 -9.59 25.03
CA TYR B 276 -2.93 -10.31 24.51
C TYR B 276 -3.86 -9.35 23.76
N PRO B 277 -4.02 -9.57 22.45
CA PRO B 277 -4.82 -8.68 21.61
C PRO B 277 -6.32 -8.69 21.96
N GLU B 278 -6.91 -9.87 22.10
CA GLU B 278 -8.35 -9.97 22.26
C GLU B 278 -8.91 -9.45 23.60
N PRO B 279 -8.29 -9.79 24.74
CA PRO B 279 -8.84 -9.23 25.98
C PRO B 279 -8.69 -7.72 26.02
N LEU B 280 -7.56 -7.25 25.52
CA LEU B 280 -7.29 -5.82 25.44
C LEU B 280 -8.33 -5.14 24.57
N LEU B 281 -8.68 -5.80 23.48
CA LEU B 281 -9.67 -5.32 22.52
C LEU B 281 -11.07 -5.21 23.15
N VAL B 282 -11.55 -6.30 23.74
CA VAL B 282 -12.87 -6.33 24.36
C VAL B 282 -12.98 -5.38 25.55
N ALA B 283 -11.97 -5.40 26.41
CA ALA B 283 -11.95 -4.52 27.57
C ALA B 283 -11.87 -3.05 27.12
N ASN B 284 -11.13 -2.77 26.06
CA ASN B 284 -11.07 -1.41 25.52
C ASN B 284 -12.45 -0.98 25.04
N ALA B 285 -13.16 -1.93 24.41
CA ALA B 285 -14.52 -1.66 23.96
C ALA B 285 -15.46 -1.37 25.13
N ILE B 286 -15.32 -2.17 26.19
CA ILE B 286 -16.14 -2.01 27.39
C ILE B 286 -15.91 -0.66 28.05
N LYS B 287 -14.64 -0.31 28.17
CA LYS B 287 -14.25 0.95 28.80
C LYS B 287 -14.73 2.14 27.98
N ALA B 288 -14.61 2.03 26.65
CA ALA B 288 -15.10 3.10 25.78
C ALA B 288 -16.63 3.23 25.81
N SER B 289 -17.32 2.09 25.97
CA SER B 289 -18.78 2.08 25.95
C SER B 289 -19.38 2.59 27.27
N LEU B 290 -18.55 2.67 28.30
CA LEU B 290 -19.00 3.08 29.62
C LEU B 290 -19.44 4.55 29.65
N PRO B 291 -20.56 4.84 30.31
CA PRO B 291 -21.04 6.22 30.49
C PRO B 291 -20.32 6.93 31.63
N SER C 2 -54.82 43.36 -6.25
CA SER C 2 -53.64 43.85 -5.56
C SER C 2 -52.82 42.71 -4.97
N ARG C 3 -53.36 42.09 -3.92
CA ARG C 3 -52.71 40.94 -3.29
C ARG C 3 -52.84 39.70 -4.16
N LEU C 4 -54.02 39.51 -4.71
CA LEU C 4 -54.30 38.37 -5.58
C LEU C 4 -53.42 38.42 -6.82
N GLU C 5 -53.18 39.63 -7.33
CA GLU C 5 -52.33 39.83 -8.49
C GLU C 5 -50.88 39.44 -8.20
N THR C 6 -50.42 39.77 -6.99
CA THR C 6 -49.06 39.43 -6.58
C THR C 6 -48.92 37.93 -6.33
N GLU C 7 -49.97 37.31 -5.79
CA GLU C 7 -49.97 35.87 -5.62
C GLU C 7 -49.91 35.17 -6.98
N ILE C 8 -50.64 35.73 -7.95
CA ILE C 8 -50.60 35.25 -9.33
C ILE C 8 -49.20 35.37 -9.90
N GLU C 9 -48.62 36.55 -9.77
CA GLU C 9 -47.28 36.86 -10.29
C GLU C 9 -46.23 35.90 -9.73
N ARG C 10 -46.23 35.74 -8.41
CA ARG C 10 -45.33 34.82 -7.74
C ARG C 10 -45.56 33.38 -8.19
N CYS C 11 -46.82 33.04 -8.41
CA CYS C 11 -47.18 31.69 -8.86
C CYS C 11 -46.68 31.43 -10.29
N ARG C 12 -46.57 32.50 -11.08
CA ARG C 12 -46.04 32.39 -12.43
C ARG C 12 -44.52 32.29 -12.41
N SER C 13 -43.90 33.04 -11.49
CA SER C 13 -42.45 33.05 -11.37
C SER C 13 -41.92 31.71 -10.89
N GLU C 14 -42.63 31.08 -9.95
CA GLU C 14 -42.21 29.78 -9.43
C GLU C 14 -42.82 28.64 -10.22
N CYS C 15 -43.46 28.98 -11.34
CA CYS C 15 -44.03 27.99 -12.27
C CYS C 15 -45.00 27.03 -11.61
N GLN C 16 -45.71 27.49 -10.58
CA GLN C 16 -46.72 26.67 -9.92
C GLN C 16 -48.03 26.77 -10.68
N TRP C 17 -48.08 26.16 -11.86
CA TRP C 17 -49.23 26.29 -12.75
C TRP C 17 -50.48 25.62 -12.20
N GLU C 18 -50.29 24.73 -11.23
CA GLU C 18 -51.41 24.01 -10.62
C GLU C 18 -52.35 24.95 -9.88
N ARG C 19 -51.79 26.01 -9.28
CA ARG C 19 -52.56 26.90 -8.43
C ARG C 19 -53.25 28.02 -9.22
N ILE C 20 -52.79 28.27 -10.44
CA ILE C 20 -53.31 29.38 -11.24
C ILE C 20 -54.83 29.31 -11.53
N PRO C 21 -55.37 28.14 -11.93
CA PRO C 21 -56.81 28.13 -12.21
C PRO C 21 -57.69 28.59 -11.05
N GLU C 22 -57.35 28.19 -9.83
CA GLU C 22 -58.10 28.63 -8.66
C GLU C 22 -57.92 30.13 -8.42
N LEU C 23 -56.72 30.62 -8.69
CA LEU C 23 -56.42 32.04 -8.51
C LEU C 23 -57.19 32.91 -9.49
N VAL C 24 -57.36 32.44 -10.73
CA VAL C 24 -58.12 33.20 -11.71
C VAL C 24 -59.61 32.95 -11.50
N LYS C 25 -59.94 31.89 -10.77
CA LYS C 25 -61.33 31.66 -10.36
C LYS C 25 -61.70 32.70 -9.30
N GLN C 26 -60.71 33.04 -8.46
CA GLN C 26 -60.90 34.10 -7.47
C GLN C 26 -60.85 35.48 -8.11
N LEU C 27 -60.22 35.55 -9.29
CA LEU C 27 -60.11 36.81 -10.02
C LEU C 27 -61.43 37.16 -10.69
N LEU C 31 -64.45 37.98 -8.64
CA LEU C 31 -64.86 39.32 -9.06
C LEU C 31 -65.30 39.30 -10.53
N ILE C 32 -66.13 40.26 -10.89
CA ILE C 32 -66.91 40.23 -12.12
C ILE C 32 -66.40 41.27 -13.14
N ALA C 33 -65.55 42.18 -12.70
CA ALA C 33 -64.89 43.10 -13.62
C ALA C 33 -64.13 42.31 -14.68
N ASN C 34 -64.61 42.36 -15.91
CA ASN C 34 -64.17 41.46 -16.97
C ASN C 34 -62.67 41.56 -17.27
N ASP C 35 -61.99 40.42 -17.14
CA ASP C 35 -60.55 40.35 -17.40
C ASP C 35 -60.21 39.31 -18.47
N ASP C 36 -59.46 39.75 -19.48
CA ASP C 36 -58.85 38.83 -20.43
C ASP C 36 -57.59 38.26 -19.78
N MET C 37 -57.25 38.84 -18.64
CA MET C 37 -56.17 38.35 -17.79
C MET C 37 -56.38 36.88 -17.46
N ALA C 38 -57.61 36.51 -17.14
CA ALA C 38 -57.96 35.14 -16.84
C ALA C 38 -57.67 34.23 -18.03
N GLU C 39 -57.98 34.72 -19.23
CA GLU C 39 -57.75 33.96 -20.45
C GLU C 39 -56.26 33.75 -20.70
N LEU C 40 -55.48 34.82 -20.53
CA LEU C 40 -54.04 34.75 -20.67
C LEU C 40 -53.45 33.75 -19.69
N LEU C 41 -53.86 33.84 -18.43
CA LEU C 41 -53.31 33.01 -17.38
C LEU C 41 -53.69 31.54 -17.58
N LEU C 42 -54.91 31.29 -18.01
CA LEU C 42 -55.35 29.92 -18.28
C LEU C 42 -54.61 29.33 -19.48
N GLY C 43 -54.42 30.15 -20.51
CA GLY C 43 -53.69 29.74 -21.69
C GLY C 43 -52.26 29.37 -21.37
N GLU C 44 -51.57 30.26 -20.66
CA GLU C 44 -50.19 30.02 -20.25
C GLU C 44 -50.09 28.79 -19.36
N SER C 45 -51.02 28.69 -18.41
CA SER C 45 -51.05 27.58 -17.47
C SER C 45 -51.17 26.24 -18.18
N LYS C 46 -52.19 26.12 -19.02
CA LYS C 46 -52.44 24.86 -19.71
C LYS C 46 -51.31 24.54 -20.69
N LEU C 47 -50.74 25.57 -21.31
CA LEU C 47 -49.62 25.34 -22.23
C LEU C 47 -48.41 24.78 -21.50
N GLU C 48 -47.93 25.52 -20.50
CA GLU C 48 -46.75 25.11 -19.74
C GLU C 48 -46.97 23.78 -19.02
N GLN C 49 -48.20 23.53 -18.59
CA GLN C 49 -48.54 22.27 -17.96
C GLN C 49 -48.42 21.12 -18.97
N TYR C 50 -48.95 21.36 -20.16
CA TYR C 50 -48.82 20.38 -21.25
C TYR C 50 -47.36 20.10 -21.53
N LEU C 51 -46.55 21.15 -21.52
CA LEU C 51 -45.12 21.03 -21.80
C LEU C 51 -44.40 20.29 -20.66
N LYS C 52 -44.95 20.38 -19.46
CA LYS C 52 -44.39 19.64 -18.32
C LYS C 52 -44.70 18.16 -18.43
N GLU C 53 -45.97 17.84 -18.70
CA GLU C 53 -46.41 16.46 -18.81
C GLU C 53 -45.84 15.80 -20.06
N HIS C 54 -45.68 16.60 -21.11
CA HIS C 54 -45.14 16.09 -22.38
C HIS C 54 -43.99 16.98 -22.86
N PRO C 55 -42.78 16.77 -22.31
CA PRO C 55 -41.59 17.58 -22.57
C PRO C 55 -41.17 17.56 -24.04
N LEU C 56 -40.73 18.72 -24.53
CA LEU C 56 -40.24 18.83 -25.90
C LEU C 56 -38.85 18.26 -26.04
N ARG C 57 -38.74 17.09 -26.68
CA ARG C 57 -37.43 16.50 -26.94
C ARG C 57 -36.79 17.20 -28.13
N GLN C 58 -35.46 17.19 -28.17
CA GLN C 58 -34.73 17.90 -29.21
C GLN C 58 -34.72 17.12 -30.53
N GLY C 59 -35.02 17.82 -31.62
CA GLY C 59 -35.05 17.22 -32.93
C GLY C 59 -36.30 16.38 -33.16
N ALA C 60 -37.35 16.69 -32.41
CA ALA C 60 -38.61 15.97 -32.52
C ALA C 60 -39.58 16.67 -33.46
N SER C 61 -40.40 15.89 -34.14
CA SER C 61 -41.40 16.43 -35.05
C SER C 61 -42.41 17.29 -34.31
N PRO C 62 -42.98 18.30 -35.00
CA PRO C 62 -43.98 19.19 -34.41
C PRO C 62 -45.17 18.46 -33.80
N ARG C 63 -45.71 18.99 -32.71
CA ARG C 63 -46.87 18.40 -32.05
C ARG C 63 -48.17 18.80 -32.75
N GLY C 64 -49.29 18.51 -32.09
CA GLY C 64 -50.59 18.88 -32.61
C GLY C 64 -51.16 17.88 -33.58
N PRO C 65 -52.50 17.78 -33.64
CA PRO C 65 -53.40 18.54 -32.75
C PRO C 65 -53.64 17.85 -31.41
N LYS C 66 -53.60 18.63 -30.34
CA LYS C 66 -53.89 18.12 -29.01
C LYS C 66 -54.95 19.00 -28.36
N PRO C 67 -55.83 18.40 -27.54
CA PRO C 67 -56.87 19.14 -26.83
C PRO C 67 -56.31 20.31 -26.01
N GLN C 68 -55.24 20.05 -25.27
CA GLN C 68 -54.61 21.07 -24.44
C GLN C 68 -54.19 22.28 -25.26
N LEU C 69 -53.52 22.02 -26.38
CA LEU C 69 -53.04 23.07 -27.26
C LEU C 69 -54.18 23.87 -27.87
N THR C 70 -55.28 23.18 -28.20
CA THR C 70 -56.44 23.84 -28.75
C THR C 70 -57.08 24.77 -27.72
N GLU C 71 -57.16 24.30 -26.47
CA GLU C 71 -57.66 25.13 -25.38
C GLU C 71 -56.79 26.37 -25.21
N VAL C 72 -55.48 26.16 -25.19
CA VAL C 72 -54.52 27.26 -25.11
C VAL C 72 -54.76 28.29 -26.20
N ARG C 73 -54.89 27.81 -27.44
CA ARG C 73 -55.12 28.70 -28.58
C ARG C 73 -56.42 29.48 -28.41
N LYS C 74 -57.46 28.83 -27.89
CA LYS C 74 -58.72 29.51 -27.67
C LYS C 74 -58.56 30.65 -26.66
N HIS C 75 -57.97 30.31 -25.51
CA HIS C 75 -57.73 31.31 -24.47
C HIS C 75 -56.95 32.51 -25.00
N LEU C 76 -55.80 32.25 -25.61
CA LEU C 76 -54.93 33.31 -26.11
C LEU C 76 -55.58 34.15 -27.20
N THR C 77 -56.19 33.48 -28.17
CA THR C 77 -56.85 34.19 -29.26
C THR C 77 -57.99 35.05 -28.73
N ALA C 78 -58.64 34.60 -27.66
CA ALA C 78 -59.67 35.42 -27.02
C ALA C 78 -59.04 36.66 -26.38
N ALA C 79 -58.04 36.44 -25.54
CA ALA C 79 -57.33 37.52 -24.86
C ALA C 79 -56.86 38.59 -25.82
N LEU C 80 -56.32 38.15 -26.96
CA LEU C 80 -55.82 39.07 -27.97
C LEU C 80 -56.97 39.71 -28.76
N ASP C 81 -58.06 38.96 -28.96
CA ASP C 81 -59.19 39.48 -29.70
C ASP C 81 -59.84 40.65 -28.98
N ARG C 82 -60.16 40.48 -27.71
CA ARG C 82 -60.85 41.53 -26.98
C ARG C 82 -59.92 42.69 -26.65
N GLY C 83 -58.69 42.37 -26.23
CA GLY C 83 -57.68 43.40 -25.99
C GLY C 83 -57.90 44.25 -24.75
N ASN C 84 -58.56 43.68 -23.75
CA ASN C 84 -58.72 44.38 -22.47
C ASN C 84 -57.55 44.09 -21.53
N LEU C 85 -56.34 44.42 -21.98
CA LEU C 85 -55.12 44.12 -21.22
C LEU C 85 -54.09 45.21 -21.35
N LYS C 86 -53.23 45.31 -20.34
CA LYS C 86 -52.07 46.20 -20.40
C LYS C 86 -51.15 45.72 -21.51
N SER C 87 -50.35 46.64 -22.06
CA SER C 87 -49.47 46.33 -23.18
C SER C 87 -48.50 45.20 -22.84
N GLU C 88 -48.08 45.14 -21.58
CA GLU C 88 -47.19 44.09 -21.10
C GLU C 88 -47.84 42.72 -21.28
N PHE C 89 -49.10 42.61 -20.87
CA PHE C 89 -49.82 41.35 -20.93
C PHE C 89 -50.28 41.00 -22.33
N LEU C 90 -50.48 42.01 -23.17
CA LEU C 90 -50.74 41.79 -24.59
C LEU C 90 -49.50 41.17 -25.23
N GLN C 91 -48.35 41.76 -24.92
CA GLN C 91 -47.07 41.24 -25.37
C GLN C 91 -46.89 39.81 -24.91
N GLU C 92 -47.18 39.54 -23.64
CA GLU C 92 -47.04 38.20 -23.10
C GLU C 92 -47.94 37.21 -23.82
N SER C 93 -49.19 37.63 -24.08
CA SER C 93 -50.12 36.81 -24.83
C SER C 93 -49.58 36.49 -26.22
N ASN C 94 -48.97 37.47 -26.85
CA ASN C 94 -48.37 37.27 -28.16
C ASN C 94 -47.19 36.29 -28.11
N LEU C 95 -46.36 36.40 -27.07
CA LEU C 95 -45.18 35.56 -26.95
C LEU C 95 -45.57 34.11 -26.67
N ILE C 96 -46.59 33.93 -25.84
CA ILE C 96 -47.10 32.60 -25.53
C ILE C 96 -47.76 32.02 -26.77
N MET C 97 -48.43 32.87 -27.54
CA MET C 97 -48.98 32.47 -28.82
C MET C 97 -47.87 31.99 -29.75
N ALA C 98 -46.76 32.72 -29.75
CA ALA C 98 -45.61 32.36 -30.56
C ALA C 98 -45.03 31.01 -30.15
N LYS C 99 -44.94 30.77 -28.84
CA LYS C 99 -44.43 29.50 -28.35
C LYS C 99 -45.35 28.35 -28.77
N LEU C 100 -46.65 28.58 -28.64
CA LEU C 100 -47.64 27.60 -29.10
C LEU C 100 -47.47 27.31 -30.59
N ASN C 101 -47.23 28.35 -31.36
CA ASN C 101 -47.02 28.21 -32.81
C ASN C 101 -45.74 27.45 -33.11
N TYR C 102 -44.73 27.59 -32.26
CA TYR C 102 -43.50 26.83 -32.43
C TYR C 102 -43.74 25.35 -32.15
N VAL C 103 -44.44 25.07 -31.06
CA VAL C 103 -44.76 23.70 -30.69
C VAL C 103 -45.60 23.02 -31.77
N GLU C 104 -46.61 23.72 -32.28
CA GLU C 104 -47.51 23.16 -33.29
C GLU C 104 -46.85 23.03 -34.66
N GLY C 105 -45.82 23.83 -34.92
CA GLY C 105 -45.04 23.70 -36.14
C GLY C 105 -45.04 24.87 -37.09
N ASP C 106 -45.65 25.99 -36.68
CA ASP C 106 -45.71 27.17 -37.54
C ASP C 106 -44.61 28.16 -37.17
N TYR C 107 -43.42 27.94 -37.73
CA TYR C 107 -42.24 28.73 -37.38
C TYR C 107 -42.28 30.14 -37.96
N LYS C 108 -42.80 30.26 -39.18
CA LYS C 108 -42.94 31.56 -39.83
C LYS C 108 -43.84 32.48 -39.01
N GLU C 109 -44.88 31.90 -38.44
CA GLU C 109 -45.86 32.66 -37.67
C GLU C 109 -45.25 33.14 -36.35
N ALA C 110 -44.55 32.24 -35.68
CA ALA C 110 -43.85 32.60 -34.45
C ALA C 110 -42.86 33.70 -34.72
N LEU C 111 -42.09 33.57 -35.81
CA LEU C 111 -41.09 34.56 -36.17
C LEU C 111 -41.73 35.91 -36.44
N ASN C 112 -42.87 35.88 -37.12
CA ASN C 112 -43.62 37.09 -37.41
C ASN C 112 -44.07 37.77 -36.11
N ILE C 113 -44.55 36.97 -35.16
CA ILE C 113 -44.98 37.48 -33.87
C ILE C 113 -43.82 38.12 -33.12
N TYR C 114 -42.69 37.42 -33.07
CA TYR C 114 -41.51 37.92 -32.39
C TYR C 114 -41.03 39.23 -33.00
N ALA C 115 -41.07 39.30 -34.33
CA ALA C 115 -40.65 40.50 -35.05
C ALA C 115 -41.61 41.66 -34.77
N ARG C 116 -42.89 41.35 -34.59
CA ARG C 116 -43.89 42.39 -34.34
C ARG C 116 -43.90 42.87 -32.90
N VAL C 117 -43.50 42.00 -31.97
CA VAL C 117 -43.41 42.39 -30.56
C VAL C 117 -42.15 43.22 -30.33
N GLY C 118 -41.03 42.72 -30.83
CA GLY C 118 -39.76 43.40 -30.66
C GLY C 118 -39.08 42.98 -29.37
N LEU C 119 -38.33 41.88 -29.43
CA LEU C 119 -37.70 41.32 -28.25
C LEU C 119 -36.62 42.21 -27.66
N ASP C 120 -35.89 42.90 -28.53
CA ASP C 120 -34.77 43.73 -28.09
C ASP C 120 -35.23 44.96 -27.31
N ASP C 121 -36.49 45.34 -27.48
CA ASP C 121 -37.02 46.54 -26.83
C ASP C 121 -37.76 46.23 -25.54
N LEU C 122 -37.82 44.94 -25.18
CA LEU C 122 -38.45 44.53 -23.94
C LEU C 122 -37.52 44.78 -22.75
N PRO C 123 -38.03 45.52 -21.75
CA PRO C 123 -37.28 45.85 -20.53
C PRO C 123 -36.79 44.63 -19.78
N LEU C 124 -35.65 44.76 -19.09
CA LEU C 124 -35.10 43.67 -18.31
C LEU C 124 -34.95 44.06 -16.84
N THR C 125 -35.12 45.35 -16.54
CA THR C 125 -34.92 45.86 -15.19
C THR C 125 -36.23 46.17 -14.48
N ALA C 126 -36.20 46.07 -13.15
CA ALA C 126 -37.38 46.27 -12.31
C ALA C 126 -38.52 45.38 -12.77
N VAL C 127 -38.19 44.13 -13.06
CA VAL C 127 -39.13 43.20 -13.69
C VAL C 127 -39.13 41.84 -12.99
N PRO C 128 -40.33 41.30 -12.74
CA PRO C 128 -40.54 39.99 -12.10
C PRO C 128 -39.91 38.84 -12.89
N PRO C 129 -39.46 37.78 -12.19
CA PRO C 129 -38.74 36.64 -12.77
C PRO C 129 -39.46 35.96 -13.94
N TYR C 130 -40.77 35.75 -13.82
CA TYR C 130 -41.52 35.06 -14.86
C TYR C 130 -41.33 35.74 -16.20
N ARG C 131 -41.28 37.07 -16.19
CA ARG C 131 -41.11 37.86 -17.40
C ARG C 131 -39.72 37.63 -18.00
N LEU C 132 -38.71 37.53 -17.14
CA LEU C 132 -37.35 37.19 -17.56
C LEU C 132 -37.34 35.84 -18.27
N ARG C 133 -37.98 34.85 -17.66
CA ARG C 133 -38.07 33.52 -18.24
C ARG C 133 -38.79 33.57 -19.59
N VAL C 134 -39.86 34.37 -19.67
CA VAL C 134 -40.63 34.50 -20.89
C VAL C 134 -39.78 35.08 -22.02
N ILE C 135 -39.00 36.11 -21.70
CA ILE C 135 -38.15 36.75 -22.70
C ILE C 135 -37.05 35.80 -23.16
N ALA C 136 -36.41 35.12 -22.21
CA ALA C 136 -35.36 34.15 -22.53
C ALA C 136 -35.88 33.05 -23.46
N GLU C 137 -36.98 32.43 -23.07
CA GLU C 137 -37.61 31.38 -23.88
C GLU C 137 -38.04 31.92 -25.24
N ALA C 138 -38.40 33.21 -25.28
CA ALA C 138 -38.81 33.85 -26.52
C ALA C 138 -37.63 33.94 -27.48
N TYR C 139 -36.48 34.38 -26.97
CA TYR C 139 -35.26 34.44 -27.77
C TYR C 139 -34.86 33.06 -28.26
N ALA C 140 -34.88 32.07 -27.37
CA ALA C 140 -34.53 30.70 -27.73
C ALA C 140 -35.44 30.18 -28.85
N THR C 141 -36.74 30.39 -28.69
CA THR C 141 -37.71 29.93 -29.68
C THR C 141 -37.51 30.63 -31.02
N LYS C 142 -37.28 31.94 -31.00
CA LYS C 142 -36.98 32.67 -32.22
C LYS C 142 -35.75 32.06 -32.90
N GLY C 143 -34.75 31.69 -32.10
CA GLY C 143 -33.57 31.03 -32.62
C GLY C 143 -33.90 29.71 -33.31
N LEU C 144 -34.69 28.89 -32.64
CA LEU C 144 -35.09 27.60 -33.17
C LEU C 144 -35.86 27.72 -34.48
N CYS C 145 -36.81 28.64 -34.51
CA CYS C 145 -37.62 28.88 -35.71
C CYS C 145 -36.75 29.40 -36.83
N LEU C 146 -35.79 30.26 -36.50
CA LEU C 146 -34.83 30.74 -37.48
C LEU C 146 -34.06 29.58 -38.09
N GLU C 147 -33.66 28.63 -37.24
CA GLU C 147 -32.94 27.45 -37.72
C GLU C 147 -33.82 26.56 -38.60
N LYS C 148 -35.12 26.52 -38.33
CA LYS C 148 -36.03 25.68 -39.11
C LYS C 148 -36.25 26.21 -40.54
N LEU C 149 -35.81 27.43 -40.81
CA LEU C 149 -35.95 28.01 -42.15
C LEU C 149 -34.78 27.61 -43.05
N PRO C 150 -35.06 27.41 -44.35
CA PRO C 150 -34.03 27.06 -45.32
C PRO C 150 -33.44 28.27 -46.02
N ASP C 161 -25.02 34.45 -43.18
CA ASP C 161 -25.29 35.70 -42.47
C ASP C 161 -26.42 35.52 -41.46
N ARG C 162 -27.38 34.67 -41.81
CA ARG C 162 -28.49 34.35 -40.91
C ARG C 162 -28.00 33.63 -39.66
N GLU C 163 -26.95 32.83 -39.85
CA GLU C 163 -26.38 32.03 -38.78
C GLU C 163 -25.97 32.89 -37.59
N GLN C 164 -25.41 34.06 -37.89
CA GLN C 164 -25.01 34.98 -36.83
C GLN C 164 -26.21 35.50 -36.05
N ASP C 165 -27.32 35.74 -36.75
CA ASP C 165 -28.54 36.20 -36.10
C ASP C 165 -29.12 35.10 -35.20
N VAL C 166 -29.07 33.87 -35.68
CA VAL C 166 -29.49 32.71 -34.91
C VAL C 166 -28.69 32.59 -33.61
N ILE C 167 -27.36 32.59 -33.77
CA ILE C 167 -26.46 32.48 -32.63
C ILE C 167 -26.67 33.64 -31.66
N THR C 168 -26.95 34.83 -32.20
CA THR C 168 -27.21 36.00 -31.36
C THR C 168 -28.47 35.78 -30.53
N CYS C 169 -29.50 35.24 -31.18
CA CYS C 169 -30.74 34.87 -30.47
C CYS C 169 -30.42 33.95 -29.31
N TYR C 170 -29.61 32.92 -29.56
CA TYR C 170 -29.27 31.98 -28.50
C TYR C 170 -28.40 32.59 -27.41
N GLU C 171 -27.58 33.58 -27.77
CA GLU C 171 -26.71 34.23 -26.80
C GLU C 171 -27.53 35.07 -25.83
N LYS C 172 -28.39 35.91 -26.39
CA LYS C 172 -29.29 36.71 -25.57
C LYS C 172 -30.17 35.80 -24.72
N ALA C 173 -30.65 34.71 -25.32
CA ALA C 173 -31.45 33.72 -24.62
C ALA C 173 -30.71 33.20 -23.39
N GLY C 174 -29.47 32.75 -23.59
CA GLY C 174 -28.67 32.20 -22.51
C GLY C 174 -28.40 33.20 -21.41
N ASP C 175 -27.99 34.40 -21.80
CA ASP C 175 -27.71 35.47 -20.84
C ASP C 175 -28.91 35.77 -19.96
N ILE C 176 -30.02 36.14 -20.61
CA ILE C 176 -31.24 36.48 -19.90
C ILE C 176 -31.74 35.30 -19.05
N ALA C 177 -31.52 34.09 -19.53
CA ALA C 177 -31.90 32.91 -18.78
C ALA C 177 -31.07 32.77 -17.50
N LEU C 178 -29.77 33.03 -17.59
CA LEU C 178 -28.91 33.04 -16.41
C LEU C 178 -29.44 34.05 -15.40
N LEU C 179 -29.74 35.24 -15.91
CA LEU C 179 -30.30 36.31 -15.09
C LEU C 179 -31.57 35.86 -14.37
N TYR C 180 -32.45 35.18 -15.11
CA TYR C 180 -33.70 34.68 -14.54
C TYR C 180 -33.46 33.63 -13.47
N LEU C 181 -32.52 32.72 -13.71
CA LEU C 181 -32.26 31.64 -12.77
C LEU C 181 -31.69 32.17 -11.46
N GLN C 182 -30.71 33.07 -11.57
CA GLN C 182 -30.15 33.72 -10.39
C GLN C 182 -31.24 34.48 -9.64
N GLU C 183 -32.07 35.21 -10.38
CA GLU C 183 -33.12 36.03 -9.79
C GLU C 183 -34.15 35.19 -9.05
N ILE C 184 -34.60 34.10 -9.68
CA ILE C 184 -35.64 33.26 -9.10
C ILE C 184 -35.09 32.48 -7.92
N GLU C 185 -33.81 32.13 -7.95
CA GLU C 185 -33.21 31.46 -6.80
C GLU C 185 -33.14 32.43 -5.62
N ARG C 186 -32.70 33.66 -5.90
CA ARG C 186 -32.63 34.71 -4.88
C ARG C 186 -34.01 34.98 -4.29
N VAL C 187 -35.05 34.91 -5.13
CA VAL C 187 -36.42 35.07 -4.66
C VAL C 187 -36.84 33.92 -3.75
N ILE C 188 -36.56 32.69 -4.19
CA ILE C 188 -36.96 31.52 -3.44
C ILE C 188 -36.21 31.43 -2.10
N LEU C 189 -35.03 32.07 -2.02
CA LEU C 189 -34.30 32.16 -0.76
C LEU C 189 -35.15 32.73 0.38
N SER C 190 -35.96 33.73 0.07
CA SER C 190 -36.87 34.33 1.05
C SER C 190 -38.32 33.92 0.80
N GLU C 207 -36.60 23.15 -12.19
CA GLU C 207 -36.03 22.35 -13.26
C GLU C 207 -36.06 23.10 -14.59
N LEU C 208 -34.94 23.04 -15.32
CA LEU C 208 -34.80 23.75 -16.59
C LEU C 208 -35.70 23.17 -17.67
N GLY C 209 -36.37 24.04 -18.42
CA GLY C 209 -37.20 23.61 -19.53
C GLY C 209 -36.40 23.43 -20.79
N PHE C 210 -37.04 22.92 -21.84
CA PHE C 210 -36.39 22.70 -23.12
C PHE C 210 -35.85 24.01 -23.71
N PHE C 211 -36.66 25.07 -23.59
CA PHE C 211 -36.28 26.37 -24.14
C PHE C 211 -35.10 26.98 -23.41
N LEU C 212 -35.03 26.76 -22.10
CA LEU C 212 -33.92 27.27 -21.31
C LEU C 212 -32.63 26.49 -21.56
N GLU C 213 -32.74 25.17 -21.63
CA GLU C 213 -31.60 24.33 -21.98
C GLU C 213 -31.03 24.75 -23.34
N THR C 214 -31.92 24.83 -24.32
CA THR C 214 -31.57 25.25 -25.66
C THR C 214 -30.89 26.63 -25.64
N GLY C 215 -31.52 27.57 -24.96
CA GLY C 215 -31.00 28.92 -24.86
C GLY C 215 -29.62 29.00 -24.23
N LEU C 216 -29.35 28.09 -23.30
CA LEU C 216 -28.08 28.06 -22.62
C LEU C 216 -26.96 27.45 -23.46
N GLN C 217 -27.26 26.36 -24.16
CA GLN C 217 -26.20 25.57 -24.80
C GLN C 217 -25.99 25.83 -26.30
N ARG C 218 -27.09 26.08 -27.00
CA ARG C 218 -27.10 26.07 -28.46
C ARG C 218 -26.13 27.09 -29.08
N ALA C 219 -25.86 28.17 -28.36
CA ALA C 219 -24.96 29.22 -28.86
C ALA C 219 -23.53 28.71 -29.03
N HIS C 220 -22.96 28.15 -27.97
CA HIS C 220 -21.59 27.64 -28.05
C HIS C 220 -21.56 26.34 -28.85
N VAL C 221 -22.67 25.60 -28.84
CA VAL C 221 -22.78 24.44 -29.72
C VAL C 221 -22.57 24.85 -31.19
N LEU C 222 -23.33 25.84 -31.62
CA LEU C 222 -23.23 26.34 -33.00
C LEU C 222 -21.87 26.97 -33.26
N TYR C 223 -21.30 27.63 -32.25
CA TYR C 223 -19.98 28.22 -32.39
C TYR C 223 -18.93 27.16 -32.69
N PHE C 224 -18.96 26.06 -31.96
CA PHE C 224 -18.00 24.98 -32.17
C PHE C 224 -18.31 24.18 -33.44
N LYS C 225 -19.56 24.22 -33.88
CA LYS C 225 -19.92 23.60 -35.16
C LYS C 225 -19.27 24.32 -36.33
N ASN C 226 -19.15 25.65 -36.22
CA ASN C 226 -18.59 26.46 -37.29
C ASN C 226 -17.07 26.53 -37.25
N GLY C 227 -16.48 25.93 -36.22
CA GLY C 227 -15.04 25.97 -36.03
C GLY C 227 -14.59 27.28 -35.42
N ASN C 228 -15.53 28.02 -34.85
CA ASN C 228 -15.23 29.28 -34.18
C ASN C 228 -14.83 29.04 -32.73
N LEU C 229 -13.56 28.68 -32.53
CA LEU C 229 -13.08 28.24 -31.21
C LEU C 229 -13.03 29.37 -30.19
N THR C 230 -12.52 30.53 -30.60
CA THR C 230 -12.40 31.69 -29.72
C THR C 230 -13.73 32.07 -29.11
N ARG C 231 -14.75 32.15 -29.95
CA ARG C 231 -16.07 32.60 -29.55
C ARG C 231 -16.77 31.55 -28.69
N GLY C 232 -16.61 30.29 -29.05
CA GLY C 232 -17.17 29.20 -28.28
C GLY C 232 -16.58 29.11 -26.88
N VAL C 233 -15.26 29.20 -26.80
CA VAL C 233 -14.57 29.29 -25.52
C VAL C 233 -15.10 30.50 -24.75
N GLY C 234 -15.32 31.59 -25.48
CA GLY C 234 -15.91 32.79 -24.91
C GLY C 234 -17.24 32.52 -24.23
N ARG C 235 -18.10 31.75 -24.89
CA ARG C 235 -19.39 31.38 -24.31
C ARG C 235 -19.23 30.48 -23.10
N PHE C 236 -18.36 29.49 -23.23
CA PHE C 236 -18.03 28.58 -22.13
C PHE C 236 -17.69 29.35 -20.86
N ARG C 237 -16.69 30.21 -20.98
CA ARG C 237 -16.24 31.03 -19.87
C ARG C 237 -17.38 31.92 -19.36
N GLU C 238 -18.08 32.57 -20.30
CA GLU C 238 -19.20 33.45 -19.96
C GLU C 238 -20.23 32.77 -19.06
N LEU C 239 -20.53 31.51 -19.34
CA LEU C 239 -21.46 30.75 -18.52
C LEU C 239 -20.84 30.30 -17.21
N LEU C 240 -19.59 29.85 -17.28
CA LEU C 240 -18.89 29.39 -16.08
C LEU C 240 -18.62 30.54 -15.11
N ARG C 241 -18.51 31.75 -15.62
CA ARG C 241 -18.25 32.91 -14.76
C ARG C 241 -19.48 33.38 -14.01
N ALA C 242 -20.67 33.11 -14.54
CA ALA C 242 -21.92 33.45 -13.86
C ALA C 242 -22.08 32.66 -12.56
N VAL C 243 -22.47 33.36 -11.49
CA VAL C 243 -22.61 32.74 -10.17
C VAL C 243 -23.56 31.55 -10.21
N GLU C 244 -23.14 30.46 -9.56
CA GLU C 244 -23.84 29.19 -9.61
C GLU C 244 -25.27 29.25 -9.06
N THR C 245 -26.17 28.61 -9.79
CA THR C 245 -27.55 28.42 -9.33
C THR C 245 -27.75 26.92 -9.22
N ARG C 246 -28.60 26.49 -8.29
CA ARG C 246 -28.90 25.07 -8.11
C ARG C 246 -29.35 24.44 -9.42
N THR C 247 -30.01 25.24 -10.26
CA THR C 247 -30.52 24.77 -11.53
C THR C 247 -29.43 24.72 -12.60
N THR C 248 -28.33 25.43 -12.36
CA THR C 248 -27.25 25.48 -13.35
C THR C 248 -26.07 24.56 -13.01
N GLN C 249 -26.04 24.09 -11.76
CA GLN C 249 -24.97 23.20 -11.28
C GLN C 249 -24.54 22.18 -12.32
N ASN C 250 -25.44 21.25 -12.64
CA ASN C 250 -25.19 20.21 -13.63
C ASN C 250 -24.57 20.78 -14.90
N LEU C 251 -25.22 21.79 -15.48
CA LEU C 251 -24.67 22.48 -16.64
C LEU C 251 -23.22 22.88 -16.37
N ARG C 252 -23.03 23.71 -15.35
CA ARG C 252 -21.69 24.21 -14.99
C ARG C 252 -20.67 23.08 -14.86
N MET C 253 -21.13 21.89 -14.46
CA MET C 253 -20.26 20.75 -14.38
C MET C 253 -19.76 20.36 -15.76
N THR C 254 -20.68 19.90 -16.61
CA THR C 254 -20.29 19.30 -17.88
C THR C 254 -19.50 20.29 -18.73
N ILE C 255 -20.07 21.49 -18.90
CA ILE C 255 -19.42 22.55 -19.65
C ILE C 255 -17.96 22.76 -19.18
N ALA C 256 -17.75 22.74 -17.86
CA ALA C 256 -16.41 22.95 -17.31
C ALA C 256 -15.49 21.89 -17.91
N ARG C 257 -15.88 20.63 -17.73
CA ARG C 257 -15.18 19.50 -18.31
C ARG C 257 -14.87 19.77 -19.78
N GLN C 258 -15.92 20.11 -20.53
CA GLN C 258 -15.78 20.36 -21.96
C GLN C 258 -14.73 21.43 -22.22
N LEU C 259 -14.82 22.56 -21.51
CA LEU C 259 -13.82 23.62 -21.67
C LEU C 259 -12.43 23.08 -21.41
N ALA C 260 -12.28 22.32 -20.33
CA ALA C 260 -11.00 21.71 -19.98
C ALA C 260 -10.48 20.90 -21.17
N GLU C 261 -11.35 20.09 -21.76
CA GLU C 261 -10.98 19.27 -22.92
C GLU C 261 -10.37 20.16 -24.00
N ILE C 262 -11.10 21.24 -24.31
CA ILE C 262 -10.67 22.14 -25.37
C ILE C 262 -9.37 22.84 -25.00
N LEU C 263 -9.15 23.08 -23.71
CA LEU C 263 -7.91 23.72 -23.28
C LEU C 263 -6.72 22.76 -23.40
N LEU C 264 -7.00 21.46 -23.41
CA LEU C 264 -5.91 20.48 -23.40
C LEU C 264 -5.53 20.00 -24.80
N ARG C 265 -6.51 19.78 -25.66
CA ARG C 265 -6.22 19.25 -26.99
C ARG C 265 -6.62 20.19 -28.13
N GLY C 266 -7.07 21.39 -27.77
CA GLY C 266 -7.53 22.34 -28.78
C GLY C 266 -6.67 23.58 -28.90
N MET C 267 -5.88 23.86 -27.86
CA MET C 267 -5.08 25.07 -27.82
C MET C 267 -3.63 24.80 -27.43
N CYS C 268 -2.85 25.87 -27.33
CA CYS C 268 -1.47 25.78 -26.89
C CYS C 268 -1.11 27.00 -26.06
N GLU C 269 0.11 27.03 -25.54
CA GLU C 269 0.54 28.12 -24.66
C GLU C 269 0.51 29.48 -25.37
N GLN C 270 0.87 29.51 -26.65
CA GLN C 270 0.92 30.76 -27.40
C GLN C 270 -0.45 31.23 -27.86
N SER C 271 -1.45 30.35 -27.77
CA SER C 271 -2.80 30.67 -28.22
C SER C 271 -3.67 31.14 -27.06
N TYR C 272 -3.16 30.97 -25.84
CA TYR C 272 -3.95 31.19 -24.65
C TYR C 272 -4.15 32.67 -24.30
N TRP C 273 -5.35 32.99 -23.85
CA TRP C 273 -5.64 34.28 -23.27
C TRP C 273 -6.46 34.07 -21.99
N ASN C 274 -6.32 34.96 -21.02
CA ASN C 274 -7.03 34.82 -19.74
C ASN C 274 -8.54 34.93 -19.93
N PRO C 275 -9.30 34.30 -19.01
CA PRO C 275 -10.76 34.50 -18.93
C PRO C 275 -11.12 35.97 -18.73
N LEU C 276 -10.24 36.72 -18.07
CA LEU C 276 -10.44 38.14 -17.81
C LEU C 276 -9.78 39.00 -18.89
N GLU C 277 -9.32 38.35 -19.95
CA GLU C 277 -8.56 39.04 -20.99
C GLU C 277 -9.31 39.04 -22.30
N ASP C 278 -9.05 40.05 -23.13
CA ASP C 278 -9.63 40.08 -24.47
C ASP C 278 -8.89 39.11 -25.37
N PRO C 279 -9.65 38.29 -26.11
CA PRO C 279 -9.12 37.33 -27.09
C PRO C 279 -8.37 38.06 -28.21
N PRO C 280 -7.39 37.38 -28.83
CA PRO C 280 -6.56 37.98 -29.89
C PRO C 280 -7.38 38.48 -31.07
N CYS C 281 -6.84 39.49 -31.76
CA CYS C 281 -7.54 40.10 -32.89
C CYS C 281 -7.63 39.14 -34.07
N GLN C 282 -6.48 38.61 -34.48
CA GLN C 282 -6.42 37.63 -35.56
C GLN C 282 -5.79 36.33 -35.07
N SER C 283 -6.54 35.24 -35.17
CA SER C 283 -6.08 33.95 -34.67
C SER C 283 -6.53 32.80 -35.56
N PRO C 284 -5.72 31.73 -35.63
CA PRO C 284 -6.04 30.54 -36.42
C PRO C 284 -7.28 29.80 -35.90
N LEU C 285 -7.61 30.00 -34.62
CA LEU C 285 -8.77 29.32 -34.04
C LEU C 285 -9.87 30.33 -33.69
N ASN C 294 -13.44 38.08 -32.05
CA ASN C 294 -14.37 38.02 -30.93
C ASN C 294 -14.67 39.40 -30.36
N THR C 295 -15.63 40.08 -30.98
CA THR C 295 -16.16 41.34 -30.45
C THR C 295 -17.66 41.17 -30.22
N LYS C 296 -18.11 41.46 -29.01
CA LYS C 296 -19.51 41.25 -28.65
C LYS C 296 -20.46 42.06 -29.54
N THR C 297 -21.47 41.38 -30.07
CA THR C 297 -22.39 41.96 -31.04
C THR C 297 -23.36 42.96 -30.40
N TYR C 298 -23.66 42.75 -29.12
CA TYR C 298 -24.69 43.53 -28.45
C TYR C 298 -24.32 43.89 -27.01
N THR C 299 -25.23 44.61 -26.36
CA THR C 299 -25.07 44.95 -24.94
C THR C 299 -26.45 45.12 -24.29
N LEU C 300 -26.76 44.25 -23.35
CA LEU C 300 -28.06 44.30 -22.68
C LEU C 300 -28.03 45.23 -21.47
N THR C 301 -29.20 45.71 -21.07
CA THR C 301 -29.32 46.67 -19.98
C THR C 301 -29.17 46.02 -18.62
N ARG C 302 -28.97 44.70 -18.61
CA ARG C 302 -28.88 43.94 -17.38
C ARG C 302 -28.25 42.57 -17.63
N ARG C 303 -27.33 42.17 -16.76
CA ARG C 303 -26.64 40.89 -16.92
C ARG C 303 -26.58 40.09 -15.63
N ALA C 304 -26.34 38.79 -15.77
CA ALA C 304 -26.23 37.90 -14.62
C ALA C 304 -25.02 38.25 -13.78
N ARG C 305 -25.13 38.02 -12.47
CA ARG C 305 -24.03 38.27 -11.55
C ARG C 305 -22.86 37.34 -11.86
N VAL C 306 -21.66 37.89 -11.88
CA VAL C 306 -20.47 37.12 -12.17
C VAL C 306 -19.56 37.10 -10.95
N TYR C 307 -18.89 35.96 -10.72
CA TYR C 307 -17.91 35.84 -9.65
C TYR C 307 -16.86 36.95 -9.75
N SER C 308 -16.77 37.75 -8.70
CA SER C 308 -15.89 38.91 -8.69
C SER C 308 -15.05 38.99 -7.42
N GLY C 309 -14.19 40.00 -7.36
CA GLY C 309 -13.28 40.19 -6.26
C GLY C 309 -11.86 40.34 -6.79
N GLU C 310 -11.14 41.32 -6.28
CA GLU C 310 -9.77 41.55 -6.76
C GLU C 310 -8.81 40.50 -6.22
N ASN C 311 -9.31 39.66 -5.31
CA ASN C 311 -8.47 38.64 -4.70
C ASN C 311 -8.80 37.21 -5.15
N ILE C 312 -9.74 37.09 -6.10
CA ILE C 312 -10.11 35.77 -6.60
C ILE C 312 -9.08 35.27 -7.60
N PHE C 313 -8.97 33.94 -7.71
CA PHE C 313 -7.97 33.33 -8.58
C PHE C 313 -8.36 33.39 -10.05
N CYS C 314 -7.40 33.76 -10.89
CA CYS C 314 -7.58 33.71 -12.33
C CYS C 314 -6.44 32.94 -12.99
N PRO C 315 -6.76 31.88 -13.74
CA PRO C 315 -5.77 31.05 -14.42
C PRO C 315 -4.96 31.87 -15.43
N GLN C 316 -3.65 31.66 -15.46
CA GLN C 316 -2.78 32.46 -16.32
C GLN C 316 -2.33 31.71 -17.57
N GLU C 317 -2.57 30.41 -17.59
CA GLU C 317 -2.19 29.58 -18.74
C GLU C 317 -3.14 28.39 -18.89
N ASN C 318 -2.96 27.63 -19.96
CA ASN C 318 -3.86 26.51 -20.31
C ASN C 318 -4.07 25.50 -19.19
N THR C 319 -2.97 24.92 -18.73
CA THR C 319 -3.06 23.82 -17.76
C THR C 319 -3.65 24.28 -16.44
N GLU C 320 -3.37 25.52 -16.04
CA GLU C 320 -3.97 26.05 -14.82
C GLU C 320 -5.50 26.06 -14.90
N GLU C 321 -6.02 26.66 -15.97
CA GLU C 321 -7.46 26.74 -16.17
C GLU C 321 -8.07 25.34 -16.29
N ALA C 322 -7.42 24.48 -17.06
CA ALA C 322 -7.88 23.10 -17.23
C ALA C 322 -7.98 22.40 -15.88
N LEU C 323 -6.98 22.58 -15.04
CA LEU C 323 -6.95 21.98 -13.71
C LEU C 323 -8.07 22.51 -12.84
N LEU C 324 -8.22 23.83 -12.81
CA LEU C 324 -9.29 24.46 -12.05
C LEU C 324 -10.65 23.87 -12.43
N LEU C 325 -10.92 23.84 -13.72
CA LEU C 325 -12.17 23.33 -14.25
C LEU C 325 -12.38 21.86 -13.90
N LEU C 326 -11.35 21.04 -14.09
CA LEU C 326 -11.43 19.62 -13.79
C LEU C 326 -11.68 19.37 -12.31
N LEU C 327 -11.14 20.25 -11.46
CA LEU C 327 -11.34 20.15 -10.02
C LEU C 327 -12.77 20.50 -9.62
N ILE C 328 -13.28 21.57 -10.24
CA ILE C 328 -14.67 21.96 -10.01
C ILE C 328 -15.61 20.83 -10.43
N SER C 329 -15.40 20.35 -11.66
CA SER C 329 -16.23 19.31 -12.25
C SER C 329 -16.15 18.01 -11.46
N GLU C 330 -14.99 17.71 -10.91
CA GLU C 330 -14.82 16.50 -10.11
C GLU C 330 -15.51 16.64 -8.76
N SER C 331 -15.33 17.80 -8.12
CA SER C 331 -15.95 18.06 -6.82
C SER C 331 -17.47 18.03 -6.93
N MET C 332 -17.99 18.42 -8.10
CA MET C 332 -19.42 18.34 -8.35
C MET C 332 -19.84 16.94 -8.78
N ALA C 333 -18.90 16.17 -9.31
CA ALA C 333 -19.19 14.80 -9.74
C ALA C 333 -19.26 13.87 -8.54
N ASN C 334 -18.56 14.22 -7.47
CA ASN C 334 -18.56 13.39 -6.27
C ASN C 334 -19.74 13.69 -5.35
N ARG C 335 -20.55 14.68 -5.74
CA ARG C 335 -21.74 15.04 -4.98
C ARG C 335 -22.92 14.16 -5.38
N ASP C 336 -22.68 13.22 -6.29
CA ASP C 336 -23.69 12.26 -6.73
C ASP C 336 -23.03 11.03 -7.33
N LEU C 353 -22.37 9.38 -16.10
CA LEU C 353 -21.58 8.76 -15.04
C LEU C 353 -20.14 8.53 -15.51
N GLN C 354 -19.98 8.35 -16.82
CA GLN C 354 -18.65 8.16 -17.41
C GLN C 354 -17.87 9.47 -17.38
N SER C 355 -18.59 10.56 -17.22
CA SER C 355 -18.00 11.90 -17.16
C SER C 355 -16.94 11.99 -16.05
N ALA C 356 -17.14 11.23 -14.99
CA ALA C 356 -16.18 11.17 -13.90
C ALA C 356 -14.85 10.59 -14.39
N SER C 357 -14.91 9.42 -15.01
CA SER C 357 -13.72 8.75 -15.52
C SER C 357 -13.03 9.58 -16.59
N VAL C 358 -13.82 10.26 -17.41
CA VAL C 358 -13.27 11.18 -18.41
C VAL C 358 -12.51 12.30 -17.72
N VAL C 359 -13.11 12.84 -16.66
CA VAL C 359 -12.49 13.90 -15.86
C VAL C 359 -11.15 13.44 -15.31
N TYR C 360 -11.11 12.22 -14.76
CA TYR C 360 -9.86 11.72 -14.19
C TYR C 360 -8.81 11.43 -15.26
N ASP C 361 -9.25 11.01 -16.44
CA ASP C 361 -8.33 10.81 -17.56
C ASP C 361 -7.74 12.13 -18.02
N LEU C 362 -8.55 13.17 -18.02
CA LEU C 362 -8.09 14.51 -18.39
C LEU C 362 -7.13 15.04 -17.33
N LEU C 363 -7.43 14.77 -16.06
CA LEU C 363 -6.53 15.09 -14.97
C LEU C 363 -5.18 14.38 -15.18
N THR C 364 -5.25 13.14 -15.65
CA THR C 364 -4.05 12.34 -15.89
C THR C 364 -3.22 12.95 -17.00
N ILE C 365 -3.88 13.37 -18.07
CA ILE C 365 -3.20 14.03 -19.19
C ILE C 365 -2.55 15.33 -18.74
N ALA C 366 -3.34 16.19 -18.09
CA ALA C 366 -2.89 17.51 -17.66
C ALA C 366 -1.72 17.47 -16.69
N LEU C 367 -1.88 16.72 -15.60
CA LEU C 367 -0.82 16.62 -14.59
C LEU C 367 0.36 15.83 -15.13
N GLY C 368 0.06 14.78 -15.89
CA GLY C 368 1.07 13.90 -16.45
C GLY C 368 2.04 14.59 -17.38
N ARG C 369 1.51 15.34 -18.35
CA ARG C 369 2.35 16.04 -19.32
C ARG C 369 3.23 17.11 -18.66
N ARG C 370 2.94 17.42 -17.40
CA ARG C 370 3.68 18.42 -16.66
C ARG C 370 4.49 17.80 -15.52
N GLY C 371 4.42 16.48 -15.41
CA GLY C 371 5.25 15.75 -14.46
C GLY C 371 4.83 15.85 -13.02
N GLN C 372 3.53 15.93 -12.76
CA GLN C 372 3.01 16.00 -11.41
C GLN C 372 2.39 14.68 -11.00
N TYR C 373 3.22 13.66 -10.87
CA TYR C 373 2.75 12.29 -10.67
C TYR C 373 2.29 12.00 -9.25
N GLU C 374 2.79 12.76 -8.28
CA GLU C 374 2.35 12.58 -6.89
C GLU C 374 0.91 13.04 -6.71
N MET C 375 0.65 14.30 -7.07
CA MET C 375 -0.69 14.85 -7.02
C MET C 375 -1.65 14.00 -7.84
N LEU C 376 -1.16 13.52 -8.98
CA LEU C 376 -1.95 12.64 -9.84
C LEU C 376 -2.28 11.33 -9.13
N SER C 377 -1.32 10.81 -8.35
CA SER C 377 -1.55 9.61 -7.56
C SER C 377 -2.67 9.86 -6.56
N GLU C 378 -2.61 11.02 -5.92
CA GLU C 378 -3.65 11.39 -4.95
C GLU C 378 -5.02 11.48 -5.61
N CYS C 379 -5.09 12.13 -6.77
CA CYS C 379 -6.33 12.25 -7.52
C CYS C 379 -6.91 10.89 -7.89
N LEU C 380 -6.08 10.02 -8.45
CA LEU C 380 -6.51 8.69 -8.85
C LEU C 380 -6.91 7.83 -7.65
N GLU C 381 -6.31 8.10 -6.50
CA GLU C 381 -6.70 7.41 -5.27
C GLU C 381 -8.08 7.90 -4.84
N ARG C 382 -8.34 9.18 -5.06
CA ARG C 382 -9.67 9.74 -4.81
C ARG C 382 -10.68 9.12 -5.77
N ALA C 383 -10.22 8.75 -6.96
CA ALA C 383 -11.07 8.09 -7.93
C ALA C 383 -11.27 6.61 -7.60
N MET C 384 -10.35 6.06 -6.83
CA MET C 384 -10.36 4.63 -6.49
C MET C 384 -11.55 4.23 -5.62
N LYS C 385 -12.20 5.21 -5.00
CA LYS C 385 -13.32 4.93 -4.10
C LYS C 385 -14.57 4.55 -4.88
N PHE C 386 -14.59 4.86 -6.18
CA PHE C 386 -15.73 4.53 -7.04
C PHE C 386 -15.42 3.32 -7.93
N ALA C 387 -14.34 2.61 -7.61
CA ALA C 387 -13.88 1.50 -8.45
C ALA C 387 -14.71 0.24 -8.29
N PHE C 388 -15.07 -0.38 -9.41
CA PHE C 388 -15.71 -1.69 -9.40
C PHE C 388 -14.72 -2.74 -9.89
N GLU C 389 -13.48 -2.63 -9.41
CA GLU C 389 -12.37 -3.43 -9.91
C GLU C 389 -12.25 -3.29 -11.42
N GLU C 390 -12.31 -2.05 -11.88
CA GLU C 390 -12.08 -1.71 -13.29
C GLU C 390 -10.58 -1.66 -13.57
N PHE C 391 -10.14 -2.37 -14.60
CA PHE C 391 -8.71 -2.49 -14.90
C PHE C 391 -8.04 -1.15 -15.22
N HIS C 392 -8.72 -0.31 -15.98
CA HIS C 392 -8.15 0.97 -16.42
C HIS C 392 -7.77 1.84 -15.24
N LEU C 393 -8.70 2.02 -14.31
CA LEU C 393 -8.47 2.87 -13.15
C LEU C 393 -7.31 2.36 -12.29
N TRP C 394 -7.31 1.07 -12.01
CA TRP C 394 -6.28 0.46 -11.20
C TRP C 394 -4.90 0.55 -11.86
N TYR C 395 -4.88 0.34 -13.17
CA TYR C 395 -3.64 0.42 -13.93
C TYR C 395 -3.09 1.84 -13.92
N GLN C 396 -3.96 2.82 -14.16
CA GLN C 396 -3.57 4.22 -14.11
C GLN C 396 -3.01 4.59 -12.75
N PHE C 397 -3.69 4.12 -11.71
CA PHE C 397 -3.24 4.37 -10.34
C PHE C 397 -1.86 3.77 -10.08
N ALA C 398 -1.66 2.54 -10.56
CA ALA C 398 -0.39 1.85 -10.38
C ALA C 398 0.75 2.58 -11.09
N LEU C 399 0.50 2.96 -12.34
CA LEU C 399 1.50 3.67 -13.13
C LEU C 399 1.84 5.02 -12.50
N SER C 400 0.82 5.76 -12.08
CA SER C 400 1.02 7.04 -11.44
C SER C 400 1.85 6.88 -10.16
N LEU C 401 1.56 5.83 -9.40
CA LEU C 401 2.31 5.54 -8.18
C LEU C 401 3.77 5.26 -8.51
N MET C 402 4.00 4.49 -9.58
CA MET C 402 5.35 4.17 -10.00
C MET C 402 6.11 5.44 -10.35
N ALA C 403 5.50 6.27 -11.18
CA ALA C 403 6.10 7.52 -11.63
C ALA C 403 6.34 8.49 -10.48
N ALA C 404 5.54 8.35 -9.42
CA ALA C 404 5.63 9.23 -8.27
C ALA C 404 6.69 8.77 -7.27
N GLY C 405 7.24 7.58 -7.50
CA GLY C 405 8.29 7.05 -6.65
C GLY C 405 7.77 6.18 -5.52
N LYS C 406 6.45 6.08 -5.41
CA LYS C 406 5.82 5.24 -4.40
C LYS C 406 5.88 3.78 -4.83
N SER C 407 7.04 3.16 -4.62
CA SER C 407 7.34 1.86 -5.21
C SER C 407 6.55 0.68 -4.64
N ALA C 408 6.43 0.61 -3.31
CA ALA C 408 5.74 -0.51 -2.67
C ALA C 408 4.25 -0.56 -3.02
N ARG C 409 3.60 0.59 -2.86
CA ARG C 409 2.19 0.73 -3.19
C ARG C 409 1.96 0.37 -4.65
N ALA C 410 2.88 0.82 -5.50
CA ALA C 410 2.83 0.52 -6.91
C ALA C 410 2.90 -0.98 -7.13
N VAL C 411 3.79 -1.66 -6.41
CA VAL C 411 3.91 -3.11 -6.52
C VAL C 411 2.60 -3.81 -6.15
N LYS C 412 1.98 -3.39 -5.05
CA LYS C 412 0.71 -3.99 -4.63
C LYS C 412 -0.39 -3.79 -5.67
N VAL C 413 -0.62 -2.55 -6.07
CA VAL C 413 -1.65 -2.24 -7.05
C VAL C 413 -1.36 -2.95 -8.38
N LEU C 414 -0.07 -3.13 -8.70
CA LEU C 414 0.33 -3.87 -9.87
C LEU C 414 -0.03 -5.36 -9.73
N LYS C 415 0.10 -5.89 -8.52
CA LYS C 415 -0.33 -7.27 -8.26
C LYS C 415 -1.81 -7.39 -8.57
N GLU C 416 -2.58 -6.40 -8.12
CA GLU C 416 -4.02 -6.38 -8.40
C GLU C 416 -4.30 -6.29 -9.91
N CYS C 417 -3.50 -5.50 -10.62
CA CYS C 417 -3.67 -5.34 -12.06
C CYS C 417 -3.37 -6.65 -12.79
N ILE C 418 -2.35 -7.36 -12.31
CA ILE C 418 -1.99 -8.67 -12.82
C ILE C 418 -3.14 -9.63 -12.63
N ARG C 419 -3.73 -9.59 -11.45
CA ARG C 419 -4.88 -10.44 -11.13
C ARG C 419 -6.04 -10.12 -12.08
N LEU C 420 -6.20 -8.84 -12.41
CA LEU C 420 -7.29 -8.42 -13.28
C LEU C 420 -7.01 -8.71 -14.76
N LYS C 421 -5.77 -8.58 -15.18
CA LYS C 421 -5.39 -8.85 -16.57
C LYS C 421 -4.11 -9.67 -16.65
N PRO C 422 -4.24 -10.99 -16.87
CA PRO C 422 -3.10 -11.89 -17.02
C PRO C 422 -2.55 -11.91 -18.45
N ASP C 423 -3.04 -11.03 -19.30
CA ASP C 423 -2.58 -10.95 -20.69
C ASP C 423 -1.36 -10.05 -20.83
N ASP C 424 -1.37 -8.93 -20.10
CA ASP C 424 -0.30 -7.94 -20.22
C ASP C 424 0.92 -8.36 -19.40
N ALA C 425 2.04 -8.57 -20.09
CA ALA C 425 3.30 -8.93 -19.44
C ALA C 425 4.01 -7.69 -18.93
N THR C 426 3.61 -6.55 -19.45
CA THR C 426 4.18 -5.28 -19.04
C THR C 426 3.99 -5.06 -17.55
N ILE C 427 2.85 -5.48 -17.02
CA ILE C 427 2.55 -5.27 -15.60
C ILE C 427 3.51 -6.04 -14.68
N PRO C 428 3.65 -7.37 -14.84
CA PRO C 428 4.64 -8.01 -13.98
C PRO C 428 6.07 -7.61 -14.32
N LEU C 429 6.30 -7.11 -15.54
CA LEU C 429 7.64 -6.63 -15.89
C LEU C 429 7.95 -5.36 -15.09
N LEU C 430 6.96 -4.47 -14.97
CA LEU C 430 7.08 -3.25 -14.19
C LEU C 430 7.29 -3.57 -12.71
N ALA C 431 6.48 -4.51 -12.20
CA ALA C 431 6.63 -4.95 -10.82
C ALA C 431 8.02 -5.51 -10.56
N ALA C 432 8.52 -6.29 -11.51
CA ALA C 432 9.87 -6.84 -11.40
C ALA C 432 10.90 -5.72 -11.34
N LYS C 433 10.77 -4.76 -12.25
CA LYS C 433 11.66 -3.61 -12.30
C LYS C 433 11.69 -2.86 -10.97
N LEU C 434 10.50 -2.69 -10.38
CA LEU C 434 10.39 -2.04 -9.09
C LEU C 434 11.07 -2.85 -7.98
N CYS C 435 10.80 -4.15 -7.96
CA CYS C 435 11.28 -5.01 -6.88
C CYS C 435 12.80 -5.15 -6.87
N MET C 436 13.42 -5.20 -8.04
CA MET C 436 14.87 -5.36 -8.10
C MET C 436 15.57 -4.00 -8.08
N GLY C 437 14.78 -2.94 -7.95
CA GLY C 437 15.32 -1.60 -7.82
C GLY C 437 15.75 -1.31 -6.38
N SER C 438 15.26 -0.20 -5.84
CA SER C 438 15.64 0.23 -4.49
C SER C 438 14.95 -0.59 -3.39
N LEU C 439 13.76 -1.09 -3.70
CA LEU C 439 13.00 -1.93 -2.75
C LEU C 439 13.79 -3.16 -2.34
N HIS C 440 14.54 -3.71 -3.29
CA HIS C 440 15.34 -4.91 -3.10
C HIS C 440 14.47 -6.08 -2.66
N TRP C 441 13.35 -6.26 -3.33
CA TRP C 441 12.51 -7.44 -3.14
C TRP C 441 12.87 -8.47 -4.21
N LEU C 442 14.01 -9.11 -4.02
CA LEU C 442 14.58 -9.98 -5.05
C LEU C 442 13.73 -11.24 -5.25
N GLU C 443 13.19 -11.78 -4.17
CA GLU C 443 12.32 -12.94 -4.25
C GLU C 443 11.08 -12.63 -5.08
N GLU C 444 10.46 -11.50 -4.75
CA GLU C 444 9.29 -11.02 -5.49
C GLU C 444 9.64 -10.80 -6.96
N ALA C 445 10.77 -10.17 -7.22
CA ALA C 445 11.23 -9.93 -8.58
C ALA C 445 11.40 -11.23 -9.36
N GLU C 446 11.84 -12.27 -8.65
CA GLU C 446 11.98 -13.59 -9.25
C GLU C 446 10.61 -14.15 -9.60
N LYS C 447 9.65 -13.97 -8.70
CA LYS C 447 8.28 -14.41 -8.97
C LYS C 447 7.73 -13.74 -10.22
N PHE C 448 7.77 -12.41 -10.22
CA PHE C 448 7.25 -11.62 -11.34
C PHE C 448 7.94 -12.00 -12.65
N ALA C 449 9.27 -12.07 -12.64
CA ALA C 449 10.02 -12.43 -13.84
C ALA C 449 9.61 -13.82 -14.34
N LYS C 450 9.41 -14.75 -13.42
CA LYS C 450 8.98 -16.09 -13.79
C LYS C 450 7.60 -16.08 -14.45
N THR C 451 6.67 -15.30 -13.88
CA THR C 451 5.34 -15.21 -14.46
C THR C 451 5.38 -14.53 -15.83
N VAL C 452 6.34 -13.62 -16.02
CA VAL C 452 6.56 -13.02 -17.33
C VAL C 452 7.05 -14.07 -18.33
N VAL C 453 7.96 -14.92 -17.88
CA VAL C 453 8.45 -16.01 -18.71
C VAL C 453 7.30 -16.92 -19.13
N ASP C 454 6.39 -17.18 -18.20
CA ASP C 454 5.24 -18.05 -18.49
C ASP C 454 4.19 -17.37 -19.37
N VAL C 455 3.91 -16.10 -19.10
CA VAL C 455 2.92 -15.35 -19.87
C VAL C 455 3.37 -15.17 -21.32
N THR C 459 5.14 -13.08 -26.76
CA THR C 459 5.71 -12.47 -27.95
C THR C 459 7.22 -12.60 -27.98
N SER C 460 7.84 -12.14 -29.06
CA SER C 460 9.26 -12.34 -29.29
C SER C 460 10.16 -11.51 -28.38
N GLU C 461 9.67 -10.35 -27.95
CA GLU C 461 10.50 -9.42 -27.19
C GLU C 461 10.25 -9.48 -25.69
N PHE C 462 9.03 -9.81 -25.29
CA PHE C 462 8.69 -9.82 -23.87
C PHE C 462 9.16 -11.09 -23.16
N LYS C 463 9.33 -12.18 -23.90
CA LYS C 463 9.88 -13.38 -23.31
C LYS C 463 11.37 -13.16 -23.05
N ALA C 464 12.02 -12.50 -24.01
CA ALA C 464 13.42 -12.12 -23.85
C ALA C 464 13.57 -11.18 -22.68
N LYS C 465 12.68 -10.18 -22.58
CA LYS C 465 12.70 -9.25 -21.46
C LYS C 465 12.46 -9.99 -20.15
N GLY C 466 11.68 -11.06 -20.23
CA GLY C 466 11.41 -11.90 -19.07
C GLY C 466 12.65 -12.61 -18.59
N TYR C 467 13.40 -13.20 -19.52
CA TYR C 467 14.65 -13.87 -19.17
C TYR C 467 15.70 -12.89 -18.69
N LEU C 468 15.66 -11.68 -19.25
CA LEU C 468 16.53 -10.61 -18.81
C LEU C 468 16.25 -10.26 -17.36
N ALA C 469 14.98 -10.06 -17.05
CA ALA C 469 14.55 -9.74 -15.69
C ALA C 469 14.95 -10.84 -14.71
N LEU C 470 14.65 -12.08 -15.09
CA LEU C 470 15.00 -13.25 -14.30
C LEU C 470 16.51 -13.27 -14.03
N GLY C 471 17.29 -13.01 -15.08
CA GLY C 471 18.73 -13.03 -14.98
C GLY C 471 19.28 -11.97 -14.04
N LEU C 472 18.79 -10.76 -14.19
CA LEU C 472 19.14 -9.66 -13.29
C LEU C 472 18.85 -10.02 -11.85
N THR C 473 17.64 -10.51 -11.60
CA THR C 473 17.24 -10.94 -10.28
C THR C 473 18.20 -11.98 -9.71
N TYR C 474 18.51 -13.00 -10.51
CA TYR C 474 19.44 -14.05 -10.12
C TYR C 474 20.82 -13.49 -9.77
N SER C 475 21.29 -12.55 -10.57
CA SER C 475 22.60 -11.93 -10.36
C SER C 475 22.65 -11.15 -9.03
N LEU C 476 21.65 -10.29 -8.84
CA LEU C 476 21.51 -9.53 -7.60
C LEU C 476 21.48 -10.47 -6.40
N GLN C 477 20.68 -11.52 -6.52
CA GLN C 477 20.57 -12.52 -5.48
C GLN C 477 21.93 -13.16 -5.19
N ALA C 478 22.70 -13.41 -6.23
CA ALA C 478 24.05 -13.96 -6.07
C ALA C 478 24.93 -13.00 -5.29
N THR C 479 24.77 -11.70 -5.52
CA THR C 479 25.50 -10.70 -4.74
C THR C 479 25.07 -10.74 -3.27
N ASP C 480 23.77 -10.87 -3.03
CA ASP C 480 23.25 -10.91 -1.66
C ASP C 480 23.57 -12.21 -0.93
N ALA C 481 23.81 -13.27 -1.69
CA ALA C 481 24.06 -14.60 -1.12
C ALA C 481 25.26 -14.61 -0.19
N SER C 482 25.22 -15.50 0.80
CA SER C 482 26.21 -15.51 1.86
C SER C 482 27.23 -16.65 1.71
N LEU C 483 26.76 -17.79 1.23
CA LEU C 483 27.61 -18.95 1.03
C LEU C 483 28.12 -19.02 -0.40
N ARG C 484 29.36 -19.45 -0.57
CA ARG C 484 29.97 -19.54 -1.90
C ARG C 484 29.17 -20.43 -2.85
N GLY C 485 28.67 -21.55 -2.35
CA GLY C 485 27.86 -22.45 -3.16
C GLY C 485 26.63 -21.80 -3.73
N MET C 486 25.90 -21.08 -2.89
CA MET C 486 24.72 -20.35 -3.32
C MET C 486 25.07 -19.30 -4.37
N GLN C 487 26.15 -18.57 -4.13
CA GLN C 487 26.63 -17.54 -5.05
C GLN C 487 26.91 -18.14 -6.42
N GLU C 488 27.59 -19.28 -6.44
CA GLU C 488 27.92 -19.95 -7.68
C GLU C 488 26.68 -20.43 -8.42
N VAL C 489 25.76 -21.05 -7.68
CA VAL C 489 24.50 -21.52 -8.26
C VAL C 489 23.72 -20.38 -8.92
N LEU C 490 23.54 -19.30 -8.16
CA LEU C 490 22.80 -18.14 -8.65
C LEU C 490 23.49 -17.48 -9.84
N GLN C 491 24.82 -17.45 -9.83
CA GLN C 491 25.56 -16.90 -10.97
C GLN C 491 25.36 -17.75 -12.22
N ARG C 492 25.35 -19.07 -12.04
CA ARG C 492 25.08 -19.96 -13.16
C ARG C 492 23.68 -19.76 -13.71
N LYS C 493 22.71 -19.57 -12.81
CA LYS C 493 21.33 -19.33 -13.21
C LYS C 493 21.19 -18.01 -13.98
N ALA C 494 21.82 -16.97 -13.45
CA ALA C 494 21.81 -15.65 -14.08
C ALA C 494 22.43 -15.72 -15.47
N LEU C 495 23.59 -16.36 -15.56
CA LEU C 495 24.29 -16.50 -16.82
C LEU C 495 23.40 -17.21 -17.84
N LEU C 496 22.80 -18.31 -17.40
CA LEU C 496 21.87 -19.08 -18.23
C LEU C 496 20.73 -18.23 -18.77
N ALA C 497 20.09 -17.48 -17.87
CA ALA C 497 18.98 -16.61 -18.23
C ALA C 497 19.41 -15.53 -19.23
N PHE C 498 20.58 -14.94 -19.01
CA PHE C 498 21.09 -13.90 -19.91
C PHE C 498 21.40 -14.47 -21.29
N GLN C 499 21.91 -15.70 -21.33
CA GLN C 499 22.19 -16.36 -22.61
C GLN C 499 20.89 -16.60 -23.37
N ARG C 500 19.87 -17.08 -22.65
CA ARG C 500 18.56 -17.28 -23.25
C ARG C 500 18.00 -15.98 -23.79
N ALA C 501 18.15 -14.91 -23.01
CA ALA C 501 17.65 -13.59 -23.40
C ALA C 501 18.33 -13.08 -24.66
N HIS C 502 19.65 -13.19 -24.69
CA HIS C 502 20.43 -12.73 -25.83
C HIS C 502 20.16 -13.56 -27.09
N SER C 503 19.82 -14.84 -26.90
CA SER C 503 19.51 -15.68 -28.06
C SER C 503 18.12 -15.40 -28.61
N LEU C 504 17.17 -15.14 -27.71
CA LEU C 504 15.80 -14.84 -28.13
C LEU C 504 15.70 -13.47 -28.80
N SER C 505 16.64 -12.59 -28.51
CA SER C 505 16.64 -11.25 -29.11
C SER C 505 18.07 -10.71 -29.21
N PRO C 506 18.75 -11.04 -30.31
CA PRO C 506 20.15 -10.63 -30.51
C PRO C 506 20.33 -9.13 -30.78
N THR C 507 19.23 -8.38 -30.89
CA THR C 507 19.31 -6.94 -31.14
C THR C 507 19.15 -6.14 -29.85
N ASP C 508 18.64 -6.79 -28.80
CA ASP C 508 18.53 -6.16 -27.49
C ASP C 508 19.93 -5.97 -26.92
N HIS C 509 20.35 -4.72 -26.78
CA HIS C 509 21.70 -4.44 -26.31
C HIS C 509 21.80 -4.61 -24.80
N GLN C 510 20.67 -4.52 -24.11
CA GLN C 510 20.64 -4.78 -22.68
C GLN C 510 20.99 -6.23 -22.37
N ALA C 511 20.47 -7.15 -23.17
CA ALA C 511 20.72 -8.58 -22.98
C ALA C 511 22.19 -8.90 -23.21
N ALA C 512 22.75 -8.38 -24.30
CA ALA C 512 24.17 -8.57 -24.60
C ALA C 512 25.04 -7.96 -23.51
N PHE C 513 24.66 -6.76 -23.08
CA PHE C 513 25.43 -6.08 -22.05
C PHE C 513 25.46 -6.87 -20.75
N TYR C 514 24.28 -7.24 -20.24
CA TYR C 514 24.22 -7.90 -18.94
C TYR C 514 24.73 -9.33 -19.00
N LEU C 515 24.67 -9.94 -20.17
CA LEU C 515 25.33 -11.22 -20.38
C LEU C 515 26.83 -11.02 -20.21
N ALA C 516 27.35 -9.97 -20.86
CA ALA C 516 28.76 -9.63 -20.77
C ALA C 516 29.18 -9.31 -19.34
N LEU C 517 28.32 -8.60 -18.62
CA LEU C 517 28.60 -8.20 -17.25
C LEU C 517 28.63 -9.42 -16.34
N GLN C 518 27.69 -10.32 -16.54
CA GLN C 518 27.64 -11.55 -15.77
C GLN C 518 28.90 -12.37 -16.02
N LEU C 519 29.33 -12.42 -17.28
CA LEU C 519 30.56 -13.12 -17.63
C LEU C 519 31.79 -12.48 -16.97
N ALA C 520 31.78 -11.14 -16.93
CA ALA C 520 32.86 -10.38 -16.31
C ALA C 520 32.95 -10.67 -14.82
N ILE C 521 31.79 -10.69 -14.16
CA ILE C 521 31.73 -11.01 -12.74
C ILE C 521 32.30 -12.41 -12.51
N SER C 522 32.04 -13.31 -13.44
CA SER C 522 32.53 -14.67 -13.36
C SER C 522 34.01 -14.75 -13.74
N ARG C 523 34.62 -13.59 -13.98
CA ARG C 523 36.02 -13.48 -14.37
C ARG C 523 36.33 -14.25 -15.64
N GLN C 524 35.33 -14.39 -16.49
CA GLN C 524 35.53 -14.93 -17.83
C GLN C 524 35.74 -13.76 -18.79
N ILE C 525 36.94 -13.20 -18.77
CA ILE C 525 37.21 -11.90 -19.37
C ILE C 525 37.05 -11.83 -20.91
N PRO C 526 37.64 -12.80 -21.67
CA PRO C 526 37.51 -12.67 -23.13
C PRO C 526 36.07 -12.76 -23.63
N GLU C 527 35.30 -13.72 -23.11
CA GLU C 527 33.90 -13.87 -23.49
C GLU C 527 33.14 -12.57 -23.25
N ALA C 528 33.31 -12.06 -22.03
CA ALA C 528 32.71 -10.79 -21.63
C ALA C 528 33.06 -9.68 -22.61
N LEU C 529 34.34 -9.60 -22.99
CA LEU C 529 34.79 -8.64 -23.99
C LEU C 529 34.04 -8.79 -25.31
N GLY C 530 33.89 -10.03 -25.76
CA GLY C 530 33.18 -10.30 -27.01
C GLY C 530 31.75 -9.79 -26.98
N TYR C 531 31.03 -10.13 -25.92
CA TYR C 531 29.63 -9.71 -25.84
C TYR C 531 29.48 -8.22 -25.60
N VAL C 532 30.47 -7.60 -24.93
CA VAL C 532 30.49 -6.15 -24.79
C VAL C 532 30.64 -5.51 -26.17
N ARG C 533 31.53 -6.07 -26.97
CA ARG C 533 31.76 -5.58 -28.32
C ARG C 533 30.50 -5.72 -29.17
N GLN C 534 29.75 -6.80 -28.97
CA GLN C 534 28.46 -6.95 -29.65
C GLN C 534 27.46 -5.89 -29.18
N ALA C 535 27.44 -5.64 -27.88
CA ALA C 535 26.58 -4.61 -27.30
C ALA C 535 26.88 -3.24 -27.90
N LEU C 536 28.16 -2.94 -28.05
CA LEU C 536 28.61 -1.69 -28.63
C LEU C 536 28.33 -1.65 -30.12
N GLN C 537 28.30 -2.82 -30.75
CA GLN C 537 27.92 -2.92 -32.15
C GLN C 537 26.47 -2.49 -32.30
N LEU C 538 25.64 -2.91 -31.33
CA LEU C 538 24.24 -2.50 -31.30
C LEU C 538 24.09 -1.03 -30.92
N GLN C 539 24.67 -0.65 -29.79
CA GLN C 539 24.67 0.74 -29.34
C GLN C 539 26.10 1.22 -29.09
N GLY C 540 26.63 1.98 -30.04
CA GLY C 540 28.02 2.40 -30.00
C GLY C 540 28.40 3.34 -28.87
N ASP C 541 27.46 4.18 -28.46
CA ASP C 541 27.78 5.22 -27.48
C ASP C 541 27.13 4.96 -26.12
N ASP C 542 26.92 3.69 -25.78
CA ASP C 542 26.32 3.33 -24.52
C ASP C 542 27.31 3.45 -23.37
N ALA C 543 27.00 4.32 -22.42
CA ALA C 543 27.86 4.57 -21.27
C ALA C 543 28.26 3.27 -20.57
N ASN C 544 27.28 2.46 -20.19
CA ASN C 544 27.56 1.23 -19.47
C ASN C 544 28.44 0.27 -20.26
N SER C 545 28.17 0.13 -21.55
CA SER C 545 28.95 -0.79 -22.39
C SER C 545 30.39 -0.32 -22.56
N LEU C 546 30.57 1.00 -22.73
CA LEU C 546 31.91 1.58 -22.83
C LEU C 546 32.66 1.39 -21.53
N HIS C 547 31.97 1.63 -20.42
CA HIS C 547 32.54 1.45 -19.10
C HIS C 547 32.99 0.01 -18.89
N LEU C 548 32.13 -0.93 -19.26
CA LEU C 548 32.44 -2.35 -19.09
C LEU C 548 33.61 -2.76 -19.98
N LEU C 549 33.68 -2.18 -21.17
CA LEU C 549 34.81 -2.40 -22.07
C LEU C 549 36.09 -1.95 -21.38
N ALA C 550 36.05 -0.73 -20.82
CA ALA C 550 37.19 -0.17 -20.12
C ALA C 550 37.62 -1.04 -18.95
N LEU C 551 36.65 -1.52 -18.18
CA LEU C 551 36.96 -2.32 -17.00
C LEU C 551 37.52 -3.68 -17.38
N LEU C 552 37.05 -4.23 -18.49
CA LEU C 552 37.57 -5.52 -18.96
C LEU C 552 39.00 -5.35 -19.48
N LEU C 553 39.23 -4.28 -20.23
CA LEU C 553 40.58 -3.98 -20.70
C LEU C 553 41.52 -3.77 -19.53
N SER C 554 41.02 -3.15 -18.47
CA SER C 554 41.82 -2.96 -17.26
C SER C 554 42.03 -4.30 -16.58
N ALA C 555 41.09 -5.20 -16.75
CA ALA C 555 41.19 -6.54 -16.19
C ALA C 555 42.28 -7.32 -16.91
N GLN C 556 42.53 -6.94 -18.16
CA GLN C 556 43.61 -7.56 -18.93
C GLN C 556 44.93 -6.79 -18.82
N LYS C 557 45.00 -5.90 -17.83
CA LYS C 557 46.16 -5.04 -17.60
C LYS C 557 46.47 -4.16 -18.81
N HIS C 558 45.45 -3.90 -19.63
CA HIS C 558 45.57 -2.98 -20.75
C HIS C 558 45.07 -1.62 -20.33
N TYR C 559 45.92 -0.89 -19.61
CA TYR C 559 45.49 0.34 -18.95
C TYR C 559 45.39 1.53 -19.88
N HIS C 560 46.33 1.67 -20.80
CA HIS C 560 46.31 2.78 -21.76
C HIS C 560 45.03 2.73 -22.59
N ASP C 561 44.70 1.55 -23.10
CA ASP C 561 43.51 1.35 -23.92
C ASP C 561 42.23 1.59 -23.11
N ALA C 562 42.22 1.07 -21.88
CA ALA C 562 41.08 1.23 -21.00
C ALA C 562 40.83 2.70 -20.70
N LEU C 563 41.90 3.45 -20.50
CA LEU C 563 41.80 4.86 -20.20
C LEU C 563 41.39 5.65 -21.44
N ASN C 564 41.78 5.17 -22.63
CA ASN C 564 41.31 5.78 -23.86
C ASN C 564 39.81 5.62 -24.00
N ILE C 565 39.33 4.40 -23.76
CA ILE C 565 37.90 4.11 -23.80
C ILE C 565 37.16 5.00 -22.81
N ILE C 566 37.65 5.04 -21.57
CA ILE C 566 37.08 5.88 -20.53
C ILE C 566 37.02 7.34 -20.97
N ASP C 567 38.07 7.81 -21.63
CA ASP C 567 38.12 9.19 -22.11
C ASP C 567 37.10 9.47 -23.20
N MET C 568 36.88 8.48 -24.07
CA MET C 568 35.89 8.61 -25.13
C MET C 568 34.49 8.69 -24.53
N ALA C 569 34.19 7.72 -23.66
CA ALA C 569 32.93 7.69 -22.94
C ALA C 569 32.68 9.01 -22.22
N LEU C 570 33.75 9.57 -21.65
CA LEU C 570 33.67 10.84 -20.96
C LEU C 570 33.46 12.00 -21.93
N SER C 571 33.92 11.84 -23.17
CA SER C 571 33.64 12.86 -24.18
C SER C 571 32.16 12.81 -24.52
N GLU C 572 31.56 11.63 -24.39
CA GLU C 572 30.11 11.50 -24.62
C GLU C 572 29.29 11.66 -23.35
N TYR C 573 29.90 11.41 -22.19
CA TYR C 573 29.21 11.56 -20.91
C TYR C 573 30.06 12.35 -19.92
N PRO C 574 30.21 13.66 -20.18
CA PRO C 574 31.14 14.52 -19.44
C PRO C 574 30.79 14.71 -17.95
N GLU C 575 29.56 14.41 -17.56
CA GLU C 575 29.14 14.62 -16.19
C GLU C 575 28.78 13.31 -15.49
N ASN C 576 29.47 12.25 -15.86
CA ASN C 576 29.22 10.94 -15.26
C ASN C 576 30.24 10.63 -14.17
N PHE C 577 29.79 10.70 -12.92
CA PHE C 577 30.68 10.57 -11.77
C PHE C 577 31.30 9.19 -11.64
N ILE C 578 30.55 8.16 -12.06
CA ILE C 578 31.05 6.79 -11.99
C ILE C 578 32.22 6.59 -12.95
N LEU C 579 32.02 7.03 -14.18
CA LEU C 579 33.07 7.01 -15.19
C LEU C 579 34.31 7.75 -14.69
N LEU C 580 34.09 8.89 -14.04
CA LEU C 580 35.17 9.69 -13.49
C LEU C 580 35.92 8.97 -12.38
N PHE C 581 35.20 8.25 -11.52
CA PHE C 581 35.81 7.46 -10.47
C PHE C 581 36.71 6.38 -11.06
N SER C 582 36.20 5.72 -12.09
CA SER C 582 37.00 4.71 -12.79
C SER C 582 38.22 5.34 -13.44
N LYS C 583 38.06 6.58 -13.93
CA LYS C 583 39.19 7.29 -14.50
C LYS C 583 40.25 7.57 -13.44
N VAL C 584 39.79 7.93 -12.23
CA VAL C 584 40.72 8.20 -11.13
C VAL C 584 41.51 6.94 -10.79
N LYS C 585 40.80 5.83 -10.64
CA LYS C 585 41.45 4.55 -10.32
C LYS C 585 42.46 4.14 -11.40
N LEU C 586 42.03 4.21 -12.66
CA LEU C 586 42.89 3.89 -13.78
C LEU C 586 44.13 4.77 -13.83
N GLN C 587 43.95 6.06 -13.52
CA GLN C 587 45.06 7.01 -13.56
C GLN C 587 46.03 6.77 -12.41
N SER C 588 45.53 6.28 -11.28
CA SER C 588 46.43 5.86 -10.22
C SER C 588 47.22 4.64 -10.69
N LEU C 589 46.56 3.76 -11.44
CA LEU C 589 47.21 2.55 -11.91
C LEU C 589 48.26 2.75 -13.00
N CYS C 590 48.07 3.72 -13.90
CA CYS C 590 48.97 3.82 -15.05
C CYS C 590 49.43 5.24 -15.43
N ARG C 591 49.19 6.21 -14.54
CA ARG C 591 49.61 7.58 -14.82
C ARG C 591 50.40 8.20 -13.68
N GLY C 592 49.84 8.13 -12.48
CA GLY C 592 50.47 8.73 -11.31
C GLY C 592 49.45 9.44 -10.46
N PRO C 593 49.84 9.82 -9.23
CA PRO C 593 48.93 10.49 -8.30
C PRO C 593 48.48 11.87 -8.77
N ASP C 594 49.34 12.57 -9.50
CA ASP C 594 49.04 13.92 -9.97
C ASP C 594 47.81 13.94 -10.88
N GLU C 595 47.83 13.08 -11.90
CA GLU C 595 46.73 12.98 -12.85
C GLU C 595 45.41 12.63 -12.15
N ALA C 596 45.50 11.67 -11.24
CA ALA C 596 44.34 11.22 -10.45
C ALA C 596 43.74 12.37 -9.65
N LEU C 597 44.58 13.06 -8.89
CA LEU C 597 44.13 14.18 -8.07
C LEU C 597 43.57 15.32 -8.93
N LEU C 598 44.14 15.51 -10.11
CA LEU C 598 43.60 16.48 -11.06
C LEU C 598 42.18 16.10 -11.46
N THR C 599 41.97 14.80 -11.70
CA THR C 599 40.65 14.31 -12.05
C THR C 599 39.68 14.47 -10.87
N CYS C 600 40.20 14.35 -9.64
CA CYS C 600 39.38 14.58 -8.45
C CYS C 600 38.93 16.03 -8.37
N LYS C 601 39.86 16.96 -8.57
CA LYS C 601 39.54 18.37 -8.66
C LYS C 601 38.44 18.59 -9.70
N HIS C 602 38.65 18.01 -10.88
CA HIS C 602 37.68 18.10 -11.95
C HIS C 602 36.29 17.64 -11.49
N MET C 603 36.26 16.54 -10.75
CA MET C 603 35.01 16.01 -10.21
C MET C 603 34.36 16.98 -9.23
N LEU C 604 35.18 17.68 -8.45
CA LEU C 604 34.66 18.69 -7.54
C LEU C 604 34.01 19.82 -8.35
N GLN C 605 34.71 20.28 -9.38
CA GLN C 605 34.20 21.34 -10.24
C GLN C 605 32.86 20.95 -10.85
N ILE C 606 32.77 19.70 -11.30
CA ILE C 606 31.55 19.19 -11.91
C ILE C 606 30.44 19.09 -10.88
N TRP C 607 30.79 18.69 -9.66
CA TRP C 607 29.80 18.57 -8.60
C TRP C 607 29.21 19.93 -8.24
N LYS C 608 30.07 20.94 -8.15
CA LYS C 608 29.61 22.30 -7.90
C LYS C 608 28.78 22.82 -9.08
N SER C 609 29.15 22.36 -10.28
CA SER C 609 28.45 22.76 -11.50
C SER C 609 27.05 22.17 -11.57
N CYS C 610 26.88 20.97 -11.02
CA CYS C 610 25.61 20.24 -11.11
C CYS C 610 24.60 20.62 -10.02
N TYR C 611 25.09 20.89 -8.82
CA TYR C 611 24.22 21.04 -7.67
C TYR C 611 24.26 22.44 -7.06
N ASN C 612 23.11 23.09 -7.02
CA ASN C 612 22.99 24.46 -6.55
C ASN C 612 21.99 24.61 -5.42
N GLY C 681 16.85 18.05 0.42
CA GLY C 681 18.04 17.83 -0.37
C GLY C 681 18.30 16.35 -0.60
N PRO C 682 18.51 15.97 -1.87
CA PRO C 682 18.78 14.58 -2.26
C PRO C 682 20.06 14.04 -1.63
N LEU C 683 20.11 12.74 -1.37
CA LEU C 683 21.20 12.15 -0.60
C LEU C 683 22.41 11.76 -1.46
N HIS C 684 22.16 11.21 -2.65
CA HIS C 684 23.25 10.71 -3.49
C HIS C 684 24.28 11.76 -3.96
N PRO C 685 23.89 13.04 -4.13
CA PRO C 685 24.96 13.99 -4.46
C PRO C 685 25.99 14.12 -3.33
N TRP C 686 25.52 14.11 -2.09
CA TRP C 686 26.41 14.22 -0.93
C TRP C 686 27.31 13.00 -0.83
N MET C 687 26.73 11.81 -1.02
CA MET C 687 27.51 10.59 -1.03
C MET C 687 28.56 10.62 -2.13
N THR C 688 28.20 11.21 -3.26
CA THR C 688 29.14 11.35 -4.36
C THR C 688 30.29 12.25 -3.95
N LEU C 689 29.97 13.37 -3.31
CA LEU C 689 30.98 14.31 -2.85
C LEU C 689 31.95 13.67 -1.86
N ALA C 690 31.38 12.97 -0.89
CA ALA C 690 32.16 12.23 0.10
C ALA C 690 33.07 11.23 -0.60
N GLN C 691 32.54 10.57 -1.63
CA GLN C 691 33.32 9.61 -2.39
C GLN C 691 34.50 10.26 -3.12
N ILE C 692 34.27 11.47 -3.63
CA ILE C 692 35.34 12.22 -4.28
C ILE C 692 36.46 12.50 -3.29
N TRP C 693 36.09 13.08 -2.14
CA TRP C 693 37.10 13.38 -1.13
C TRP C 693 37.84 12.12 -0.65
N LEU C 694 37.12 11.01 -0.58
CA LEU C 694 37.71 9.76 -0.14
C LEU C 694 38.65 9.17 -1.19
N HIS C 695 38.34 9.41 -2.47
CA HIS C 695 39.24 9.00 -3.55
C HIS C 695 40.53 9.80 -3.49
N ALA C 696 40.40 11.11 -3.27
CA ALA C 696 41.58 11.95 -3.11
C ALA C 696 42.43 11.47 -1.94
N ALA C 697 41.77 11.26 -0.80
CA ALA C 697 42.43 10.76 0.40
C ALA C 697 43.13 9.44 0.15
N GLU C 698 42.50 8.60 -0.68
CA GLU C 698 43.05 7.32 -1.06
C GLU C 698 44.35 7.51 -1.84
N VAL C 699 44.34 8.46 -2.76
CA VAL C 699 45.54 8.78 -3.53
C VAL C 699 46.67 9.26 -2.62
N TYR C 700 46.32 10.11 -1.65
CA TYR C 700 47.32 10.64 -0.72
C TYR C 700 47.91 9.54 0.17
N ILE C 701 47.07 8.64 0.66
CA ILE C 701 47.55 7.47 1.39
C ILE C 701 48.52 6.68 0.51
N GLY C 702 48.17 6.54 -0.77
CA GLY C 702 49.03 5.88 -1.73
C GLY C 702 50.40 6.52 -1.85
N ILE C 703 50.43 7.85 -1.89
CA ILE C 703 51.70 8.57 -1.93
C ILE C 703 52.49 8.35 -0.63
N GLY C 704 51.81 8.55 0.50
CA GLY C 704 52.45 8.46 1.79
C GLY C 704 52.37 9.78 2.52
N LYS C 705 51.39 10.59 2.15
CA LYS C 705 51.19 11.90 2.76
C LYS C 705 49.91 11.92 3.59
N PRO C 706 50.04 11.62 4.90
CA PRO C 706 48.89 11.45 5.79
C PRO C 706 48.16 12.75 6.13
N ALA C 707 48.82 13.89 6.04
CA ALA C 707 48.20 15.17 6.37
C ALA C 707 47.08 15.51 5.39
N GLU C 708 47.44 15.51 4.11
CA GLU C 708 46.49 15.80 3.03
C GLU C 708 45.34 14.80 3.02
N ALA C 709 45.69 13.52 3.20
CA ALA C 709 44.70 12.46 3.27
C ALA C 709 43.74 12.70 4.42
N THR C 710 44.27 13.20 5.53
CA THR C 710 43.46 13.50 6.69
C THR C 710 42.51 14.66 6.39
N ALA C 711 43.01 15.65 5.66
CA ALA C 711 42.17 16.78 5.25
C ALA C 711 41.01 16.34 4.36
N CYS C 712 41.32 15.56 3.33
CA CYS C 712 40.31 15.05 2.42
C CYS C 712 39.28 14.17 3.13
N THR C 713 39.77 13.22 3.92
CA THR C 713 38.90 12.29 4.61
C THR C 713 38.07 13.02 5.67
N GLN C 714 38.56 14.17 6.13
CA GLN C 714 37.80 14.98 7.08
C GLN C 714 36.72 15.74 6.34
N GLU C 715 37.02 16.18 5.12
CA GLU C 715 36.00 16.79 4.27
C GLU C 715 34.87 15.80 4.03
N ALA C 716 35.24 14.54 3.82
CA ALA C 716 34.24 13.49 3.65
C ALA C 716 33.52 13.17 4.95
N ALA C 717 34.21 13.33 6.08
CA ALA C 717 33.64 13.02 7.39
C ALA C 717 32.63 14.07 7.82
N ASN C 718 32.74 15.28 7.26
CA ASN C 718 31.78 16.34 7.55
C ASN C 718 30.40 16.04 6.96
N LEU C 719 30.36 15.17 5.97
CA LEU C 719 29.09 14.78 5.36
C LEU C 719 28.53 13.51 6.00
N PHE C 720 29.40 12.53 6.23
CA PHE C 720 29.00 11.26 6.82
C PHE C 720 30.04 10.78 7.82
N PRO C 721 29.96 11.27 9.06
CA PRO C 721 30.97 10.98 10.10
C PRO C 721 31.03 9.51 10.47
N MET C 722 29.92 8.79 10.33
CA MET C 722 29.88 7.38 10.69
C MET C 722 29.81 6.48 9.46
N SER C 723 30.30 7.00 8.35
CA SER C 723 30.47 6.20 7.14
C SER C 723 31.59 5.19 7.37
N HIS C 724 31.36 3.94 6.99
CA HIS C 724 32.38 2.91 7.18
C HIS C 724 33.57 3.17 6.28
N ASN C 725 33.34 3.86 5.17
CA ASN C 725 34.43 4.26 4.28
C ASN C 725 35.32 5.30 4.95
N VAL C 726 34.69 6.28 5.61
CA VAL C 726 35.41 7.29 6.36
C VAL C 726 36.26 6.64 7.47
N LEU C 727 35.62 5.80 8.27
CA LEU C 727 36.30 5.09 9.36
C LEU C 727 37.47 4.27 8.83
N TYR C 728 37.24 3.62 7.70
CA TYR C 728 38.30 2.85 7.04
C TYR C 728 39.48 3.75 6.67
N MET C 729 39.19 4.90 6.07
CA MET C 729 40.25 5.84 5.69
C MET C 729 41.01 6.35 6.91
N ARG C 730 40.30 6.52 8.02
CA ARG C 730 40.95 6.89 9.27
C ARG C 730 41.92 5.80 9.69
N GLY C 731 41.49 4.55 9.50
CA GLY C 731 42.36 3.41 9.76
C GLY C 731 43.60 3.44 8.89
N GLN C 732 43.42 3.73 7.61
CA GLN C 732 44.52 3.81 6.66
C GLN C 732 45.52 4.88 7.07
N ILE C 733 45.01 6.03 7.49
CA ILE C 733 45.85 7.12 7.95
C ILE C 733 46.64 6.73 9.19
N ALA C 734 45.95 6.12 10.15
CA ALA C 734 46.60 5.66 11.38
C ALA C 734 47.72 4.67 11.06
N GLU C 735 47.47 3.80 10.08
CA GLU C 735 48.49 2.88 9.61
C GLU C 735 49.69 3.62 9.06
N LEU C 736 49.41 4.61 8.20
CA LEU C 736 50.44 5.39 7.56
C LEU C 736 51.26 6.17 8.59
N ARG C 737 50.65 6.46 9.73
CA ARG C 737 51.32 7.22 10.78
C ARG C 737 51.98 6.32 11.82
N GLY C 738 51.75 5.01 11.70
CA GLY C 738 52.40 4.05 12.56
C GLY C 738 51.58 3.59 13.75
N SER C 739 50.41 4.20 13.93
CA SER C 739 49.52 3.84 15.03
C SER C 739 48.68 2.61 14.67
N MET C 740 49.21 1.43 14.93
CA MET C 740 48.54 0.20 14.53
C MET C 740 47.33 -0.14 15.42
N ASP C 741 47.40 0.23 16.68
CA ASP C 741 46.28 0.00 17.61
C ASP C 741 45.11 0.93 17.28
N GLU C 742 45.43 2.18 17.00
CA GLU C 742 44.43 3.16 16.59
C GLU C 742 43.77 2.74 15.28
N ALA C 743 44.60 2.26 14.35
CA ALA C 743 44.11 1.77 13.08
C ALA C 743 43.16 0.59 13.29
N ARG C 744 43.61 -0.36 14.10
CA ARG C 744 42.81 -1.52 14.47
C ARG C 744 41.43 -1.09 14.98
N ARG C 745 41.42 -0.14 15.91
CA ARG C 745 40.17 0.35 16.46
C ARG C 745 39.27 1.00 15.41
N TRP C 746 39.88 1.81 14.52
CA TRP C 746 39.10 2.44 13.46
C TRP C 746 38.45 1.39 12.56
N TYR C 747 39.21 0.35 12.22
CA TYR C 747 38.69 -0.73 11.40
C TYR C 747 37.57 -1.47 12.12
N GLU C 748 37.69 -1.60 13.43
CA GLU C 748 36.66 -2.23 14.23
C GLU C 748 35.37 -1.39 14.19
N GLU C 749 35.54 -0.08 14.19
CA GLU C 749 34.40 0.83 14.05
C GLU C 749 33.74 0.70 12.68
N ALA C 750 34.56 0.67 11.65
CA ALA C 750 34.08 0.50 10.28
C ALA C 750 33.27 -0.79 10.15
N LEU C 751 33.82 -1.88 10.67
CA LEU C 751 33.15 -3.17 10.62
C LEU C 751 31.90 -3.19 11.48
N ALA C 752 31.89 -2.36 12.53
CA ALA C 752 30.69 -2.21 13.36
C ALA C 752 29.58 -1.57 12.53
N ILE C 753 29.93 -0.58 11.74
CA ILE C 753 28.95 0.06 10.85
C ILE C 753 28.59 -0.85 9.66
N SER C 754 29.60 -1.46 9.05
CA SER C 754 29.40 -2.32 7.90
C SER C 754 30.13 -3.66 8.07
N PRO C 755 29.41 -4.67 8.59
CA PRO C 755 29.97 -5.98 8.93
C PRO C 755 30.51 -6.76 7.74
N THR C 756 30.23 -6.30 6.53
CA THR C 756 30.66 -7.01 5.33
C THR C 756 31.65 -6.20 4.51
N HIS C 757 32.27 -5.20 5.12
CA HIS C 757 33.27 -4.39 4.43
C HIS C 757 34.60 -5.13 4.36
N VAL C 758 34.91 -5.68 3.19
CA VAL C 758 36.04 -6.58 3.04
C VAL C 758 37.40 -5.92 3.32
N LYS C 759 37.61 -4.71 2.82
CA LYS C 759 38.88 -4.02 3.02
C LYS C 759 39.26 -3.88 4.50
N SER C 760 38.28 -3.51 5.32
CA SER C 760 38.48 -3.39 6.76
C SER C 760 38.85 -4.75 7.34
N MET C 761 38.21 -5.79 6.85
CA MET C 761 38.49 -7.15 7.31
C MET C 761 39.94 -7.51 6.97
N GLN C 762 40.37 -7.09 5.77
CA GLN C 762 41.73 -7.34 5.31
C GLN C 762 42.76 -6.68 6.22
N ARG C 763 42.64 -5.37 6.37
CA ARG C 763 43.61 -4.61 7.16
C ARG C 763 43.63 -5.09 8.62
N LEU C 764 42.45 -5.26 9.19
CA LEU C 764 42.31 -5.75 10.56
C LEU C 764 43.00 -7.11 10.73
N ALA C 765 42.74 -8.01 9.79
CA ALA C 765 43.36 -9.34 9.81
C ALA C 765 44.87 -9.23 9.71
N LEU C 766 45.34 -8.27 8.94
CA LEU C 766 46.78 -8.08 8.74
C LEU C 766 47.43 -7.62 10.05
N ILE C 767 46.82 -6.65 10.72
CA ILE C 767 47.31 -6.19 12.01
C ILE C 767 47.33 -7.32 13.03
N LEU C 768 46.22 -8.07 13.12
CA LEU C 768 46.15 -9.21 14.02
C LEU C 768 47.22 -10.26 13.67
N HIS C 769 47.56 -10.34 12.40
CA HIS C 769 48.62 -11.22 11.93
C HIS C 769 49.98 -10.74 12.44
N GLN C 770 50.19 -9.42 12.36
CA GLN C 770 51.41 -8.81 12.89
C GLN C 770 51.57 -9.12 14.36
N LEU C 771 50.45 -9.07 15.08
CA LEU C 771 50.47 -9.31 16.52
C LEU C 771 50.60 -10.79 16.85
N GLY C 772 50.42 -11.65 15.84
CA GLY C 772 50.58 -13.07 16.02
C GLY C 772 49.30 -13.80 16.40
N ARG C 773 48.18 -13.10 16.32
CA ARG C 773 46.88 -13.71 16.58
C ARG C 773 46.33 -14.34 15.30
N TYR C 774 46.95 -15.44 14.89
CA TYR C 774 46.67 -16.07 13.61
C TYR C 774 45.25 -16.60 13.51
N SER C 775 44.69 -17.06 14.63
CA SER C 775 43.36 -17.66 14.64
C SER C 775 42.28 -16.63 14.32
N LEU C 776 42.31 -15.51 15.04
CA LEU C 776 41.33 -14.44 14.83
C LEU C 776 41.43 -13.90 13.42
N ALA C 777 42.67 -13.65 12.97
CA ALA C 777 42.93 -13.15 11.63
C ALA C 777 42.38 -14.10 10.57
N GLU C 778 42.63 -15.39 10.75
CA GLU C 778 42.16 -16.38 9.79
C GLU C 778 40.64 -16.42 9.77
N LYS C 779 40.02 -16.30 10.94
CA LYS C 779 38.56 -16.29 11.02
C LYS C 779 37.99 -15.12 10.21
N ILE C 780 38.54 -13.93 10.48
CA ILE C 780 38.15 -12.72 9.79
C ILE C 780 38.31 -12.88 8.27
N LEU C 781 39.42 -13.45 7.86
CA LEU C 781 39.67 -13.66 6.43
C LEU C 781 38.75 -14.70 5.81
N ARG C 782 38.32 -15.69 6.59
CA ARG C 782 37.37 -16.69 6.09
C ARG C 782 36.00 -16.03 5.85
N ASP C 783 35.59 -15.21 6.80
CA ASP C 783 34.37 -14.42 6.61
C ASP C 783 34.49 -13.55 5.35
N ALA C 784 35.66 -12.92 5.21
CA ALA C 784 35.93 -12.06 4.06
C ALA C 784 35.83 -12.83 2.74
N VAL C 785 36.33 -14.06 2.73
CA VAL C 785 36.24 -14.92 1.55
C VAL C 785 34.77 -15.18 1.25
N GLN C 786 34.00 -15.43 2.30
CA GLN C 786 32.57 -15.65 2.11
C GLN C 786 31.90 -14.42 1.49
N VAL C 787 32.37 -13.23 1.85
CA VAL C 787 31.81 -12.01 1.29
C VAL C 787 32.26 -11.75 -0.15
N ASN C 788 33.55 -11.98 -0.42
CA ASN C 788 34.09 -11.77 -1.76
C ASN C 788 35.22 -12.73 -2.09
N SER C 789 34.90 -13.83 -2.74
CA SER C 789 35.89 -14.85 -3.04
C SER C 789 36.83 -14.44 -4.19
N THR C 790 36.50 -13.35 -4.87
CA THR C 790 37.34 -12.87 -5.97
C THR C 790 38.39 -11.85 -5.49
N ALA C 791 38.38 -11.54 -4.20
CA ALA C 791 39.35 -10.61 -3.63
C ALA C 791 40.69 -11.29 -3.44
N HIS C 792 41.65 -10.98 -4.32
CA HIS C 792 42.94 -11.65 -4.27
C HIS C 792 43.73 -11.29 -3.01
N GLU C 793 43.53 -10.07 -2.54
CA GLU C 793 44.21 -9.59 -1.33
C GLU C 793 43.84 -10.43 -0.11
N VAL C 794 42.55 -10.77 -0.03
CA VAL C 794 42.06 -11.65 1.03
C VAL C 794 42.79 -12.99 0.99
N TRP C 795 42.94 -13.54 -0.21
CA TRP C 795 43.63 -14.81 -0.40
C TRP C 795 45.12 -14.72 -0.06
N ASN C 796 45.73 -13.57 -0.33
CA ASN C 796 47.13 -13.35 0.02
C ASN C 796 47.33 -13.31 1.52
N GLY C 797 46.49 -12.53 2.20
CA GLY C 797 46.55 -12.45 3.65
C GLY C 797 46.32 -13.80 4.28
N LEU C 798 45.36 -14.53 3.71
CA LEU C 798 45.03 -15.86 4.16
C LEU C 798 46.22 -16.79 4.01
N GLY C 799 46.89 -16.71 2.87
CA GLY C 799 48.06 -17.52 2.59
C GLY C 799 49.22 -17.22 3.51
N GLU C 800 49.39 -15.95 3.86
CA GLU C 800 50.44 -15.53 4.77
C GLU C 800 50.17 -16.03 6.19
N VAL C 801 48.93 -15.90 6.64
CA VAL C 801 48.55 -16.39 7.96
C VAL C 801 48.71 -17.91 8.06
N LEU C 802 48.25 -18.61 7.02
CA LEU C 802 48.36 -20.05 6.96
C LEU C 802 49.81 -20.50 6.92
N GLN C 803 50.65 -19.70 6.25
CA GLN C 803 52.08 -19.99 6.18
C GLN C 803 52.73 -19.78 7.55
N ALA C 804 52.26 -18.78 8.28
CA ALA C 804 52.74 -18.51 9.62
C ALA C 804 52.39 -19.67 10.56
N GLN C 805 51.18 -20.20 10.42
CA GLN C 805 50.73 -21.30 11.25
C GLN C 805 51.47 -22.61 10.95
N GLY C 806 52.00 -22.71 9.73
CA GLY C 806 52.74 -23.90 9.34
C GLY C 806 52.05 -24.75 8.29
N ASN C 807 50.92 -24.27 7.77
CA ASN C 807 50.16 -25.01 6.78
C ASN C 807 50.54 -24.58 5.37
N ASP C 808 51.65 -25.12 4.87
CA ASP C 808 52.24 -24.67 3.62
C ASP C 808 51.39 -25.00 2.40
N ALA C 809 50.75 -26.17 2.39
CA ALA C 809 49.93 -26.58 1.25
C ALA C 809 48.77 -25.61 1.04
N ALA C 810 48.01 -25.38 2.11
CA ALA C 810 46.92 -24.43 2.10
C ALA C 810 47.40 -23.03 1.68
N ALA C 811 48.59 -22.66 2.18
CA ALA C 811 49.15 -21.36 1.89
C ALA C 811 49.45 -21.18 0.40
N THR C 812 50.11 -22.16 -0.20
CA THR C 812 50.46 -22.10 -1.61
C THR C 812 49.19 -22.15 -2.47
N GLU C 813 48.19 -22.90 -2.01
CA GLU C 813 46.90 -22.92 -2.68
C GLU C 813 46.30 -21.51 -2.69
N CYS C 814 46.39 -20.84 -1.55
CA CYS C 814 45.87 -19.49 -1.40
C CYS C 814 46.60 -18.48 -2.29
N PHE C 815 47.92 -18.58 -2.33
CA PHE C 815 48.73 -17.70 -3.16
C PHE C 815 48.43 -17.93 -4.64
N LEU C 816 48.28 -19.19 -5.03
CA LEU C 816 47.95 -19.53 -6.41
C LEU C 816 46.61 -18.94 -6.81
N THR C 817 45.61 -19.14 -5.95
CA THR C 817 44.30 -18.53 -6.13
C THR C 817 44.41 -17.03 -6.29
N ALA C 818 45.19 -16.40 -5.40
CA ALA C 818 45.34 -14.95 -5.38
C ALA C 818 45.99 -14.44 -6.67
N LEU C 819 46.92 -15.21 -7.23
CA LEU C 819 47.54 -14.83 -8.49
C LEU C 819 46.55 -14.95 -9.66
N GLU C 820 45.83 -16.05 -9.69
CA GLU C 820 44.84 -16.26 -10.74
C GLU C 820 43.79 -15.16 -10.73
N LEU C 821 43.38 -14.73 -9.53
CA LEU C 821 42.39 -13.68 -9.39
C LEU C 821 42.98 -12.30 -9.73
N GLU C 822 44.22 -12.07 -9.32
CA GLU C 822 44.91 -10.83 -9.63
C GLU C 822 45.01 -10.63 -11.14
N ALA C 823 45.29 -11.71 -11.85
CA ALA C 823 45.43 -11.67 -13.31
C ALA C 823 44.17 -11.20 -14.02
N SER C 824 43.01 -11.35 -13.37
CA SER C 824 41.74 -10.97 -13.98
C SER C 824 41.02 -9.88 -13.18
N SER C 825 41.76 -9.15 -12.37
CA SER C 825 41.18 -8.09 -11.54
C SER C 825 41.07 -6.77 -12.31
N PRO C 826 39.85 -6.22 -12.39
CA PRO C 826 39.61 -4.93 -13.02
C PRO C 826 39.95 -3.77 -12.08
N ALA C 827 40.22 -2.60 -12.65
CA ALA C 827 40.56 -1.42 -11.84
C ALA C 827 39.45 -1.08 -10.86
N VAL C 828 38.21 -1.17 -11.34
CA VAL C 828 37.03 -0.98 -10.52
C VAL C 828 36.14 -2.20 -10.68
N PRO C 829 35.58 -2.70 -9.56
CA PRO C 829 34.66 -3.85 -9.57
C PRO C 829 33.57 -3.73 -10.64
N PHE C 830 33.33 -4.81 -11.37
CA PHE C 830 32.34 -4.84 -12.45
C PHE C 830 30.94 -4.48 -11.97
N THR C 831 30.66 -4.74 -10.69
CA THR C 831 29.34 -4.53 -10.14
C THR C 831 29.06 -3.07 -9.79
N ILE C 832 29.94 -2.17 -10.22
CA ILE C 832 29.71 -0.74 -10.04
C ILE C 832 28.62 -0.28 -11.00
N ILE C 833 28.49 -1.00 -12.11
CA ILE C 833 27.45 -0.74 -13.09
C ILE C 833 26.15 -1.35 -12.57
N PRO C 834 25.14 -0.50 -12.34
CA PRO C 834 23.89 -0.97 -11.74
C PRO C 834 23.16 -2.02 -12.58
N ARG C 835 22.72 -3.09 -11.94
CA ARG C 835 21.91 -4.11 -12.60
C ARG C 835 20.44 -3.73 -12.46
N VAL C 836 19.90 -3.08 -13.48
CA VAL C 836 18.59 -2.44 -13.41
C VAL C 836 17.77 -2.71 -14.69
N LEU C 837 16.48 -2.94 -14.53
CA LEU C 837 15.57 -3.05 -15.68
C LEU C 837 15.20 -1.68 -16.22
N GLY D 11 16.71 25.12 -56.46
CA GLY D 11 15.97 25.97 -57.37
C GLY D 11 15.22 27.06 -56.64
N VAL D 12 14.00 26.76 -56.20
CA VAL D 12 13.20 27.69 -55.42
C VAL D 12 13.91 28.03 -54.12
N VAL D 13 14.52 27.01 -53.52
CA VAL D 13 15.27 27.16 -52.28
C VAL D 13 16.39 28.17 -52.43
N GLU D 14 17.18 28.03 -53.50
CA GLU D 14 18.31 28.92 -53.74
C GLU D 14 17.86 30.36 -53.93
N GLU D 15 16.74 30.53 -54.64
CA GLU D 15 16.15 31.85 -54.84
C GLU D 15 15.73 32.45 -53.51
N TRP D 16 15.18 31.61 -52.63
CA TRP D 16 14.79 32.03 -51.29
C TRP D 16 16.01 32.48 -50.47
N LEU D 17 17.08 31.69 -50.56
CA LEU D 17 18.35 32.00 -49.91
C LEU D 17 18.86 33.37 -50.34
N SER D 18 18.96 33.56 -51.66
CA SER D 18 19.46 34.82 -52.22
C SER D 18 18.54 36.00 -51.86
N GLU D 19 17.24 35.73 -51.80
CA GLU D 19 16.27 36.76 -51.41
C GLU D 19 16.51 37.25 -49.99
N PHE D 20 16.71 36.32 -49.07
CA PHE D 20 16.98 36.72 -47.68
C PHE D 20 18.34 37.40 -47.55
N LYS D 21 19.30 36.99 -48.38
CA LYS D 21 20.63 37.59 -48.37
C LYS D 21 20.57 39.03 -48.89
N LEU D 28 11.39 44.05 -43.65
CA LEU D 28 11.43 42.88 -42.78
C LEU D 28 10.03 42.39 -42.33
N PRO D 29 9.12 43.31 -41.93
CA PRO D 29 7.75 42.86 -41.62
C PRO D 29 7.05 42.15 -42.79
N ASN D 30 7.14 42.74 -43.99
CA ASN D 30 6.54 42.16 -45.19
C ASN D 30 7.03 40.75 -45.50
N TYR D 31 8.31 40.50 -45.23
CA TYR D 31 8.89 39.17 -45.44
C TYR D 31 8.20 38.13 -44.57
N ALA D 32 7.92 38.50 -43.33
CA ALA D 32 7.27 37.62 -42.37
C ALA D 32 5.87 37.21 -42.83
N THR D 33 5.17 38.13 -43.48
CA THR D 33 3.83 37.86 -43.99
C THR D 33 3.82 37.75 -45.51
N LYS D 38 3.58 30.23 -49.63
CA LYS D 38 4.92 29.84 -50.04
C LYS D 38 5.12 28.33 -49.90
N SER D 39 4.15 27.58 -50.43
CA SER D 39 4.09 26.13 -50.23
C SER D 39 5.24 25.35 -50.85
N SER D 40 5.51 25.62 -52.13
CA SER D 40 6.57 24.90 -52.86
C SER D 40 7.90 25.01 -52.14
N LEU D 41 8.15 26.20 -51.58
CA LEU D 41 9.36 26.44 -50.80
C LEU D 41 9.43 25.52 -49.60
N VAL D 42 8.30 25.37 -48.91
CA VAL D 42 8.23 24.54 -47.71
C VAL D 42 8.46 23.06 -48.07
N SER D 43 7.82 22.61 -49.14
CA SER D 43 7.97 21.23 -49.60
C SER D 43 9.42 20.92 -49.96
N SER D 44 10.01 21.83 -50.75
CA SER D 44 11.39 21.68 -51.17
C SER D 44 12.33 21.69 -49.97
N LEU D 45 12.06 22.55 -48.99
CA LEU D 45 12.86 22.61 -47.77
C LEU D 45 12.78 21.30 -47.00
N TYR D 46 11.57 20.74 -46.92
CA TYR D 46 11.38 19.43 -46.32
C TYR D 46 12.28 18.43 -47.02
N LYS D 47 12.25 18.45 -48.35
CA LYS D 47 13.07 17.54 -49.15
C LYS D 47 14.57 17.73 -48.87
N VAL D 48 14.98 18.97 -48.63
CA VAL D 48 16.36 19.28 -48.29
C VAL D 48 16.73 18.68 -46.93
N ILE D 49 15.80 18.75 -46.00
CA ILE D 49 16.00 18.22 -44.66
C ILE D 49 16.09 16.69 -44.66
N GLN D 50 15.22 16.04 -45.43
CA GLN D 50 15.19 14.58 -45.50
C GLN D 50 16.53 14.01 -45.98
N GLU D 51 17.08 14.56 -47.07
CA GLU D 51 18.37 14.10 -47.53
C GLU D 51 19.47 14.73 -46.69
N PRO D 52 20.40 13.89 -46.19
CA PRO D 52 21.49 14.39 -45.34
C PRO D 52 22.66 14.93 -46.16
N GLN D 53 22.74 14.54 -47.41
CA GLN D 53 23.76 15.06 -48.31
C GLN D 53 23.13 15.93 -49.39
N SER D 54 23.12 17.23 -49.13
CA SER D 54 22.60 18.19 -50.10
C SER D 54 23.39 19.49 -49.99
N GLU D 55 23.66 20.10 -51.13
CA GLU D 55 24.36 21.38 -51.17
C GLU D 55 23.56 22.45 -50.44
N LEU D 56 22.26 22.22 -50.33
CA LEU D 56 21.34 23.18 -49.73
C LEU D 56 21.24 23.06 -48.22
N LEU D 57 21.64 21.91 -47.67
CA LEU D 57 21.41 21.62 -46.26
C LEU D 57 22.03 22.65 -45.31
N GLU D 58 23.32 22.95 -45.51
CA GLU D 58 24.00 23.91 -44.64
C GLU D 58 23.39 25.32 -44.69
N PRO D 59 23.21 25.90 -45.89
CA PRO D 59 22.62 27.25 -45.90
C PRO D 59 21.17 27.29 -45.43
N VAL D 60 20.40 26.23 -45.67
CA VAL D 60 19.04 26.15 -45.14
C VAL D 60 19.02 26.16 -43.62
N CYS D 61 19.85 25.33 -43.00
CA CYS D 61 19.91 25.27 -41.55
C CYS D 61 20.37 26.61 -40.98
N HIS D 62 21.37 27.20 -41.63
CA HIS D 62 21.90 28.49 -41.19
C HIS D 62 20.84 29.58 -41.28
N GLN D 63 20.06 29.57 -42.35
CA GLN D 63 19.01 30.56 -42.54
C GLN D 63 17.85 30.35 -41.56
N LEU D 64 17.57 29.09 -41.24
CA LEU D 64 16.53 28.78 -40.26
C LEU D 64 16.96 29.30 -38.88
N PHE D 65 18.21 29.06 -38.54
CA PHE D 65 18.75 29.59 -37.29
C PHE D 65 18.73 31.10 -37.27
N GLU D 66 19.02 31.72 -38.41
CA GLU D 66 18.99 33.17 -38.51
C GLU D 66 17.56 33.70 -38.36
N PHE D 67 16.59 32.94 -38.86
CA PHE D 67 15.19 33.24 -38.68
C PHE D 67 14.83 33.24 -37.19
N TYR D 68 15.26 32.19 -36.50
CA TYR D 68 14.97 32.06 -35.09
C TYR D 68 15.68 33.12 -34.25
N ARG D 69 16.84 33.56 -34.72
CA ARG D 69 17.64 34.57 -34.04
C ARG D 69 16.93 35.92 -34.03
N SER D 70 16.21 36.22 -35.12
CA SER D 70 15.48 37.47 -35.23
C SER D 70 14.31 37.53 -34.25
N GLY D 71 13.82 38.74 -34.00
CA GLY D 71 12.72 38.94 -33.07
C GLY D 71 11.36 38.47 -33.56
N GLU D 72 11.12 38.64 -34.85
CA GLU D 72 9.80 38.37 -35.42
C GLU D 72 9.36 36.92 -35.24
N GLU D 73 8.19 36.74 -34.63
CA GLU D 73 7.68 35.42 -34.25
C GLU D 73 7.34 34.57 -35.46
N GLN D 74 7.00 35.25 -36.56
CA GLN D 74 6.56 34.60 -37.79
C GLN D 74 7.67 33.68 -38.33
N LEU D 75 8.91 34.13 -38.19
CA LEU D 75 10.06 33.35 -38.61
C LEU D 75 10.34 32.17 -37.69
N LEU D 76 10.20 32.38 -36.37
CA LEU D 76 10.37 31.29 -35.42
C LEU D 76 9.36 30.19 -35.72
N GLN D 77 8.13 30.59 -36.00
CA GLN D 77 7.10 29.63 -36.36
C GLN D 77 7.43 28.95 -37.70
N PHE D 78 8.01 29.71 -38.63
CA PHE D 78 8.41 29.15 -39.93
C PHE D 78 9.47 28.06 -39.78
N THR D 79 10.43 28.27 -38.88
CA THR D 79 11.46 27.26 -38.62
C THR D 79 10.93 26.09 -37.79
N LEU D 80 10.07 26.40 -36.83
CA LEU D 80 9.56 25.44 -35.87
C LEU D 80 8.75 24.31 -36.49
N GLN D 81 8.16 24.56 -37.66
CA GLN D 81 7.40 23.53 -38.35
C GLN D 81 8.31 22.42 -38.86
N PHE D 82 9.56 22.76 -39.15
CA PHE D 82 10.52 21.79 -39.65
C PHE D 82 11.21 21.03 -38.53
N LEU D 83 11.01 21.51 -37.31
CA LEU D 83 11.65 20.93 -36.12
C LEU D 83 11.53 19.40 -36.00
N PRO D 84 10.31 18.83 -36.14
CA PRO D 84 10.27 17.38 -35.98
C PRO D 84 11.09 16.64 -37.04
N GLU D 85 11.02 17.09 -38.29
CA GLU D 85 11.76 16.44 -39.36
C GLU D 85 13.26 16.57 -39.12
N LEU D 86 13.66 17.70 -38.58
CA LEU D 86 15.06 17.94 -38.21
C LEU D 86 15.52 16.97 -37.14
N ILE D 87 14.69 16.80 -36.11
CA ILE D 87 14.98 15.88 -35.02
C ILE D 87 15.11 14.46 -35.54
N TRP D 88 14.17 14.05 -36.39
CA TRP D 88 14.19 12.72 -36.97
C TRP D 88 15.42 12.49 -37.82
N CYS D 89 15.81 13.49 -38.60
CA CYS D 89 17.00 13.36 -39.44
C CYS D 89 18.23 13.21 -38.56
N TYR D 90 18.31 14.02 -37.51
CA TYR D 90 19.41 13.95 -36.56
C TYR D 90 19.53 12.58 -35.90
N LEU D 91 18.41 12.07 -35.40
CA LEU D 91 18.39 10.77 -34.72
C LEU D 91 18.68 9.62 -35.68
N ALA D 92 18.18 9.72 -36.90
CA ALA D 92 18.41 8.71 -37.93
C ALA D 92 19.88 8.66 -38.33
N VAL D 93 20.47 9.83 -38.54
CA VAL D 93 21.89 9.90 -38.88
C VAL D 93 22.77 9.43 -37.72
N SER D 94 22.38 9.77 -36.49
CA SER D 94 23.16 9.38 -35.32
C SER D 94 23.22 7.87 -35.17
N ALA D 95 22.11 7.20 -35.42
CA ALA D 95 22.06 5.74 -35.42
C ALA D 95 22.71 5.14 -36.66
N SER D 96 23.97 5.48 -36.92
CA SER D 96 24.68 4.94 -38.08
C SER D 96 25.92 4.14 -37.67
N VAL D 99 26.78 6.15 -42.08
CA VAL D 99 26.36 7.46 -42.56
C VAL D 99 26.93 8.57 -41.68
N HIS D 100 27.93 9.26 -42.21
CA HIS D 100 28.57 10.36 -41.48
C HIS D 100 27.64 11.56 -41.40
N SER D 101 27.75 12.32 -40.31
CA SER D 101 26.87 13.45 -40.07
C SER D 101 27.42 14.74 -40.66
N SER D 102 26.53 15.59 -41.14
CA SER D 102 26.91 16.88 -41.68
C SER D 102 27.30 17.85 -40.57
N GLY D 103 26.62 17.74 -39.43
CA GLY D 103 26.89 18.58 -38.29
C GLY D 103 26.12 19.90 -38.32
N CYS D 104 25.27 20.06 -39.34
CA CYS D 104 24.52 21.29 -39.53
C CYS D 104 23.22 21.26 -38.75
N ILE D 105 22.47 20.17 -38.90
CA ILE D 105 21.19 20.02 -38.21
C ILE D 105 21.34 20.08 -36.70
N GLU D 106 22.34 19.38 -36.18
CA GLU D 106 22.62 19.39 -34.75
C GLU D 106 23.00 20.79 -34.27
N ALA D 107 23.76 21.51 -35.09
CA ALA D 107 24.14 22.88 -34.76
C ALA D 107 22.90 23.77 -34.69
N LEU D 108 21.97 23.57 -35.62
CA LEU D 108 20.72 24.32 -35.64
C LEU D 108 19.88 24.03 -34.40
N LEU D 109 19.69 22.74 -34.12
CA LEU D 109 18.92 22.30 -32.97
C LEU D 109 19.49 22.87 -31.68
N LEU D 110 20.82 22.83 -31.56
CA LEU D 110 21.51 23.32 -30.39
C LEU D 110 21.37 24.84 -30.26
N GLY D 111 21.49 25.54 -31.38
CA GLY D 111 21.35 26.99 -31.39
C GLY D 111 19.97 27.43 -30.93
N VAL D 112 18.95 26.80 -31.49
CA VAL D 112 17.57 27.09 -31.10
C VAL D 112 17.36 26.74 -29.63
N TYR D 113 17.99 25.65 -29.20
CA TYR D 113 17.92 25.22 -27.81
C TYR D 113 18.44 26.31 -26.88
N ASN D 114 19.65 26.79 -27.13
CA ASN D 114 20.24 27.83 -26.30
C ASN D 114 19.41 29.11 -26.33
N LEU D 115 18.94 29.46 -27.54
CA LEU D 115 18.10 30.64 -27.70
C LEU D 115 16.85 30.56 -26.83
N GLU D 116 16.24 29.39 -26.77
CA GLU D 116 15.02 29.21 -26.01
C GLU D 116 15.26 29.13 -24.50
N ILE D 117 16.29 28.40 -24.09
CA ILE D 117 16.57 28.25 -22.67
C ILE D 117 17.00 29.57 -22.04
N VAL D 118 17.65 30.43 -22.83
CA VAL D 118 18.19 31.67 -22.28
C VAL D 118 17.15 32.79 -22.20
N ASP D 119 16.32 32.91 -23.23
CA ASP D 119 15.49 34.11 -23.39
C ASP D 119 14.23 34.13 -22.53
N LYS D 120 14.28 34.89 -21.44
CA LYS D 120 13.10 35.36 -20.73
C LYS D 120 13.01 36.85 -20.99
N GLN D 121 13.78 37.61 -20.20
CA GLN D 121 14.01 39.02 -20.43
C GLN D 121 15.49 39.28 -20.17
N GLY D 122 16.30 38.25 -20.39
CA GLY D 122 17.70 38.27 -20.06
C GLY D 122 17.98 37.27 -18.95
N HIS D 123 16.91 36.81 -18.31
CA HIS D 123 17.01 35.87 -17.20
C HIS D 123 16.89 34.42 -17.67
N THR D 124 17.53 33.50 -16.96
CA THR D 124 17.44 32.08 -17.27
C THR D 124 16.00 31.61 -17.12
N LYS D 125 15.53 30.81 -18.09
CA LYS D 125 14.13 30.40 -18.15
C LYS D 125 13.76 29.26 -17.22
N VAL D 126 12.72 29.47 -16.42
CA VAL D 126 12.13 28.43 -15.59
C VAL D 126 10.61 28.45 -15.79
N LEU D 127 10.06 27.31 -16.17
CA LEU D 127 8.64 27.21 -16.48
C LEU D 127 7.83 26.67 -15.31
N SER D 128 7.02 27.54 -14.72
CA SER D 128 6.21 27.16 -13.58
C SER D 128 4.75 27.56 -13.78
N PHE D 129 3.84 26.73 -13.26
CA PHE D 129 2.42 27.06 -13.27
C PHE D 129 1.80 26.82 -11.91
N THR D 130 0.82 27.64 -11.55
CA THR D 130 0.13 27.53 -10.27
C THR D 130 -0.86 26.38 -10.28
N ILE D 131 -1.01 25.71 -9.14
CA ILE D 131 -2.00 24.65 -8.99
C ILE D 131 -3.19 25.20 -8.23
N PRO D 132 -4.38 25.17 -8.84
CA PRO D 132 -5.58 25.80 -8.28
C PRO D 132 -6.07 25.14 -6.99
N SER D 133 -6.69 25.94 -6.14
CA SER D 133 -7.32 25.42 -4.94
C SER D 133 -8.79 25.81 -4.92
N LEU D 134 -9.66 24.84 -4.67
CA LEU D 134 -11.08 25.11 -4.59
C LEU D 134 -11.40 25.88 -3.32
N SER D 135 -10.46 25.87 -2.38
CA SER D 135 -10.65 26.55 -1.10
C SER D 135 -10.51 28.05 -1.27
N LYS D 136 -9.98 28.47 -2.41
CA LYS D 136 -9.84 29.89 -2.74
C LYS D 136 -10.76 30.24 -3.90
N PRO D 137 -11.58 31.28 -3.72
CA PRO D 137 -12.49 31.84 -4.74
C PRO D 137 -11.82 31.98 -6.10
N SER D 138 -12.52 31.58 -7.16
CA SER D 138 -11.95 31.66 -8.50
C SER D 138 -12.87 32.43 -9.42
N VAL D 139 -12.37 32.69 -10.62
CA VAL D 139 -13.12 33.39 -11.64
C VAL D 139 -14.35 32.58 -12.07
N TYR D 140 -14.36 31.29 -11.72
CA TYR D 140 -15.44 30.38 -12.10
C TYR D 140 -16.27 29.84 -10.94
N HIS D 141 -15.82 30.02 -9.70
CA HIS D 141 -16.53 29.41 -8.58
C HIS D 141 -16.35 30.10 -7.23
N GLU D 142 -17.17 29.66 -6.28
CA GLU D 142 -17.07 30.09 -4.90
C GLU D 142 -16.91 28.85 -4.03
N PRO D 143 -15.94 28.87 -3.10
CA PRO D 143 -15.68 27.71 -2.26
C PRO D 143 -16.83 27.38 -1.31
N SER D 144 -17.66 28.37 -1.00
CA SER D 144 -18.80 28.16 -0.12
C SER D 144 -19.83 27.21 -0.73
N SER D 145 -19.88 27.18 -2.07
CA SER D 145 -20.80 26.30 -2.79
C SER D 145 -20.40 24.84 -2.62
N ILE D 146 -19.12 24.54 -2.78
CA ILE D 146 -18.62 23.19 -2.52
C ILE D 146 -18.63 22.95 -1.02
N GLY D 147 -19.26 21.86 -0.60
CA GLY D 147 -19.40 21.54 0.82
C GLY D 147 -18.08 21.36 1.54
N SER D 148 -18.12 21.43 2.87
CA SER D 148 -16.93 21.29 3.69
C SER D 148 -16.23 19.97 3.44
N MET D 149 -17.01 18.89 3.43
CA MET D 149 -16.47 17.54 3.27
C MET D 149 -15.83 17.34 1.89
N ALA D 150 -16.44 17.95 0.87
CA ALA D 150 -15.92 17.81 -0.49
C ALA D 150 -14.63 18.60 -0.67
N LEU D 151 -14.47 19.66 0.12
CA LEU D 151 -13.24 20.45 0.11
C LEU D 151 -12.15 19.78 0.95
N THR D 152 -12.51 19.42 2.18
CA THR D 152 -11.56 18.80 3.11
C THR D 152 -11.29 17.35 2.72
N GLN D 158 -4.32 19.42 0.42
CA GLN D 158 -3.88 19.04 -0.92
C GLN D 158 -2.55 19.71 -1.26
N HIS D 159 -2.50 20.38 -2.41
CA HIS D 159 -1.30 21.09 -2.84
C HIS D 159 -1.67 22.45 -3.42
N GLY D 160 -2.82 22.97 -3.00
CA GLY D 160 -3.38 24.18 -3.55
C GLY D 160 -2.46 25.39 -3.56
N LEU D 161 -2.62 26.24 -4.58
CA LEU D 161 -1.88 27.50 -4.73
C LEU D 161 -0.39 27.33 -4.99
N SER D 162 0.15 26.15 -4.71
CA SER D 162 1.58 25.91 -4.84
C SER D 162 2.05 25.98 -6.30
N LYS D 163 3.09 26.77 -6.55
CA LYS D 163 3.68 26.86 -7.87
C LYS D 163 4.68 25.72 -8.09
N VAL D 164 4.57 25.06 -9.23
CA VAL D 164 5.43 23.92 -9.54
C VAL D 164 6.18 24.12 -10.85
N VAL D 165 7.42 23.66 -10.89
CA VAL D 165 8.26 23.80 -12.08
C VAL D 165 8.23 22.53 -12.92
N TYR D 166 7.88 22.65 -14.18
CA TYR D 166 7.81 21.49 -15.06
C TYR D 166 8.94 21.46 -16.10
N SER D 167 9.62 22.58 -16.29
CA SER D 167 10.77 22.63 -17.19
C SER D 167 11.71 23.79 -16.88
N GLY D 168 12.85 23.48 -16.27
CA GLY D 168 13.85 24.51 -16.00
C GLY D 168 14.57 24.31 -14.69
N PRO D 169 15.75 24.94 -14.54
CA PRO D 169 16.40 25.74 -15.58
C PRO D 169 17.43 24.94 -16.38
N HIS D 170 17.43 25.13 -17.69
CA HIS D 170 18.37 24.40 -18.54
C HIS D 170 19.67 25.17 -18.74
N PRO D 171 20.80 24.45 -18.66
CA PRO D 171 22.10 25.10 -18.84
C PRO D 171 22.45 25.21 -20.31
N GLN D 172 23.38 26.10 -20.64
CA GLN D 172 23.82 26.30 -22.01
C GLN D 172 24.81 25.20 -22.39
N ARG D 173 24.58 24.59 -23.56
CA ARG D 173 25.44 23.49 -24.01
C ARG D 173 26.09 23.85 -25.34
N GLU D 174 27.42 23.79 -25.37
CA GLU D 174 28.19 24.11 -26.57
C GLU D 174 28.13 22.97 -27.58
N MET D 175 27.98 21.76 -27.08
CA MET D 175 28.00 20.56 -27.90
C MET D 175 26.89 19.60 -27.50
N LEU D 176 26.46 18.76 -28.44
CA LEU D 176 25.49 17.71 -28.12
C LEU D 176 26.21 16.44 -27.70
N THR D 177 25.87 15.94 -26.52
CA THR D 177 26.45 14.72 -26.01
C THR D 177 25.35 13.70 -25.77
N ALA D 178 25.76 12.47 -25.46
CA ALA D 178 24.80 11.38 -25.32
C ALA D 178 23.81 11.61 -24.17
N GLN D 179 24.27 12.15 -23.05
CA GLN D 179 23.38 12.38 -21.92
C GLN D 179 22.44 13.57 -22.10
N ASN D 180 23.00 14.72 -22.48
CA ASN D 180 22.22 15.97 -22.54
C ASN D 180 21.26 16.04 -23.74
N ARG D 181 21.63 15.37 -24.84
CA ARG D 181 20.91 15.51 -26.10
C ARG D 181 19.40 15.28 -25.99
N PHE D 182 18.96 14.42 -25.09
CA PHE D 182 17.52 14.21 -24.98
C PHE D 182 16.85 15.21 -24.05
N GLU D 183 17.61 15.79 -23.12
CA GLU D 183 17.12 16.94 -22.39
C GLU D 183 16.85 18.06 -23.40
N VAL D 184 17.83 18.25 -24.28
CA VAL D 184 17.75 19.27 -25.33
C VAL D 184 16.56 19.01 -26.25
N LEU D 185 16.46 17.78 -26.74
CA LEU D 185 15.41 17.42 -27.69
C LEU D 185 14.03 17.50 -27.05
N THR D 186 13.92 17.05 -25.81
CA THR D 186 12.67 17.15 -25.07
C THR D 186 12.25 18.61 -24.92
N PHE D 187 13.19 19.48 -24.56
CA PHE D 187 12.87 20.90 -24.43
C PHE D 187 12.45 21.52 -25.76
N LEU D 188 13.15 21.17 -26.83
CA LEU D 188 12.81 21.65 -28.16
C LEU D 188 11.40 21.21 -28.56
N LEU D 189 11.08 19.96 -28.28
CA LEU D 189 9.76 19.42 -28.57
C LEU D 189 8.70 20.12 -27.73
N LEU D 190 9.06 20.51 -26.51
CA LEU D 190 8.16 21.28 -25.65
C LEU D 190 7.89 22.64 -26.30
N CYS D 191 8.94 23.24 -26.85
CA CYS D 191 8.82 24.49 -27.57
C CYS D 191 7.89 24.33 -28.77
N TYR D 192 7.97 23.16 -29.40
CA TYR D 192 7.08 22.85 -30.52
C TYR D 192 5.63 22.75 -30.06
N ASN D 193 5.42 22.08 -28.93
CA ASN D 193 4.08 21.90 -28.37
C ASN D 193 3.47 23.23 -27.95
N ALA D 194 4.32 24.17 -27.56
CA ALA D 194 3.88 25.49 -27.13
C ALA D 194 3.18 26.26 -28.25
N ALA D 195 3.61 26.03 -29.49
CA ALA D 195 3.02 26.73 -30.64
C ALA D 195 2.25 25.78 -31.56
N LEU D 196 1.57 24.79 -30.99
CA LEU D 196 0.93 23.73 -31.76
C LEU D 196 -0.16 24.22 -32.70
N THR D 197 -0.89 25.25 -32.30
CA THR D 197 -1.98 25.76 -33.10
C THR D 197 -1.46 26.37 -34.40
N TYR D 198 -0.33 27.06 -34.31
CA TYR D 198 0.24 27.75 -35.46
C TYR D 198 0.99 26.82 -36.42
N MET D 199 1.05 25.53 -36.07
CA MET D 199 1.70 24.54 -36.92
C MET D 199 0.74 23.99 -37.96
N PRO D 200 1.16 23.99 -39.25
CA PRO D 200 0.36 23.49 -40.37
C PRO D 200 0.13 21.99 -40.29
N SER D 201 -0.88 21.50 -41.02
CA SER D 201 -1.24 20.09 -40.99
C SER D 201 -0.11 19.18 -41.43
N VAL D 202 0.71 19.67 -42.36
CA VAL D 202 1.85 18.90 -42.86
C VAL D 202 2.86 18.65 -41.74
N SER D 203 3.07 19.68 -40.93
CA SER D 203 3.99 19.58 -39.80
C SER D 203 3.48 18.61 -38.74
N LEU D 204 2.18 18.64 -38.49
CA LEU D 204 1.55 17.71 -37.56
C LEU D 204 1.66 16.27 -38.06
N GLN D 205 1.46 16.10 -39.36
CA GLN D 205 1.59 14.80 -40.00
C GLN D 205 3.00 14.28 -39.83
N SER D 206 3.97 15.14 -40.11
CA SER D 206 5.38 14.79 -39.94
C SER D 206 5.64 14.42 -38.49
N LEU D 207 5.04 15.15 -37.55
CA LEU D 207 5.20 14.86 -36.14
C LEU D 207 4.71 13.45 -35.79
N CYS D 208 3.51 13.11 -36.24
CA CYS D 208 2.94 11.79 -35.97
C CYS D 208 3.81 10.68 -36.56
N GLN D 209 4.12 10.82 -37.85
CA GLN D 209 4.93 9.84 -38.57
C GLN D 209 6.28 9.63 -37.91
N ILE D 210 6.88 10.73 -37.49
CA ILE D 210 8.21 10.70 -36.87
C ILE D 210 8.20 10.10 -35.47
N CYS D 211 7.22 10.47 -34.66
CA CYS D 211 7.08 9.86 -33.35
C CYS D 211 6.95 8.34 -33.50
N SER D 212 6.12 7.93 -34.46
CA SER D 212 5.96 6.51 -34.76
C SER D 212 7.29 5.86 -35.15
N ARG D 213 7.97 6.44 -36.13
CA ARG D 213 9.23 5.91 -36.65
C ARG D 213 10.31 5.80 -35.57
N ILE D 214 10.39 6.81 -34.71
CA ILE D 214 11.34 6.83 -33.61
C ILE D 214 11.00 5.73 -32.61
N CYS D 215 9.73 5.61 -32.28
CA CYS D 215 9.28 4.65 -31.29
C CYS D 215 9.49 3.20 -31.71
N VAL D 216 9.29 2.89 -32.99
CA VAL D 216 9.36 1.48 -33.41
C VAL D 216 10.59 1.13 -34.24
N CYS D 217 11.53 2.06 -34.34
CA CYS D 217 12.64 1.95 -35.30
C CYS D 217 13.37 0.62 -35.31
N GLY D 218 14.03 0.28 -34.20
CA GLY D 218 14.86 -0.91 -34.18
C GLY D 218 14.11 -2.16 -33.75
N TYR D 219 12.81 -2.01 -33.57
CA TYR D 219 11.98 -3.09 -33.04
C TYR D 219 11.19 -3.76 -34.17
N PRO D 220 10.76 -5.02 -33.96
CA PRO D 220 10.06 -5.79 -34.99
C PRO D 220 8.86 -5.08 -35.62
N ARG D 221 8.14 -4.27 -34.85
CA ARG D 221 6.93 -3.62 -35.36
C ARG D 221 7.24 -2.70 -36.55
N GLN D 222 8.48 -2.23 -36.63
CA GLN D 222 8.90 -1.43 -37.77
C GLN D 222 8.63 -2.19 -39.08
N HIS D 223 9.01 -3.46 -39.10
CA HIS D 223 8.80 -4.29 -40.28
C HIS D 223 7.31 -4.40 -40.57
N VAL D 224 6.50 -4.40 -39.51
CA VAL D 224 5.04 -4.39 -39.67
C VAL D 224 4.59 -3.03 -40.21
N ARG D 225 5.16 -1.96 -39.65
CA ARG D 225 4.83 -0.62 -40.11
C ARG D 225 5.48 -0.36 -41.46
N LYS D 226 6.46 -1.20 -41.80
CA LYS D 226 7.11 -1.20 -43.11
C LYS D 226 7.91 0.08 -43.37
N TYR D 227 8.28 0.76 -42.29
CA TYR D 227 9.20 1.90 -42.39
C TYR D 227 10.56 1.43 -42.89
N LYS D 228 11.14 2.17 -43.82
CA LYS D 228 12.40 1.75 -44.42
C LYS D 228 13.54 2.74 -44.21
N GLY D 229 14.73 2.21 -44.00
CA GLY D 229 15.92 3.00 -43.74
C GLY D 229 16.85 2.30 -42.77
N ILE D 230 17.23 3.00 -41.72
CA ILE D 230 18.08 2.41 -40.69
C ILE D 230 17.22 1.74 -39.62
N SER D 231 17.54 0.49 -39.31
CA SER D 231 16.78 -0.27 -38.32
C SER D 231 17.59 -0.49 -37.04
N SER D 232 17.96 0.59 -36.38
CA SER D 232 18.68 0.52 -35.12
C SER D 232 17.84 1.13 -34.01
N ARG D 233 17.73 0.43 -32.88
CA ARG D 233 16.93 0.92 -31.76
C ARG D 233 17.49 2.22 -31.22
N ILE D 234 16.70 3.28 -31.34
CA ILE D 234 17.10 4.60 -30.85
C ILE D 234 16.76 4.75 -29.38
N PRO D 235 17.78 4.90 -28.54
CA PRO D 235 17.51 5.10 -27.10
C PRO D 235 16.75 6.40 -26.92
N VAL D 236 15.63 6.36 -26.20
CA VAL D 236 14.77 7.51 -26.07
C VAL D 236 14.40 7.72 -24.61
N SER D 237 14.48 8.97 -24.15
CA SER D 237 14.08 9.28 -22.78
C SER D 237 12.57 9.26 -22.63
N SER D 238 12.12 9.10 -21.40
CA SER D 238 10.71 8.98 -21.08
C SER D 238 9.97 10.32 -21.28
N GLY D 239 10.58 11.40 -20.81
CA GLY D 239 10.01 12.72 -20.95
C GLY D 239 9.83 13.09 -22.41
N PHE D 240 10.71 12.58 -23.26
CA PHE D 240 10.61 12.82 -24.69
C PHE D 240 9.33 12.22 -25.25
N MET D 241 9.03 10.99 -24.83
CA MET D 241 7.80 10.32 -25.27
C MET D 241 6.57 11.02 -24.72
N VAL D 242 6.67 11.57 -23.51
CA VAL D 242 5.57 12.36 -22.97
C VAL D 242 5.28 13.58 -23.84
N GLN D 243 6.35 14.32 -24.16
CA GLN D 243 6.24 15.48 -25.03
C GLN D 243 5.70 15.10 -26.40
N MET D 244 6.03 13.89 -26.84
CA MET D 244 5.45 13.34 -28.05
C MET D 244 3.95 13.28 -27.88
N LEU D 245 3.52 12.69 -26.78
CA LEU D 245 2.10 12.46 -26.50
C LEU D 245 1.30 13.75 -26.45
N THR D 246 1.93 14.85 -26.06
CA THR D 246 1.25 16.14 -26.13
C THR D 246 0.82 16.47 -27.57
N GLY D 247 1.80 16.47 -28.47
CA GLY D 247 1.56 16.77 -29.87
C GLY D 247 0.64 15.77 -30.54
N ILE D 248 0.74 14.51 -30.14
CA ILE D 248 -0.14 13.48 -30.69
C ILE D 248 -1.57 13.70 -30.25
N TYR D 249 -1.73 14.07 -28.98
CA TYR D 249 -3.05 14.38 -28.43
C TYR D 249 -3.67 15.54 -29.18
N PHE D 250 -2.85 16.57 -29.45
CA PHE D 250 -3.33 17.70 -30.24
C PHE D 250 -3.72 17.26 -31.65
N ALA D 251 -2.91 16.40 -32.26
CA ALA D 251 -3.16 15.95 -33.62
C ALA D 251 -4.45 15.14 -33.74
N PHE D 252 -4.80 14.43 -32.66
CA PHE D 252 -6.00 13.61 -32.63
C PHE D 252 -7.26 14.43 -32.91
N TYR D 253 -7.33 15.62 -32.32
CA TYR D 253 -8.53 16.45 -32.42
C TYR D 253 -8.33 17.61 -33.40
N ASN D 254 -7.28 17.53 -34.21
CA ASN D 254 -7.05 18.55 -35.22
C ASN D 254 -6.86 18.01 -36.64
N GLY D 255 -7.60 16.94 -36.96
CA GLY D 255 -7.70 16.47 -38.33
C GLY D 255 -6.78 15.35 -38.75
N GLU D 256 -5.82 15.02 -37.90
CA GLU D 256 -4.88 13.93 -38.20
C GLU D 256 -5.17 12.71 -37.34
N TRP D 257 -6.41 12.23 -37.38
CA TRP D 257 -6.85 11.15 -36.51
C TRP D 257 -6.09 9.84 -36.72
N ASP D 258 -5.90 9.45 -37.97
CA ASP D 258 -5.31 8.16 -38.29
C ASP D 258 -3.83 8.10 -37.92
N LEU D 259 -3.08 9.13 -38.34
CA LEU D 259 -1.66 9.21 -38.06
C LEU D 259 -1.41 9.33 -36.56
N ALA D 260 -2.28 10.07 -35.88
CA ALA D 260 -2.21 10.20 -34.43
C ALA D 260 -2.51 8.86 -33.76
N GLN D 261 -3.39 8.09 -34.38
CA GLN D 261 -3.71 6.77 -33.86
C GLN D 261 -2.50 5.85 -33.94
N LYS D 262 -1.86 5.82 -35.11
CA LYS D 262 -0.66 5.02 -35.32
C LYS D 262 0.45 5.43 -34.34
N ALA D 263 0.66 6.74 -34.23
CA ALA D 263 1.68 7.29 -33.34
C ALA D 263 1.42 6.92 -31.89
N LEU D 264 0.17 7.03 -31.46
CA LEU D 264 -0.22 6.69 -30.09
C LEU D 264 0.05 5.21 -29.80
N ASP D 265 -0.39 4.36 -30.73
CA ASP D 265 -0.20 2.92 -30.58
C ASP D 265 1.28 2.57 -30.46
N ASP D 266 2.10 3.20 -31.31
CA ASP D 266 3.53 2.93 -31.29
C ASP D 266 4.21 3.45 -30.04
N ILE D 267 3.77 4.61 -29.56
CA ILE D 267 4.29 5.17 -28.31
C ILE D 267 3.98 4.24 -27.15
N ILE D 268 2.77 3.71 -27.13
CA ILE D 268 2.40 2.72 -26.11
C ILE D 268 3.26 1.47 -26.21
N TYR D 269 3.49 1.02 -27.44
CA TYR D 269 4.31 -0.15 -27.72
C TYR D 269 5.72 -0.01 -27.14
N ARG D 270 6.37 1.10 -27.49
CA ARG D 270 7.72 1.38 -27.01
C ARG D 270 7.76 1.61 -25.51
N ALA D 271 6.76 2.29 -24.97
CA ALA D 271 6.70 2.56 -23.54
C ALA D 271 6.52 1.28 -22.74
N GLN D 272 5.90 0.29 -23.37
CA GLN D 272 5.76 -1.02 -22.74
C GLN D 272 7.08 -1.77 -22.79
N LEU D 273 7.76 -1.72 -23.94
CA LEU D 273 9.06 -2.36 -24.03
C LEU D 273 10.12 -1.68 -23.15
N GLU D 274 10.10 -0.36 -23.09
CA GLU D 274 11.09 0.38 -22.31
C GLU D 274 10.76 0.41 -20.83
N LEU D 275 9.55 -0.02 -20.49
CA LEU D 275 9.04 0.02 -19.11
C LEU D 275 9.03 1.45 -18.57
N TYR D 276 8.48 2.37 -19.35
CA TYR D 276 8.36 3.75 -18.90
C TYR D 276 6.95 4.00 -18.38
N PRO D 277 6.82 4.30 -17.08
CA PRO D 277 5.51 4.48 -16.45
C PRO D 277 4.74 5.67 -17.01
N GLU D 278 5.40 6.82 -17.11
CA GLU D 278 4.71 8.06 -17.44
C GLU D 278 4.14 8.14 -18.88
N PRO D 279 4.92 7.76 -19.92
CA PRO D 279 4.30 7.81 -21.25
C PRO D 279 3.16 6.82 -21.37
N LEU D 280 3.34 5.64 -20.79
CA LEU D 280 2.31 4.60 -20.80
C LEU D 280 1.04 5.09 -20.11
N LEU D 281 1.21 5.77 -18.98
CA LEU D 281 0.11 6.35 -18.23
C LEU D 281 -0.64 7.42 -19.02
N VAL D 282 0.09 8.40 -19.53
CA VAL D 282 -0.52 9.49 -20.31
C VAL D 282 -1.23 8.95 -21.54
N ALA D 283 -0.58 8.04 -22.24
CA ALA D 283 -1.16 7.44 -23.44
C ALA D 283 -2.41 6.64 -23.12
N ASN D 284 -2.40 5.97 -21.99
CA ASN D 284 -3.57 5.23 -21.55
C ASN D 284 -4.72 6.19 -21.32
N ALA D 285 -4.40 7.34 -20.72
CA ALA D 285 -5.41 8.36 -20.48
C ALA D 285 -6.00 8.88 -21.79
N ILE D 286 -5.13 9.13 -22.75
CA ILE D 286 -5.53 9.61 -24.05
C ILE D 286 -6.43 8.59 -24.75
N LYS D 287 -6.03 7.32 -24.67
CA LYS D 287 -6.77 6.23 -25.32
C LYS D 287 -8.16 6.05 -24.72
N ALA D 288 -8.24 6.14 -23.39
CA ALA D 288 -9.52 6.04 -22.69
C ALA D 288 -10.43 7.22 -22.99
N SER D 289 -9.84 8.41 -23.13
CA SER D 289 -10.62 9.62 -23.36
C SER D 289 -11.12 9.75 -24.80
N LEU D 290 -10.54 8.97 -25.71
CA LEU D 290 -10.88 9.07 -27.12
C LEU D 290 -12.32 8.62 -27.40
N PRO D 291 -13.03 9.40 -28.24
CA PRO D 291 -14.40 9.06 -28.67
C PRO D 291 -14.43 8.06 -29.82
#